data_5ZYA
#
_entry.id   5ZYA
#
_cell.length_a   1.0
_cell.length_b   1.0
_cell.length_c   1.0
_cell.angle_alpha   90.00
_cell.angle_beta   90.00
_cell.angle_gamma   90.00
#
_symmetry.space_group_name_H-M   'P 1'
#
loop_
_entity.id
_entity.type
_entity.pdbx_description
1 polymer 'Splicing factor 3B subunit 5'
2 polymer 'Splicing factor 3B subunit 1'
3 polymer 'PHD finger-like domain-containing protein 5A'
4 polymer 'Splicing factor 3B subunit 3'
5 non-polymer '[(2~{S},3~{S},4~{E},6~{S},7~{R},10~{R})-3,7-dimethyl-2-[(2~{E},4~{E},6~{R})-6-methyl-6-oxidanyl-7-[(2~{R},3~{R})-3-[(2~{R},3~{S})-3-oxidanylpentan-2-yl]oxiran-2-yl]hepta-2,4-dien-2-yl]-7,10-bis(oxidanyl)-12-oxidanylidene-1-oxacyclododec-4-en-6-yl] 4-cycloheptylpiperazine-1-carboxylate'
6 non-polymer 'ZINC ION'
7 non-polymer 'POTASSIUM ION'
#
loop_
_entity_poly.entity_id
_entity_poly.type
_entity_poly.pdbx_seq_one_letter_code
_entity_poly.pdbx_strand_id
1 'polypeptide(L)'
;MTDRYTIHSQLEHLQSKYIGTGHADTTKWEWLVNQHRDSYCSYMGHFDLLNYFAIAENESKARVRFNLMEKMLQPCGPPA
DKPEEN
;
B
2 'polypeptide(L)'
;MAKIAKTHEDIEAQIREIQGKKAALDEAQGVGLDSTGYYDQEIYGGSDSRFAGYVTSIAATELEDDDDDYSSSTSLLGQK
KPGYHAPVALLNDIPQSTEQYDPFAEHRPPKIADREDEYKKHRRTMIISPERLDPFADGGKTPDPKMNARTYMDVMREQH
LTKEEREIRQQLAEKAKAGELKVVNGAAASQPPSKRKRRWDQTADQTPGATPKKLSSWDQAETPGHTPSLRWDETPGRAK
GSETPGATPGSKIWDPTPSHTPAGAATPGRGDTPGHATPGHGGATSSARKNRWDETPKTERDTPGHGSGWAETPRTDRGG
DSIGETPTPGASKRKSRWDETPASQMGGSTPVLTPGKTPIGTPAMNMATPTPGHIMSMTPEQLQAWRWEREIDERNRPLS
DEELDAMFPEGYKVLPPPAGYVPIRTPARKLTATPTPLGGMTGFHMQTEDRTMKSVNDQPSGNLPFLKPDDIQYFDKLLV
DVDESTLSPEEQKERKIMKLLLKIKNGTPPMRKAALRQITDKAREFGAGPLFNQILPLLMSPTLEDQERHLLVKVIDRIL
YKLDDLVRPYVHKILVVIEPLLIDEDYYARVEGREIISNLAKAAGLATMISTMRPDIDNMDEYVRNTTARAFAVVASALG
IPSLLPFLKAVCKSKKSWQARHTGIKIVQQIAILMGCAILPHLRSLVEIIEHGLVDEQQKVRTISALAIAALAEAATPYG
IESFDSVLKPLWKGIRQHRGKGLAAFLKAIGYLIPLMDAEYANYYTREVMLILIREFQSPDEEMKKIVLKVVKQCCGTDG
VEANYIKTEILPPFFKHFWQHRMALDRRNYRQLVDTTVELANKVGAAEIISRIVDDLKDEAEQYRKMVMETIEKIMGNLG
AADIDHKLEEQLIDGILYAFQEQTTEDSVMLNGFGTVVNALGKRVKPYLPQICGTVLWRLNNKSAKVRQQAADLISRTAV
VMKTCQEEKLMGHLGVVLYEYLGEEYPEVLGSILGALKAIVNVIGMHKMTPPIKDLLPRLTPILKNRHEKVQENCIDLVG
RIADRGAEYVSAREWMRICFELLELLKAHKKAIRRATVNTFGYIAKAIGPHDVLATLLNNLKVQERQNRVCTTVAIAIVA
ETCSPFTVLPALMNEYRVPELNVQNGVLKSLSFLFEYIGEMGKDYIYAVTPLLEDALMDRDLVHRQTASAVVQHMSLGVY
GFGCEDSLNHLLNYVWPNVFETSPHVIQAVMGALEGLRVAIGPCRMLQYCLQGLFHPARKVRDVYWKIYNSIYIGSQDAL
IAHYPRIYNDDKNTYIRYELDYIL
;
C
3 'polypeptide(L)'
;DLIFCRKQAGVAIGRLCEKCDGKCVICDSYVRPCTLVRICDECNYGSYQGRCVICGGPGVSDAYYCKECTIQEKDRDGCP
KIVNL
;
D
4 'polypeptide(L)'
;DMFLYNLTLQRATGISFAIHGNFSGTKQQEIVVSRGKILELLRPDPNTGKVHTLLTVEVFGVIRSLMAFRLTGGTKDYIV
VGSDSGRIVILEYQPSKNMFEKIHQETFGKSGCRRIVPGQFLAVDPKGRAVMISAIEKQKLVYILNRDAAARLTISSPLE
AHKANTLVYHVVGVDVGFENPMFACLEMDYEEADNDPTGEAAANTQQTLTFYELDLGLNHVVRKYSEPLEEHGNFLITVP
GGSDGPSGVLICSENYITYKNFGDQPDIRCPIPRRRNDLDDPERGMIFVCSATHKTKSMFFFLAQTEQGDIFKITLETDE
DMVTEIRLKYFDTVPVAAAMCVLKTGFLFVASEFGNHYLYQIAHLGDDDEEPEFSSAMPLEEGDTFFFQPRPLKNLVLVD
ELDSLSPILFCQIADLANEDTPQLYVACGRGPRSSLRVLRHGLEVSEMAVSELPGNPNAVWTVRRHIEDEFDAYIIVSFV
NATLVLSIGETVEEVTDSGFLGTTPTLSCSLLGDDALVQVYPDGIRHIRADKRVNEWKTPGKKTIVKCAVNQRQVVIALT
GGELVYFEMDPSGQLNEYTERKEMSADVVCMSLANVPPGEQRSRFLAVGLVDNTVRIISLDPSDCLQPLSMQALPAQPES
LCIVEMGGTEKQDELGERGSIGFLYLNIGLQNGVLLRTVLDPVTGDLSDTRTRYLGSRPVKLFRVRMQGQEAVLAMSSRS
WLSYSYQSRFHLTPLSYETLEFASGFASEQCPEGIVAISTNTLRILALEKLGAVFNQVAFPLQYTPRKFVIHPESNNLII
IETDHNAYTEATKAQRKQQMAEEMVEAAGEDERELAAEMAAAFLNENLPESIFGAPKAGNGQWASVIRVMNPIQGNTLDL
VQLEQNEAAFSVAVCRFSNTGEDWYVLVGVAKDLILNPRSVAGGFVYTYKLVNNGEKLEFLHKTPVEEVPAAIAPFQGRV
LIGVGKLLRVYDLGKKKLLRKCENKHIANYISGIQTIGHRVIVSDVQESFIWVRYKRNENQLIIFADDTYPRWVTTASLL
DYDTVAGADKFGNICVVRLPPNTNDEVDEDPTGNKALWDRGLLNGASQKAEVIMNYHVGETVLSLQKTTLIPGGSESLVY
TTLSGGIGILVPFTSHEDHDFFQHVEMHLRSEHPPLCGRDHLSFRSYYFPVKNVIDGDLCEQFNSMEPNKQKNVSEELDR
TPPEVSKKLEDIRTRYAFDYKDD
;
A
#
# COMPACT_ATOMS: atom_id res chain seq x y z
N SER A 16 32.46 11.91 -0.08
CA SER A 16 33.51 11.72 0.91
C SER A 16 32.91 11.61 2.30
N LYS A 17 31.94 12.49 2.58
CA LYS A 17 31.28 12.46 3.88
C LYS A 17 30.24 11.33 3.94
N TYR A 18 29.76 10.88 2.78
CA TYR A 18 28.90 9.72 2.72
C TYR A 18 29.67 8.48 3.16
N ILE A 19 29.01 7.59 3.88
CA ILE A 19 29.67 6.40 4.42
C ILE A 19 29.76 5.36 3.31
N GLY A 20 30.97 4.92 3.01
CA GLY A 20 31.17 3.91 2.00
C GLY A 20 31.87 4.49 0.80
N THR A 21 32.36 5.72 0.95
CA THR A 21 33.16 6.34 -0.08
C THR A 21 34.59 5.80 -0.01
N GLY A 22 35.07 5.28 -1.12
CA GLY A 22 36.46 4.89 -1.23
C GLY A 22 37.31 6.04 -1.77
N HIS A 23 38.61 5.85 -1.71
CA HIS A 23 39.57 6.82 -2.21
C HIS A 23 40.88 6.07 -2.48
N ALA A 24 41.97 6.82 -2.63
CA ALA A 24 43.22 6.26 -3.14
C ALA A 24 44.05 5.54 -2.08
N ASP A 25 43.54 5.30 -0.87
CA ASP A 25 44.27 4.54 0.13
C ASP A 25 43.45 3.46 0.82
N THR A 26 42.16 3.34 0.51
CA THR A 26 41.28 2.38 1.15
C THR A 26 41.67 0.95 0.77
N THR A 27 41.72 0.06 1.76
CA THR A 27 42.23 -1.28 1.55
C THR A 27 41.13 -2.32 1.52
N LYS A 28 41.56 -3.57 1.31
CA LYS A 28 40.63 -4.67 1.10
C LYS A 28 39.88 -5.02 2.36
N TRP A 29 40.49 -4.78 3.52
CA TRP A 29 39.78 -5.04 4.76
C TRP A 29 38.68 -4.01 4.99
N GLU A 30 38.96 -2.75 4.65
CA GLU A 30 37.96 -1.71 4.85
C GLU A 30 36.79 -1.91 3.89
N TRP A 31 37.09 -2.09 2.60
CA TRP A 31 36.05 -2.35 1.61
C TRP A 31 35.29 -3.64 1.92
N LEU A 32 36.02 -4.61 2.48
CA LEU A 32 35.46 -5.92 2.76
C LEU A 32 34.48 -5.87 3.92
N VAL A 33 34.88 -5.21 5.01
CA VAL A 33 33.99 -5.12 6.16
C VAL A 33 32.83 -4.18 5.89
N ASN A 34 33.00 -3.21 4.99
CA ASN A 34 31.88 -2.38 4.58
C ASN A 34 30.84 -3.21 3.86
N GLN A 35 31.28 -4.02 2.89
CA GLN A 35 30.30 -4.82 2.17
C GLN A 35 29.70 -5.92 3.04
N HIS A 36 30.39 -6.30 4.11
CA HIS A 36 29.72 -7.13 5.10
C HIS A 36 28.63 -6.37 5.84
N ARG A 37 28.92 -5.17 6.33
CA ARG A 37 27.97 -4.48 7.19
C ARG A 37 26.70 -4.07 6.45
N ASP A 38 26.84 -3.54 5.24
CA ASP A 38 25.61 -3.26 4.52
C ASP A 38 24.96 -4.52 3.98
N SER A 39 25.72 -5.63 3.84
CA SER A 39 25.08 -6.90 3.57
C SER A 39 24.11 -7.27 4.68
N TYR A 40 24.57 -7.23 5.94
CA TYR A 40 23.68 -7.60 7.05
C TYR A 40 22.53 -6.62 7.24
N CYS A 41 22.77 -5.33 6.96
CA CYS A 41 21.67 -4.37 6.98
C CYS A 41 20.66 -4.67 5.88
N SER A 42 21.11 -5.25 4.77
CA SER A 42 20.17 -5.62 3.72
C SER A 42 19.39 -6.87 4.10
N TYR A 43 20.07 -7.83 4.74
CA TYR A 43 19.39 -9.03 5.23
C TYR A 43 18.26 -8.65 6.18
N MET A 44 18.55 -7.79 7.16
CA MET A 44 17.50 -7.22 8.00
C MET A 44 16.52 -6.38 7.22
N GLY A 45 16.96 -5.82 6.08
CA GLY A 45 16.11 -4.92 5.33
C GLY A 45 14.95 -5.62 4.64
N HIS A 46 15.16 -6.86 4.20
CA HIS A 46 14.04 -7.56 3.59
C HIS A 46 13.08 -8.08 4.65
N PHE A 47 12.03 -8.75 4.18
CA PHE A 47 10.99 -9.26 5.06
C PHE A 47 10.74 -10.75 4.91
N ASP A 48 11.28 -11.40 3.89
CA ASP A 48 10.97 -12.79 3.64
C ASP A 48 12.20 -13.67 3.54
N LEU A 49 13.37 -13.07 3.30
CA LEU A 49 14.62 -13.81 3.38
C LEU A 49 14.90 -14.24 4.81
N LEU A 50 14.36 -13.52 5.80
CA LEU A 50 14.42 -13.98 7.18
C LEU A 50 13.51 -15.18 7.36
N ASN A 51 12.39 -15.21 6.65
CA ASN A 51 11.55 -16.40 6.70
C ASN A 51 12.25 -17.58 6.03
N TYR A 52 13.09 -17.28 5.05
CA TYR A 52 13.93 -18.30 4.43
C TYR A 52 14.96 -18.86 5.40
N PHE A 53 15.63 -17.98 6.14
CA PHE A 53 16.65 -18.46 7.07
C PHE A 53 16.01 -19.13 8.27
N ALA A 54 14.79 -18.72 8.61
CA ALA A 54 14.10 -19.36 9.72
C ALA A 54 13.53 -20.70 9.32
N ILE A 55 13.18 -20.87 8.05
CA ILE A 55 12.75 -22.20 7.63
C ILE A 55 13.95 -23.10 7.38
N ALA A 56 15.10 -22.50 7.01
CA ALA A 56 16.27 -23.29 6.63
C ALA A 56 16.86 -24.01 7.82
N GLU A 57 17.43 -23.27 8.75
CA GLU A 57 17.83 -23.82 10.04
C GLU A 57 16.71 -23.50 10.99
N ASN A 58 16.45 -24.40 11.93
CA ASN A 58 15.21 -24.32 12.66
C ASN A 58 15.38 -23.40 13.87
N GLU A 59 14.77 -22.22 13.81
CA GLU A 59 14.91 -21.19 14.85
C GLU A 59 13.57 -20.47 14.96
N SER A 60 13.58 -19.32 15.60
CA SER A 60 12.52 -18.34 15.45
C SER A 60 13.10 -17.06 14.87
N LYS A 61 12.20 -16.22 14.35
CA LYS A 61 12.62 -15.04 13.60
C LYS A 61 13.34 -14.04 14.49
N ALA A 62 12.91 -13.92 15.75
CA ALA A 62 13.58 -13.02 16.67
C ALA A 62 14.98 -13.51 16.98
N ARG A 63 15.16 -14.83 17.04
CA ARG A 63 16.49 -15.39 17.21
C ARG A 63 17.37 -15.09 16.02
N VAL A 64 16.78 -15.15 14.82
CA VAL A 64 17.57 -14.85 13.63
C VAL A 64 17.97 -13.39 13.61
N ARG A 65 17.03 -12.50 13.97
CA ARG A 65 17.33 -11.08 14.01
C ARG A 65 18.39 -10.77 15.03
N PHE A 66 18.32 -11.42 16.19
CA PHE A 66 19.30 -11.16 17.21
C PHE A 66 20.66 -11.70 16.84
N ASN A 67 20.71 -12.86 16.18
CA ASN A 67 21.99 -13.40 15.76
C ASN A 67 22.64 -12.53 14.71
N LEU A 68 21.82 -11.97 13.82
CA LEU A 68 22.34 -11.05 12.80
C LEU A 68 22.86 -9.78 13.45
N MET A 69 22.10 -9.21 14.39
CA MET A 69 22.53 -7.99 15.03
C MET A 69 23.74 -8.21 15.92
N GLU A 70 23.93 -9.40 16.45
CA GLU A 70 25.15 -9.69 17.18
C GLU A 70 26.32 -9.94 16.26
N LYS A 71 26.07 -10.47 15.07
CA LYS A 71 27.13 -10.63 14.09
C LYS A 71 27.29 -9.41 13.22
N MET A 72 26.93 -8.24 13.74
CA MET A 72 27.13 -6.97 13.06
C MET A 72 28.50 -6.39 13.30
N LEU A 73 29.05 -6.61 14.49
CA LEU A 73 30.33 -6.01 14.85
C LEU A 73 31.45 -7.02 15.00
N GLN A 74 31.11 -8.26 15.26
CA GLN A 74 32.07 -9.35 15.19
C GLN A 74 32.81 -9.47 13.86
N PRO A 75 32.15 -9.76 12.72
CA PRO A 75 32.76 -10.61 11.71
C PRO A 75 33.92 -9.95 10.97
N CYS A 76 34.77 -10.81 10.40
CA CYS A 76 36.11 -10.52 9.85
C CYS A 76 37.09 -10.00 10.89
N GLY A 77 36.82 -10.26 12.17
CA GLY A 77 37.79 -10.26 13.24
C GLY A 77 38.60 -8.99 13.47
N PRO A 78 39.86 -9.16 13.81
CA PRO A 78 40.73 -8.03 14.05
C PRO A 78 41.34 -7.55 12.76
N PRO A 79 41.80 -6.32 12.70
CA PRO A 79 42.48 -5.86 11.49
C PRO A 79 43.89 -6.40 11.37
N ALA A 80 44.59 -5.93 10.34
CA ALA A 80 46.00 -6.27 10.19
C ALA A 80 46.83 -5.47 11.18
N ASP A 81 48.02 -6.00 11.46
CA ASP A 81 49.02 -5.40 12.36
C ASP A 81 48.47 -5.12 13.75
N GLU B 490 43.50 41.20 30.12
CA GLU B 490 42.42 42.18 30.10
C GLU B 490 41.23 41.62 29.34
N GLU B 491 40.04 42.10 29.71
CA GLU B 491 38.78 41.78 29.07
C GLU B 491 38.48 42.67 27.89
N GLN B 492 39.02 43.89 27.88
CA GLN B 492 39.02 44.70 26.68
C GLN B 492 39.89 44.04 25.62
N LYS B 493 40.90 43.27 26.04
CA LYS B 493 41.59 42.36 25.13
C LYS B 493 40.64 41.32 24.57
N GLU B 494 39.71 40.84 25.39
CA GLU B 494 38.71 39.92 24.83
C GLU B 494 37.68 40.63 23.97
N ARG B 495 37.56 41.95 24.08
CA ARG B 495 36.84 42.70 23.06
C ARG B 495 37.63 42.78 21.76
N LYS B 496 38.96 42.89 21.88
CA LYS B 496 39.84 42.92 20.71
C LYS B 496 39.82 41.59 19.97
N ILE B 497 39.79 40.47 20.70
CA ILE B 497 39.52 39.19 20.05
C ILE B 497 38.04 39.04 19.74
N MET B 498 37.17 39.91 20.30
CA MET B 498 35.75 39.86 19.98
C MET B 498 35.43 40.77 18.79
N LYS B 499 36.46 41.26 18.10
CA LYS B 499 36.35 41.68 16.71
C LYS B 499 36.12 40.49 15.77
N LEU B 500 36.31 39.27 16.28
CA LEU B 500 35.83 38.07 15.63
C LEU B 500 34.31 38.07 15.43
N LEU B 501 33.55 38.87 16.20
CA LEU B 501 32.15 39.09 15.88
C LEU B 501 32.00 39.73 14.51
N LEU B 502 32.81 40.75 14.24
CA LEU B 502 32.85 41.36 12.91
C LEU B 502 33.31 40.36 11.87
N LYS B 503 34.18 39.43 12.26
CA LYS B 503 34.53 38.32 11.38
C LYS B 503 33.37 37.36 11.17
N ILE B 504 32.44 37.29 12.13
CA ILE B 504 31.30 36.38 12.00
C ILE B 504 30.22 36.99 11.13
N LYS B 505 29.73 38.18 11.52
CA LYS B 505 28.68 38.87 10.77
C LYS B 505 29.15 39.22 9.36
N ASN B 506 30.35 39.75 9.23
CA ASN B 506 30.97 39.92 7.93
C ASN B 506 31.89 38.71 7.75
N GLY B 507 31.37 37.66 7.13
CA GLY B 507 32.15 36.45 7.00
C GLY B 507 31.84 35.54 5.83
N THR B 508 32.89 34.88 5.33
CA THR B 508 32.75 33.72 4.47
C THR B 508 32.25 32.55 5.31
N PRO B 509 31.72 31.49 4.70
CA PRO B 509 31.36 30.27 5.48
C PRO B 509 32.51 29.65 6.24
N PRO B 510 33.79 29.72 5.81
CA PRO B 510 34.86 29.33 6.76
C PRO B 510 35.04 30.27 7.93
N MET B 511 34.85 31.58 7.74
CA MET B 511 34.99 32.50 8.86
C MET B 511 33.81 32.38 9.82
N ARG B 512 32.61 32.14 9.29
CA ARG B 512 31.42 32.01 10.10
C ARG B 512 31.42 30.69 10.86
N LYS B 513 31.72 29.60 10.16
CA LYS B 513 31.76 28.28 10.81
C LYS B 513 32.92 28.22 11.79
N ALA B 514 34.13 28.59 11.35
CA ALA B 514 35.32 28.44 12.19
C ALA B 514 35.32 29.42 13.35
N ALA B 515 34.99 30.69 13.08
CA ALA B 515 34.94 31.70 14.13
C ALA B 515 33.80 31.43 15.12
N LEU B 516 32.67 30.95 14.59
CA LEU B 516 31.61 30.40 15.42
C LEU B 516 32.14 29.33 16.36
N ARG B 517 32.97 28.42 15.84
CA ARG B 517 33.56 27.40 16.71
C ARG B 517 34.57 27.99 17.69
N GLN B 518 35.15 29.16 17.38
CA GLN B 518 36.07 29.78 18.33
C GLN B 518 35.34 30.27 19.56
N ILE B 519 34.36 31.16 19.36
CA ILE B 519 33.71 31.74 20.53
C ILE B 519 32.78 30.73 21.20
N THR B 520 32.14 29.85 20.43
CA THR B 520 31.29 28.82 21.03
C THR B 520 32.08 27.70 21.64
N ASP B 521 33.35 27.54 21.28
CA ASP B 521 34.17 26.61 22.04
C ASP B 521 34.89 27.29 23.21
N LYS B 522 34.83 28.62 23.32
CA LYS B 522 35.52 29.29 24.43
C LYS B 522 34.60 30.20 25.25
N ALA B 523 33.29 29.93 25.29
CA ALA B 523 32.33 30.83 25.93
C ALA B 523 32.47 30.89 27.45
N ARG B 524 32.32 29.74 28.13
CA ARG B 524 32.47 29.69 29.59
C ARG B 524 33.90 30.01 30.03
N GLU B 525 34.86 29.72 29.14
CA GLU B 525 36.23 30.18 29.32
C GLU B 525 36.30 31.69 29.38
N PHE B 526 35.51 32.38 28.56
CA PHE B 526 35.60 33.83 28.50
C PHE B 526 34.82 34.52 29.62
N GLY B 527 33.50 34.37 29.67
CA GLY B 527 32.78 34.99 30.76
C GLY B 527 31.45 35.56 30.34
N ALA B 528 31.04 36.67 31.02
CA ALA B 528 29.69 37.19 30.84
C ALA B 528 29.57 38.70 30.68
N GLY B 529 30.60 39.49 31.03
CA GLY B 529 30.43 40.93 31.04
C GLY B 529 30.63 41.62 29.70
N PRO B 530 31.83 41.52 29.12
CA PRO B 530 32.07 42.09 27.78
C PRO B 530 31.27 41.44 26.69
N LEU B 531 30.76 40.23 26.93
CA LEU B 531 29.77 39.58 26.08
C LEU B 531 28.60 40.51 25.77
N PHE B 532 27.89 40.93 26.82
CA PHE B 532 26.75 41.80 26.59
C PHE B 532 27.18 43.24 26.33
N ASN B 533 28.37 43.62 26.83
CA ASN B 533 28.89 44.95 26.57
C ASN B 533 29.12 45.19 25.07
N GLN B 534 29.44 44.15 24.32
CA GLN B 534 29.67 44.29 22.89
C GLN B 534 28.52 43.76 22.04
N ILE B 535 27.82 42.72 22.50
CA ILE B 535 26.65 42.23 21.76
C ILE B 535 25.47 43.19 21.87
N LEU B 536 25.32 43.82 23.03
CA LEU B 536 24.12 44.61 23.35
C LEU B 536 23.89 45.87 22.50
N PRO B 537 24.87 46.78 22.28
CA PRO B 537 24.54 47.97 21.48
C PRO B 537 24.45 47.69 20.00
N LEU B 538 25.16 46.66 19.54
CA LEU B 538 25.03 46.23 18.15
C LEU B 538 23.65 45.65 17.91
N LEU B 539 23.09 44.99 18.92
CA LEU B 539 21.70 44.57 18.83
C LEU B 539 20.77 45.77 18.94
N MET B 540 21.17 46.78 19.72
CA MET B 540 20.39 48.01 19.87
C MET B 540 20.32 48.86 18.61
N SER B 541 21.32 48.73 17.71
CA SER B 541 21.40 49.58 16.51
C SER B 541 20.23 49.31 15.57
N PRO B 542 19.39 50.31 15.30
CA PRO B 542 18.16 50.05 14.54
C PRO B 542 18.40 49.77 13.05
N THR B 543 19.59 50.07 12.54
CA THR B 543 19.92 49.84 11.14
C THR B 543 20.44 48.44 10.88
N LEU B 544 20.25 47.52 11.81
CA LEU B 544 20.53 46.12 11.57
C LEU B 544 19.52 45.56 10.56
N GLU B 545 19.95 44.57 9.79
CA GLU B 545 19.14 44.08 8.69
C GLU B 545 18.54 42.71 9.03
N ASP B 546 17.92 42.09 8.03
CA ASP B 546 17.15 40.87 8.24
C ASP B 546 18.06 39.67 8.50
N GLN B 547 18.88 39.31 7.53
CA GLN B 547 19.83 38.22 7.72
C GLN B 547 20.93 38.59 8.70
N GLU B 548 21.22 39.88 8.84
CA GLU B 548 22.19 40.35 9.83
C GLU B 548 21.67 40.15 11.25
N ARG B 549 20.39 40.46 11.47
CA ARG B 549 19.79 40.22 12.76
C ARG B 549 19.59 38.73 13.01
N HIS B 550 19.29 37.98 11.95
CA HIS B 550 19.26 36.52 12.03
C HIS B 550 20.61 35.95 12.43
N LEU B 551 21.71 36.58 12.04
CA LEU B 551 22.97 36.26 12.68
C LEU B 551 22.95 36.66 14.14
N LEU B 552 22.51 37.88 14.43
CA LEU B 552 22.65 38.44 15.78
C LEU B 552 21.53 38.04 16.74
N VAL B 553 20.82 36.94 16.46
CA VAL B 553 20.07 36.23 17.47
C VAL B 553 20.60 34.81 17.65
N LYS B 554 20.96 34.17 16.53
CA LYS B 554 21.48 32.80 16.58
C LYS B 554 22.85 32.75 17.23
N VAL B 555 23.63 33.84 17.17
CA VAL B 555 24.93 33.82 17.85
C VAL B 555 24.75 33.75 19.37
N ILE B 556 23.69 34.39 19.88
CA ILE B 556 23.38 34.35 21.31
C ILE B 556 22.87 32.97 21.68
N ASP B 557 22.22 32.29 20.74
CA ASP B 557 21.82 30.91 20.96
C ASP B 557 23.04 30.00 21.07
N ARG B 558 24.00 30.17 20.15
CA ARG B 558 25.13 29.25 20.05
C ARG B 558 26.11 29.44 21.22
N ILE B 559 26.27 30.68 21.72
CA ILE B 559 27.10 30.82 22.93
C ILE B 559 26.29 30.70 24.21
N LEU B 560 24.98 30.79 24.15
CA LEU B 560 24.13 30.40 25.26
C LEU B 560 23.72 28.93 25.19
N TYR B 561 24.46 28.12 24.44
CA TYR B 561 24.48 26.70 24.76
C TYR B 561 24.85 26.43 26.22
N LYS B 562 25.84 27.16 26.74
CA LYS B 562 26.62 26.72 27.90
C LYS B 562 26.37 27.54 29.15
N LEU B 563 26.24 28.85 29.03
CA LEU B 563 26.10 29.70 30.21
C LEU B 563 24.72 29.49 30.82
N ASP B 564 24.70 29.22 32.11
CA ASP B 564 23.48 28.84 32.81
C ASP B 564 23.18 29.73 34.00
N ASP B 565 24.21 30.22 34.68
CA ASP B 565 24.05 30.95 35.92
C ASP B 565 24.77 32.29 35.95
N LEU B 566 25.51 32.66 34.92
CA LEU B 566 26.14 33.96 34.86
C LEU B 566 25.22 35.02 34.29
N VAL B 567 24.06 34.64 33.75
CA VAL B 567 23.06 35.61 33.35
C VAL B 567 22.21 36.08 34.52
N ARG B 568 22.32 35.41 35.67
CA ARG B 568 21.40 35.64 36.78
C ARG B 568 21.41 37.05 37.38
N PRO B 569 22.54 37.78 37.46
CA PRO B 569 22.40 39.23 37.69
C PRO B 569 21.81 40.00 36.52
N TYR B 570 21.94 39.49 35.29
CA TYR B 570 21.66 40.29 34.10
C TYR B 570 20.32 39.98 33.46
N VAL B 571 19.47 39.18 34.10
CA VAL B 571 18.14 38.88 33.58
C VAL B 571 17.32 40.16 33.50
N HIS B 572 17.48 41.02 34.51
CA HIS B 572 16.77 42.28 34.54
C HIS B 572 17.24 43.21 33.44
N LYS B 573 18.53 43.24 33.18
CA LYS B 573 19.08 44.13 32.17
C LYS B 573 18.67 43.69 30.77
N ILE B 574 18.77 42.38 30.51
CA ILE B 574 18.39 41.84 29.21
C ILE B 574 16.89 42.01 28.97
N LEU B 575 16.08 41.88 30.03
CA LEU B 575 14.65 42.12 29.88
C LEU B 575 14.33 43.59 29.62
N VAL B 576 15.08 44.52 30.22
CA VAL B 576 14.81 45.94 29.98
C VAL B 576 15.21 46.33 28.56
N VAL B 577 16.31 45.77 28.06
CA VAL B 577 16.69 46.05 26.67
C VAL B 577 15.71 45.40 25.69
N ILE B 578 15.13 44.26 26.05
CA ILE B 578 14.21 43.59 25.13
C ILE B 578 12.79 43.83 25.65
N GLU B 579 12.59 44.97 26.30
CA GLU B 579 11.24 45.53 26.42
C GLU B 579 10.55 45.76 25.07
N PRO B 580 11.19 46.38 24.01
CA PRO B 580 10.56 46.33 22.68
C PRO B 580 10.86 45.02 22.00
N LEU B 581 10.64 44.97 20.69
CA LEU B 581 11.08 43.92 19.76
C LEU B 581 10.18 42.70 19.94
N LEU B 582 9.13 42.80 20.75
CA LEU B 582 8.14 41.76 20.92
C LEU B 582 6.77 42.15 20.42
N ILE B 583 6.42 43.43 20.48
CA ILE B 583 5.11 43.91 20.06
C ILE B 583 5.22 44.79 18.81
N ASP B 584 6.36 44.77 18.13
CA ASP B 584 6.64 45.77 17.11
C ASP B 584 6.16 45.29 15.75
N GLU B 585 6.51 46.02 14.70
CA GLU B 585 5.80 45.92 13.42
C GLU B 585 6.15 44.62 12.70
N ASP B 586 7.43 44.30 12.61
CA ASP B 586 7.87 43.17 11.80
C ASP B 586 7.54 41.86 12.50
N TYR B 587 6.86 40.98 11.77
CA TYR B 587 6.67 39.60 12.21
C TYR B 587 8.01 38.90 12.41
N TYR B 588 8.99 39.23 11.57
CA TYR B 588 10.33 38.67 11.72
C TYR B 588 10.96 39.12 13.04
N ALA B 589 10.78 40.40 13.40
CA ALA B 589 11.28 40.90 14.67
C ALA B 589 10.59 40.25 15.84
N ARG B 590 9.27 40.05 15.73
CA ARG B 590 8.52 39.41 16.81
C ARG B 590 8.95 37.98 17.02
N VAL B 591 9.12 37.20 15.94
CA VAL B 591 9.51 35.81 16.13
C VAL B 591 10.97 35.68 16.57
N GLU B 592 11.84 36.64 16.19
CA GLU B 592 13.19 36.61 16.75
C GLU B 592 13.19 36.91 18.24
N GLY B 593 12.31 37.82 18.69
CA GLY B 593 12.17 38.05 20.12
C GLY B 593 11.67 36.82 20.86
N ARG B 594 10.72 36.10 20.26
CA ARG B 594 10.23 34.84 20.82
C ARG B 594 11.36 33.83 20.97
N GLU B 595 12.25 33.76 19.98
CA GLU B 595 13.34 32.79 20.05
C GLU B 595 14.37 33.16 21.12
N ILE B 596 14.76 34.45 21.20
CA ILE B 596 15.82 34.81 22.14
C ILE B 596 15.35 34.71 23.59
N ILE B 597 14.11 35.14 23.88
CA ILE B 597 13.69 35.06 25.27
C ILE B 597 13.23 33.64 25.60
N SER B 598 12.93 32.84 24.57
CA SER B 598 12.70 31.41 24.81
C SER B 598 13.98 30.73 25.28
N ASN B 599 15.09 30.99 24.58
CA ASN B 599 16.35 30.33 24.91
C ASN B 599 16.93 30.84 26.23
N LEU B 600 16.81 32.15 26.50
CA LEU B 600 17.23 32.64 27.81
C LEU B 600 16.31 32.13 28.91
N ALA B 601 15.04 31.87 28.59
CA ALA B 601 14.10 31.37 29.58
C ALA B 601 14.43 29.96 30.03
N LYS B 602 14.72 29.05 29.08
CA LYS B 602 15.20 27.74 29.51
C LYS B 602 16.62 27.81 30.05
N ALA B 603 17.37 28.85 29.70
CA ALA B 603 18.75 28.98 30.16
C ALA B 603 18.80 29.31 31.66
N ALA B 604 18.05 30.29 32.10
CA ALA B 604 18.11 30.73 33.48
C ALA B 604 17.21 29.86 34.35
N GLY B 605 16.99 30.28 35.58
CA GLY B 605 16.12 29.58 36.51
C GLY B 605 14.76 30.26 36.62
N LEU B 606 13.74 29.43 36.85
CA LEU B 606 12.36 29.91 36.84
C LEU B 606 12.08 30.89 37.98
N ALA B 607 12.59 30.60 39.18
CA ALA B 607 12.36 31.49 40.31
C ALA B 607 13.07 32.81 40.12
N THR B 608 14.23 32.78 39.45
CA THR B 608 14.90 34.02 39.08
C THR B 608 14.08 34.79 38.06
N MET B 609 13.40 34.09 37.16
CA MET B 609 12.51 34.78 36.23
C MET B 609 11.32 35.40 36.94
N ILE B 610 10.83 34.76 38.00
CA ILE B 610 9.67 35.26 38.71
C ILE B 610 10.03 36.48 39.54
N SER B 611 11.05 36.36 40.39
CA SER B 611 11.42 37.47 41.25
C SER B 611 12.13 38.58 40.48
N THR B 612 12.66 38.28 39.30
CA THR B 612 13.20 39.33 38.44
C THR B 612 12.09 40.07 37.71
N MET B 613 11.08 39.33 37.26
CA MET B 613 9.91 39.96 36.62
C MET B 613 8.77 40.11 37.63
N ARG B 614 9.12 40.41 38.88
CA ARG B 614 8.22 40.92 39.91
C ARG B 614 7.86 42.41 39.80
N PRO B 615 8.76 43.38 39.67
CA PRO B 615 8.33 44.78 39.81
C PRO B 615 7.55 45.33 38.63
N ASP B 616 7.29 44.53 37.60
CA ASP B 616 6.60 45.01 36.41
C ASP B 616 5.15 44.55 36.35
N ILE B 617 4.69 43.77 37.33
CA ILE B 617 3.27 43.48 37.42
C ILE B 617 2.51 44.73 37.84
N ASP B 618 3.00 45.42 38.87
CA ASP B 618 2.26 46.50 39.51
C ASP B 618 2.89 47.87 39.29
N ASN B 619 3.22 48.20 38.06
CA ASN B 619 3.48 49.59 37.71
C ASN B 619 2.17 50.27 37.30
N MET B 620 2.27 51.54 36.92
CA MET B 620 1.13 52.31 36.45
C MET B 620 0.86 52.11 34.96
N ASP B 621 1.86 51.72 34.19
CA ASP B 621 1.83 51.94 32.75
C ASP B 621 1.23 50.76 32.00
N GLU B 622 0.22 51.07 31.19
CA GLU B 622 -0.44 50.11 30.31
C GLU B 622 0.53 49.44 29.35
N TYR B 623 1.52 50.17 28.88
CA TYR B 623 2.43 49.62 27.90
C TYR B 623 3.47 48.70 28.52
N VAL B 624 3.81 48.91 29.80
CA VAL B 624 4.74 47.97 30.43
C VAL B 624 4.01 46.76 30.98
N ARG B 625 2.75 46.89 31.36
CA ARG B 625 1.95 45.68 31.56
C ARG B 625 1.75 44.93 30.24
N ASN B 626 1.69 45.67 29.13
CA ASN B 626 1.50 45.07 27.81
C ASN B 626 2.69 44.20 27.45
N THR B 627 3.87 44.84 27.35
CA THR B 627 5.06 44.12 26.94
C THR B 627 5.52 43.13 27.98
N THR B 628 5.24 43.38 29.26
CA THR B 628 5.64 42.45 30.30
C THR B 628 4.79 41.18 30.26
N ALA B 629 3.47 41.33 30.07
CA ALA B 629 2.60 40.16 30.02
C ALA B 629 2.87 39.32 28.78
N ARG B 630 3.22 39.96 27.67
CA ARG B 630 3.63 39.16 26.53
C ARG B 630 4.98 38.48 26.73
N ALA B 631 5.88 39.10 27.53
CA ALA B 631 7.12 38.41 27.90
C ALA B 631 6.86 37.17 28.78
N PHE B 632 5.89 37.28 29.70
CA PHE B 632 5.41 36.11 30.44
C PHE B 632 4.88 35.03 29.53
N ALA B 633 4.20 35.41 28.45
CA ALA B 633 3.72 34.41 27.51
C ALA B 633 4.87 33.72 26.79
N VAL B 634 5.95 34.47 26.48
CA VAL B 634 7.07 33.86 25.77
C VAL B 634 7.79 32.87 26.66
N VAL B 635 8.07 33.27 27.90
CA VAL B 635 8.76 32.33 28.79
C VAL B 635 7.83 31.19 29.23
N ALA B 636 6.51 31.40 29.14
CA ALA B 636 5.56 30.33 29.38
C ALA B 636 5.59 29.32 28.25
N SER B 637 5.68 29.81 27.01
CA SER B 637 5.85 28.92 25.87
C SER B 637 7.21 28.24 25.87
N ALA B 638 8.18 28.78 26.62
CA ALA B 638 9.47 28.11 26.76
C ALA B 638 9.42 27.00 27.79
N LEU B 639 8.89 27.27 28.99
CA LEU B 639 9.01 26.32 30.10
C LEU B 639 7.74 25.53 30.42
N GLY B 640 6.68 25.66 29.63
CA GLY B 640 5.52 24.80 29.79
C GLY B 640 4.53 25.30 30.84
N ILE B 641 3.35 24.69 30.81
CA ILE B 641 2.16 25.15 31.54
C ILE B 641 2.15 24.80 33.04
N PRO B 642 2.34 23.55 33.50
CA PRO B 642 2.21 23.30 34.95
C PRO B 642 3.34 23.88 35.78
N SER B 643 4.44 24.30 35.16
CA SER B 643 5.46 25.06 35.87
C SER B 643 4.94 26.43 36.26
N LEU B 644 3.93 26.93 35.55
CA LEU B 644 3.41 28.25 35.81
C LEU B 644 2.09 28.24 36.56
N LEU B 645 1.31 27.14 36.45
CA LEU B 645 0.00 27.02 37.09
C LEU B 645 -0.11 27.34 38.59
N PRO B 646 0.83 26.95 39.47
CA PRO B 646 0.70 27.40 40.87
C PRO B 646 0.96 28.88 41.04
N PHE B 647 1.80 29.47 40.20
CA PHE B 647 1.98 30.92 40.26
C PHE B 647 0.75 31.63 39.71
N LEU B 648 0.12 31.04 38.69
CA LEU B 648 -1.10 31.59 38.13
C LEU B 648 -2.22 31.59 39.18
N LYS B 649 -2.31 30.51 39.95
CA LYS B 649 -3.26 30.51 41.05
C LYS B 649 -2.83 31.48 42.14
N ALA B 650 -1.52 31.66 42.32
CA ALA B 650 -1.01 32.55 43.34
C ALA B 650 -1.25 34.02 43.02
N VAL B 651 -1.51 34.37 41.77
CA VAL B 651 -1.78 35.75 41.40
C VAL B 651 -3.27 35.99 41.16
N CYS B 652 -3.97 35.03 40.53
CA CYS B 652 -5.35 35.25 40.08
C CYS B 652 -6.33 35.43 41.22
N LYS B 653 -5.97 35.04 42.44
CA LYS B 653 -6.85 35.17 43.59
C LYS B 653 -6.44 36.28 44.55
N SER B 654 -5.18 36.74 44.48
CA SER B 654 -4.67 37.80 45.35
C SER B 654 -5.37 39.12 45.04
N LYS B 655 -5.84 39.80 46.08
CA LYS B 655 -6.77 40.93 45.95
C LYS B 655 -6.07 42.28 45.92
N LYS B 656 -4.79 42.33 45.58
CA LYS B 656 -3.99 43.50 45.91
C LYS B 656 -4.18 44.63 44.89
N SER B 657 -4.16 44.31 43.61
CA SER B 657 -4.23 45.38 42.61
C SER B 657 -5.03 44.94 41.39
N TRP B 658 -5.87 45.84 40.90
CA TRP B 658 -6.56 45.60 39.64
C TRP B 658 -5.60 45.62 38.47
N GLN B 659 -4.52 46.41 38.59
CA GLN B 659 -3.41 46.29 37.65
C GLN B 659 -2.84 44.88 37.67
N ALA B 660 -2.77 44.27 38.84
CA ALA B 660 -2.13 42.97 38.96
C ALA B 660 -3.02 41.84 38.44
N ARG B 661 -4.29 41.84 38.86
CA ARG B 661 -5.22 40.79 38.40
C ARG B 661 -5.48 40.91 36.91
N HIS B 662 -5.63 42.16 36.46
CA HIS B 662 -5.67 42.48 35.04
C HIS B 662 -4.43 41.98 34.32
N THR B 663 -3.26 42.09 34.97
CA THR B 663 -2.03 41.61 34.38
C THR B 663 -2.05 40.08 34.26
N GLY B 664 -2.53 39.38 35.28
CA GLY B 664 -2.51 37.92 35.24
C GLY B 664 -3.43 37.34 34.18
N ILE B 665 -4.62 37.91 34.05
CA ILE B 665 -5.50 37.45 32.98
C ILE B 665 -4.95 37.85 31.60
N LYS B 666 -4.25 39.00 31.51
CA LYS B 666 -3.54 39.35 30.27
C LYS B 666 -2.47 38.32 29.93
N ILE B 667 -1.80 37.78 30.95
CA ILE B 667 -0.84 36.71 30.73
C ILE B 667 -1.54 35.47 30.18
N VAL B 668 -2.72 35.14 30.70
CA VAL B 668 -3.39 33.92 30.23
C VAL B 668 -3.84 34.06 28.77
N GLN B 669 -4.35 35.24 28.39
CA GLN B 669 -4.74 35.45 27.00
C GLN B 669 -3.52 35.42 26.06
N GLN B 670 -2.42 36.08 26.44
CA GLN B 670 -1.25 36.09 25.56
C GLN B 670 -0.60 34.72 25.45
N ILE B 671 -0.74 33.89 26.48
CA ILE B 671 -0.33 32.49 26.40
C ILE B 671 -1.20 31.73 25.40
N ALA B 672 -2.51 32.01 25.40
CA ALA B 672 -3.38 31.34 24.45
C ALA B 672 -3.09 31.73 23.01
N ILE B 673 -2.77 33.02 22.77
CA ILE B 673 -2.51 33.47 21.40
C ILE B 673 -1.17 32.95 20.92
N LEU B 674 -0.15 33.00 21.78
CA LEU B 674 1.19 32.57 21.37
C LEU B 674 1.27 31.05 21.23
N MET B 675 0.86 30.32 22.26
CA MET B 675 0.91 28.86 22.20
C MET B 675 -0.11 28.33 21.20
N GLY B 676 -1.39 28.59 21.45
CA GLY B 676 -2.38 28.14 20.50
C GLY B 676 -2.81 26.71 20.71
N CYS B 677 -2.17 25.79 19.99
CA CYS B 677 -2.74 24.49 19.70
C CYS B 677 -2.76 23.53 20.89
N ALA B 678 -1.66 23.42 21.64
CA ALA B 678 -1.52 22.33 22.63
C ALA B 678 -1.85 22.74 24.05
N ILE B 679 -3.01 23.36 24.31
CA ILE B 679 -3.44 23.60 25.69
C ILE B 679 -4.82 22.93 25.83
N LEU B 680 -5.00 21.81 25.17
CA LEU B 680 -6.27 21.13 25.39
C LEU B 680 -6.39 20.34 26.70
N PRO B 681 -5.43 19.50 27.12
CA PRO B 681 -5.66 18.77 28.38
C PRO B 681 -5.50 19.62 29.62
N HIS B 682 -4.69 20.69 29.57
CA HIS B 682 -4.55 21.63 30.67
C HIS B 682 -5.74 22.57 30.81
N LEU B 683 -6.67 22.53 29.86
CA LEU B 683 -7.67 23.58 29.71
C LEU B 683 -8.64 23.61 30.88
N ARG B 684 -8.99 22.45 31.45
CA ARG B 684 -9.87 22.44 32.62
C ARG B 684 -9.20 23.11 33.83
N SER B 685 -7.89 22.87 33.99
CA SER B 685 -7.12 23.54 35.02
C SER B 685 -7.11 25.04 34.81
N LEU B 686 -6.83 25.47 33.57
CA LEU B 686 -6.79 26.90 33.28
C LEU B 686 -8.15 27.56 33.47
N VAL B 687 -9.23 26.83 33.15
CA VAL B 687 -10.58 27.29 33.47
C VAL B 687 -10.73 27.49 34.97
N GLU B 688 -10.19 26.57 35.76
CA GLU B 688 -10.32 26.73 37.20
C GLU B 688 -9.37 27.79 37.77
N ILE B 689 -8.34 28.24 37.05
CA ILE B 689 -7.70 29.48 37.44
C ILE B 689 -8.59 30.67 37.12
N ILE B 690 -8.96 30.82 35.84
CA ILE B 690 -9.45 32.10 35.36
C ILE B 690 -10.96 32.25 35.52
N GLU B 691 -11.62 31.29 36.18
CA GLU B 691 -13.07 31.28 36.28
C GLU B 691 -13.64 32.31 37.24
N HIS B 692 -12.91 32.71 38.28
CA HIS B 692 -13.44 33.59 39.30
C HIS B 692 -13.12 35.05 39.03
N GLY B 693 -12.73 35.38 37.82
CA GLY B 693 -12.67 36.75 37.35
C GLY B 693 -13.91 37.20 36.62
N LEU B 694 -15.01 36.44 36.73
CA LEU B 694 -16.24 36.74 35.99
C LEU B 694 -17.36 37.26 36.86
N VAL B 695 -17.14 37.46 38.16
CA VAL B 695 -18.18 37.96 39.05
C VAL B 695 -17.65 39.14 39.88
N ASP B 696 -16.64 39.84 39.36
CA ASP B 696 -15.90 40.86 40.08
C ASP B 696 -16.29 42.27 39.65
N GLU B 697 -16.10 43.22 40.58
CA GLU B 697 -16.58 44.60 40.57
C GLU B 697 -16.09 45.40 39.37
N GLN B 698 -15.02 44.97 38.72
CA GLN B 698 -14.39 45.79 37.71
C GLN B 698 -14.88 45.43 36.31
N GLN B 699 -15.33 46.45 35.59
CA GLN B 699 -15.59 46.34 34.17
C GLN B 699 -14.34 45.90 33.40
N LYS B 700 -13.16 46.34 33.86
CA LYS B 700 -11.92 45.89 33.26
C LYS B 700 -11.75 44.38 33.39
N VAL B 701 -12.01 43.84 34.58
CA VAL B 701 -11.70 42.44 34.78
C VAL B 701 -12.80 41.56 34.21
N ARG B 702 -14.02 42.08 34.12
CA ARG B 702 -15.05 41.37 33.38
C ARG B 702 -14.69 41.34 31.90
N THR B 703 -14.16 42.46 31.40
CA THR B 703 -13.83 42.61 29.99
C THR B 703 -12.71 41.68 29.59
N ILE B 704 -11.56 41.82 30.24
CA ILE B 704 -10.42 41.01 29.86
C ILE B 704 -10.57 39.57 30.32
N SER B 705 -11.41 39.31 31.32
CA SER B 705 -11.64 37.94 31.73
C SER B 705 -12.44 37.18 30.70
N ALA B 706 -13.64 37.66 30.36
CA ALA B 706 -14.46 36.95 29.36
C ALA B 706 -13.84 37.03 27.97
N LEU B 707 -13.09 38.10 27.70
CA LEU B 707 -12.32 38.18 26.47
C LEU B 707 -11.23 37.13 26.44
N ALA B 708 -10.66 36.82 27.60
CA ALA B 708 -9.69 35.73 27.67
C ALA B 708 -10.36 34.37 27.56
N ILE B 709 -11.61 34.24 28.03
CA ILE B 709 -12.38 33.01 27.80
C ILE B 709 -12.57 32.78 26.31
N ALA B 710 -12.84 33.86 25.57
CA ALA B 710 -12.95 33.79 24.12
C ALA B 710 -11.63 33.37 23.49
N ALA B 711 -10.53 34.05 23.86
CA ALA B 711 -9.24 33.73 23.25
C ALA B 711 -8.68 32.39 23.68
N LEU B 712 -9.29 31.74 24.69
CA LEU B 712 -9.01 30.33 24.94
C LEU B 712 -9.89 29.40 24.10
N ALA B 713 -11.19 29.70 23.98
CA ALA B 713 -12.08 28.77 23.28
C ALA B 713 -11.82 28.77 21.77
N GLU B 714 -11.22 29.84 21.23
CA GLU B 714 -10.70 29.80 19.87
C GLU B 714 -9.64 28.72 19.72
N ALA B 715 -8.83 28.51 20.75
CA ALA B 715 -7.85 27.43 20.70
C ALA B 715 -8.51 26.09 21.00
N ALA B 716 -9.59 26.08 21.76
CA ALA B 716 -10.31 24.83 22.02
C ALA B 716 -11.10 24.34 20.82
N THR B 717 -11.36 25.20 19.84
CA THR B 717 -12.21 24.94 18.70
C THR B 717 -11.64 23.80 17.84
N PRO B 718 -12.51 22.95 17.23
CA PRO B 718 -13.89 22.53 17.53
C PRO B 718 -14.04 21.10 18.08
N TYR B 719 -14.53 20.93 19.30
CA TYR B 719 -14.74 19.57 19.78
C TYR B 719 -16.18 19.22 20.10
N GLY B 720 -16.78 19.92 21.04
CA GLY B 720 -17.75 19.32 21.93
C GLY B 720 -17.16 18.93 23.26
N ILE B 721 -16.15 19.67 23.73
CA ILE B 721 -15.48 19.36 24.98
C ILE B 721 -16.36 19.77 26.15
N GLU B 722 -16.20 19.06 27.26
CA GLU B 722 -16.92 19.36 28.49
C GLU B 722 -16.09 20.11 29.51
N SER B 723 -14.91 20.61 29.12
CA SER B 723 -14.09 21.36 30.05
C SER B 723 -14.64 22.76 30.34
N PHE B 724 -15.62 23.22 29.58
CA PHE B 724 -16.34 24.45 29.89
C PHE B 724 -17.65 24.07 30.57
N ASP B 725 -17.65 24.08 31.90
CA ASP B 725 -18.86 23.87 32.66
C ASP B 725 -19.24 25.08 33.51
N SER B 726 -18.32 25.58 34.34
CA SER B 726 -18.59 26.75 35.16
C SER B 726 -18.65 28.04 34.35
N VAL B 727 -18.25 28.00 33.08
CA VAL B 727 -18.25 29.19 32.23
C VAL B 727 -19.65 29.64 31.88
N LEU B 728 -20.62 28.72 31.85
CA LEU B 728 -21.95 29.01 31.31
C LEU B 728 -22.72 30.05 32.13
N LYS B 729 -22.68 29.95 33.44
CA LYS B 729 -23.59 30.69 34.30
C LYS B 729 -23.30 32.19 34.45
N PRO B 730 -22.08 32.68 34.78
CA PRO B 730 -21.91 34.13 34.91
C PRO B 730 -21.97 34.87 33.59
N LEU B 731 -21.74 34.18 32.47
CA LEU B 731 -22.09 34.74 31.17
C LEU B 731 -23.59 34.90 31.05
N TRP B 732 -24.33 33.83 31.38
CA TRP B 732 -25.78 33.80 31.20
C TRP B 732 -26.48 34.83 32.07
N LYS B 733 -25.93 35.10 33.25
CA LYS B 733 -26.42 36.22 34.06
C LYS B 733 -25.96 37.55 33.48
N GLY B 734 -24.72 37.61 32.98
CA GLY B 734 -24.14 38.87 32.59
C GLY B 734 -24.76 39.48 31.35
N ILE B 735 -25.40 38.65 30.52
CA ILE B 735 -26.06 39.14 29.31
C ILE B 735 -27.17 40.12 29.64
N ARG B 736 -28.15 39.69 30.41
CA ARG B 736 -29.21 40.58 30.85
C ARG B 736 -28.78 41.47 31.99
N GLN B 737 -27.68 41.14 32.65
CA GLN B 737 -27.23 41.98 33.75
C GLN B 737 -26.65 43.29 33.23
N HIS B 738 -25.64 43.23 32.38
CA HIS B 738 -24.90 44.43 32.02
C HIS B 738 -25.28 44.89 30.62
N ARG B 739 -24.72 46.04 30.23
CA ARG B 739 -24.79 46.58 28.88
C ARG B 739 -23.47 47.27 28.58
N GLY B 740 -22.81 46.89 27.48
CA GLY B 740 -21.66 47.66 27.03
C GLY B 740 -20.57 46.96 26.23
N LYS B 741 -19.36 47.51 26.31
CA LYS B 741 -18.20 46.92 25.65
C LYS B 741 -17.83 45.57 26.26
N GLY B 742 -18.20 45.35 27.52
CA GLY B 742 -18.14 44.02 28.11
C GLY B 742 -19.21 43.08 27.59
N LEU B 743 -20.32 43.61 27.05
CA LEU B 743 -21.27 42.78 26.33
C LEU B 743 -20.78 42.45 24.92
N ALA B 744 -19.99 43.34 24.32
CA ALA B 744 -19.19 42.91 23.17
C ALA B 744 -18.23 41.80 23.57
N ALA B 745 -17.63 41.92 24.76
CA ALA B 745 -16.79 40.87 25.29
C ALA B 745 -17.56 39.63 25.71
N PHE B 746 -18.88 39.71 25.88
CA PHE B 746 -19.66 38.51 26.17
C PHE B 746 -20.04 37.78 24.89
N LEU B 747 -20.63 38.50 23.95
CA LEU B 747 -21.13 37.85 22.76
C LEU B 747 -19.99 37.38 21.86
N LYS B 748 -18.84 38.08 21.92
CA LYS B 748 -17.63 37.56 21.29
C LYS B 748 -17.28 36.19 21.83
N ALA B 749 -17.39 36.04 23.15
CA ALA B 749 -17.06 34.77 23.79
C ALA B 749 -18.07 33.70 23.43
N ILE B 750 -19.36 34.03 23.42
CA ILE B 750 -20.39 33.03 23.14
C ILE B 750 -20.31 32.53 21.69
N GLY B 751 -20.00 33.44 20.76
CA GLY B 751 -19.72 33.03 19.40
C GLY B 751 -18.52 32.11 19.33
N TYR B 752 -17.49 32.40 20.13
CA TYR B 752 -16.40 31.44 20.17
C TYR B 752 -16.70 30.21 21.01
N LEU B 753 -17.85 30.15 21.70
CA LEU B 753 -18.15 29.07 22.62
C LEU B 753 -19.15 28.07 22.09
N ILE B 754 -19.93 28.42 21.07
CA ILE B 754 -20.55 27.32 20.33
C ILE B 754 -20.11 27.42 18.88
N PRO B 755 -18.93 26.90 18.52
CA PRO B 755 -18.79 26.28 17.20
C PRO B 755 -18.74 24.78 17.36
N LEU B 756 -18.85 24.33 18.61
CA LEU B 756 -18.52 22.98 19.00
C LEU B 756 -19.55 22.29 19.88
N MET B 757 -20.38 23.05 20.60
CA MET B 757 -21.28 22.51 21.59
C MET B 757 -22.39 21.70 20.89
N ASP B 758 -23.05 20.84 21.67
CA ASP B 758 -23.95 19.84 21.13
C ASP B 758 -25.22 20.47 20.56
N ALA B 759 -26.07 19.61 19.98
CA ALA B 759 -27.22 20.11 19.26
C ALA B 759 -28.32 20.59 20.20
N GLU B 760 -28.55 19.88 21.31
CA GLU B 760 -29.57 20.29 22.26
C GLU B 760 -29.12 21.52 23.03
N TYR B 761 -27.83 21.56 23.38
CA TYR B 761 -27.29 22.70 24.11
C TYR B 761 -27.25 23.94 23.25
N ALA B 762 -26.83 23.79 21.99
CA ALA B 762 -26.82 24.89 21.06
C ALA B 762 -28.24 25.30 20.70
N ASN B 763 -29.18 24.35 20.77
CA ASN B 763 -30.58 24.66 20.52
C ASN B 763 -31.13 25.56 21.63
N TYR B 764 -31.11 25.05 22.86
CA TYR B 764 -31.72 25.74 23.99
C TYR B 764 -30.99 27.04 24.30
N TYR B 765 -29.66 27.02 24.22
CA TYR B 765 -28.89 28.21 24.51
C TYR B 765 -28.89 29.20 23.35
N THR B 766 -29.03 28.73 22.10
CA THR B 766 -29.21 29.64 20.98
C THR B 766 -30.54 30.35 21.07
N ARG B 767 -31.62 29.61 21.39
CA ARG B 767 -32.90 30.22 21.69
C ARG B 767 -32.82 31.17 22.87
N GLU B 768 -31.93 30.90 23.82
CA GLU B 768 -31.76 31.79 24.96
C GLU B 768 -31.11 33.11 24.55
N VAL B 769 -30.03 33.03 23.78
CA VAL B 769 -29.29 34.25 23.40
C VAL B 769 -30.09 35.08 22.40
N MET B 770 -30.95 34.43 21.61
CA MET B 770 -31.47 35.02 20.40
C MET B 770 -32.38 36.22 20.67
N LEU B 771 -33.14 36.17 21.77
CA LEU B 771 -34.10 37.25 22.04
C LEU B 771 -33.38 38.54 22.44
N ILE B 772 -32.39 38.45 23.32
CA ILE B 772 -31.55 39.61 23.67
C ILE B 772 -30.71 40.03 22.47
N LEU B 773 -30.40 39.11 21.57
CA LEU B 773 -29.68 39.45 20.35
C LEU B 773 -30.56 40.27 19.39
N ILE B 774 -31.84 39.87 19.23
CA ILE B 774 -32.87 40.68 18.55
C ILE B 774 -32.92 42.07 19.16
N ARG B 775 -32.95 42.13 20.49
CA ARG B 775 -32.93 43.38 21.23
C ARG B 775 -31.68 44.20 20.94
N GLU B 776 -30.57 43.53 20.61
CA GLU B 776 -29.33 44.21 20.32
C GLU B 776 -28.97 44.21 18.85
N PHE B 777 -29.95 44.07 17.96
CA PHE B 777 -29.68 44.23 16.52
C PHE B 777 -29.52 45.69 16.13
N GLN B 778 -30.44 46.55 16.58
CA GLN B 778 -30.51 47.90 16.07
C GLN B 778 -29.52 48.84 16.75
N SER B 779 -28.62 48.35 17.58
CA SER B 779 -27.57 49.18 18.12
C SER B 779 -26.62 49.61 17.01
N PRO B 780 -26.13 50.85 17.01
CA PRO B 780 -25.52 51.40 15.79
C PRO B 780 -24.11 50.93 15.46
N ASP B 781 -23.22 50.82 16.44
CA ASP B 781 -21.77 50.96 16.25
C ASP B 781 -21.18 49.85 15.36
N GLU B 782 -20.07 50.21 14.69
CA GLU B 782 -19.39 49.31 13.77
C GLU B 782 -18.87 48.06 14.48
N GLU B 783 -18.36 48.24 15.70
CA GLU B 783 -17.92 47.11 16.51
C GLU B 783 -19.09 46.20 16.84
N MET B 784 -20.23 46.81 17.16
CA MET B 784 -21.44 46.05 17.48
C MET B 784 -21.88 45.20 16.30
N LYS B 785 -21.83 45.75 15.08
CA LYS B 785 -22.21 44.97 13.92
C LYS B 785 -21.19 43.89 13.59
N LYS B 786 -19.90 44.17 13.88
CA LYS B 786 -18.88 43.13 13.81
C LYS B 786 -19.22 41.97 14.74
N ILE B 787 -19.63 42.29 15.97
CA ILE B 787 -19.84 41.27 16.99
C ILE B 787 -21.08 40.45 16.65
N VAL B 788 -22.24 41.09 16.52
CA VAL B 788 -23.46 40.29 16.34
C VAL B 788 -23.53 39.68 14.94
N LEU B 789 -22.82 40.25 13.97
CA LEU B 789 -22.71 39.61 12.67
C LEU B 789 -21.84 38.36 12.75
N LYS B 790 -20.74 38.44 13.53
CA LYS B 790 -19.96 37.26 13.86
C LYS B 790 -20.79 36.24 14.64
N VAL B 791 -21.69 36.73 15.50
CA VAL B 791 -22.47 35.86 16.36
C VAL B 791 -23.48 35.07 15.57
N VAL B 792 -24.18 35.73 14.64
CA VAL B 792 -25.13 34.97 13.83
C VAL B 792 -24.39 34.08 12.85
N LYS B 793 -23.16 34.45 12.47
CA LYS B 793 -22.35 33.58 11.62
C LYS B 793 -21.99 32.27 12.33
N GLN B 794 -21.58 32.36 13.60
CA GLN B 794 -21.10 31.15 14.27
C GLN B 794 -22.15 30.43 15.09
N CYS B 795 -23.25 31.08 15.46
CA CYS B 795 -24.37 30.34 16.00
C CYS B 795 -25.15 29.67 14.88
N CYS B 796 -25.07 30.23 13.67
CA CYS B 796 -25.56 29.51 12.51
C CYS B 796 -24.62 28.38 12.09
N GLY B 797 -23.37 28.40 12.54
CA GLY B 797 -22.39 27.42 12.12
C GLY B 797 -22.62 26.03 12.66
N THR B 798 -23.38 25.89 13.74
CA THR B 798 -23.67 24.58 14.30
C THR B 798 -24.71 23.88 13.43
N ASP B 799 -24.43 22.61 13.08
CA ASP B 799 -25.34 21.85 12.25
C ASP B 799 -26.67 21.58 12.93
N GLY B 800 -26.70 21.58 14.26
CA GLY B 800 -27.92 21.30 15.00
C GLY B 800 -28.95 22.41 14.97
N VAL B 801 -28.65 23.54 14.33
CA VAL B 801 -29.57 24.67 14.26
C VAL B 801 -30.49 24.48 13.06
N GLU B 802 -31.78 24.73 13.25
CA GLU B 802 -32.80 24.38 12.27
C GLU B 802 -33.08 25.53 11.30
N ALA B 803 -33.17 25.18 10.01
CA ALA B 803 -33.43 26.13 8.93
C ALA B 803 -34.82 26.75 9.00
N ASN B 804 -35.77 26.06 9.62
CA ASN B 804 -37.06 26.69 9.95
C ASN B 804 -36.85 27.88 10.87
N TYR B 805 -36.05 27.68 11.91
CA TYR B 805 -35.80 28.74 12.87
C TYR B 805 -34.94 29.86 12.28
N ILE B 806 -33.96 29.51 11.46
CA ILE B 806 -33.10 30.50 10.82
C ILE B 806 -33.91 31.34 9.85
N LYS B 807 -34.60 30.68 8.93
CA LYS B 807 -35.32 31.36 7.86
C LYS B 807 -36.50 32.15 8.40
N THR B 808 -37.36 31.51 9.17
CA THR B 808 -38.57 32.18 9.62
C THR B 808 -38.31 33.11 10.79
N GLU B 809 -37.30 32.84 11.61
CA GLU B 809 -37.10 33.63 12.82
C GLU B 809 -35.93 34.58 12.75
N ILE B 810 -34.78 34.15 12.27
CA ILE B 810 -33.61 35.03 12.34
C ILE B 810 -33.60 36.05 11.22
N LEU B 811 -33.96 35.64 10.01
CA LEU B 811 -33.71 36.45 8.82
C LEU B 811 -34.51 37.75 8.62
N PRO B 812 -35.83 37.84 8.87
CA PRO B 812 -36.55 39.10 8.52
C PRO B 812 -36.10 40.33 9.31
N PRO B 813 -35.74 40.26 10.60
CA PRO B 813 -35.07 41.43 11.18
C PRO B 813 -33.66 41.62 10.69
N PHE B 814 -33.02 40.57 10.20
CA PHE B 814 -31.64 40.68 9.74
C PHE B 814 -31.56 41.46 8.44
N PHE B 815 -32.28 41.02 7.41
CA PHE B 815 -32.35 41.77 6.16
C PHE B 815 -33.18 43.03 6.30
N LYS B 816 -34.04 43.12 7.32
CA LYS B 816 -34.77 44.33 7.58
C LYS B 816 -33.89 45.44 8.17
N HIS B 817 -32.94 45.09 9.04
CA HIS B 817 -32.20 46.10 9.79
C HIS B 817 -30.74 46.26 9.42
N PHE B 818 -30.13 45.30 8.73
CA PHE B 818 -28.68 45.35 8.52
C PHE B 818 -28.32 45.68 7.09
N TRP B 819 -29.05 46.59 6.47
CA TRP B 819 -28.74 47.07 5.12
C TRP B 819 -28.95 48.56 5.06
N GLN B 820 -27.88 49.30 4.80
CA GLN B 820 -27.95 50.68 4.39
C GLN B 820 -27.30 50.80 3.03
N HIS B 821 -27.61 51.89 2.34
CA HIS B 821 -26.78 52.33 1.24
C HIS B 821 -25.63 53.18 1.73
N ARG B 822 -25.49 53.29 3.04
CA ARG B 822 -24.36 53.87 3.74
C ARG B 822 -23.33 52.81 4.09
N MET B 823 -23.54 51.58 3.64
CA MET B 823 -22.68 50.43 3.91
C MET B 823 -21.50 50.32 2.97
N ALA B 824 -21.11 51.39 2.29
CA ALA B 824 -20.21 51.27 1.14
C ALA B 824 -18.74 51.22 1.54
N LEU B 825 -18.29 52.15 2.40
CA LEU B 825 -16.86 52.39 2.53
C LEU B 825 -16.16 51.33 3.34
N ASP B 826 -16.89 50.64 4.22
CA ASP B 826 -16.26 49.69 5.12
C ASP B 826 -16.01 48.37 4.40
N ARG B 827 -14.73 48.00 4.27
CA ARG B 827 -14.42 46.68 3.74
C ARG B 827 -14.61 45.61 4.80
N ARG B 828 -14.54 45.99 6.08
CA ARG B 828 -14.67 45.00 7.15
C ARG B 828 -16.10 44.53 7.30
N ASN B 829 -17.05 45.46 7.27
CA ASN B 829 -18.45 45.08 7.33
C ASN B 829 -19.07 44.85 5.97
N TYR B 830 -18.43 45.36 4.91
CA TYR B 830 -18.73 44.94 3.55
C TYR B 830 -18.51 43.44 3.44
N ARG B 831 -17.24 43.04 3.57
CA ARG B 831 -16.87 41.64 3.38
C ARG B 831 -17.42 40.75 4.49
N GLN B 832 -17.57 41.29 5.70
CA GLN B 832 -18.12 40.50 6.78
C GLN B 832 -19.62 40.28 6.62
N LEU B 833 -20.34 41.30 6.14
CA LEU B 833 -21.75 41.11 5.84
C LEU B 833 -21.94 40.13 4.68
N VAL B 834 -21.04 40.22 3.69
CA VAL B 834 -21.06 39.31 2.55
C VAL B 834 -20.85 37.87 3.00
N ASP B 835 -19.74 37.62 3.72
CA ASP B 835 -19.40 36.26 4.11
C ASP B 835 -20.39 35.69 5.11
N THR B 836 -20.96 36.57 5.94
CA THR B 836 -21.97 36.13 6.89
C THR B 836 -23.24 35.69 6.19
N THR B 837 -23.71 36.49 5.23
CA THR B 837 -24.92 36.13 4.52
C THR B 837 -24.71 34.93 3.60
N VAL B 838 -23.49 34.78 3.08
CA VAL B 838 -23.12 33.58 2.31
C VAL B 838 -23.19 32.34 3.18
N GLU B 839 -22.59 32.39 4.37
CA GLU B 839 -22.62 31.22 5.24
C GLU B 839 -24.00 30.97 5.83
N LEU B 840 -24.87 31.99 5.83
CA LEU B 840 -26.28 31.73 6.01
C LEU B 840 -26.82 30.89 4.86
N ALA B 841 -26.51 31.31 3.63
CA ALA B 841 -27.16 30.75 2.46
C ALA B 841 -26.75 29.31 2.19
N ASN B 842 -25.49 28.94 2.53
CA ASN B 842 -25.03 27.57 2.34
C ASN B 842 -25.78 26.56 3.19
N LYS B 843 -26.45 27.02 4.25
CA LYS B 843 -27.33 26.16 5.01
C LYS B 843 -28.80 26.39 4.71
N VAL B 844 -29.23 27.63 4.46
CA VAL B 844 -30.65 27.92 4.41
C VAL B 844 -31.25 27.82 3.00
N GLY B 845 -30.47 27.99 1.96
CA GLY B 845 -31.02 27.96 0.60
C GLY B 845 -30.73 29.24 -0.16
N ALA B 846 -31.19 29.24 -1.41
CA ALA B 846 -30.79 30.26 -2.38
C ALA B 846 -31.91 31.20 -2.78
N ALA B 847 -33.06 30.65 -3.17
CA ALA B 847 -34.12 31.45 -3.78
C ALA B 847 -34.78 32.37 -2.78
N GLU B 848 -34.72 32.03 -1.50
CA GLU B 848 -35.29 32.89 -0.49
C GLU B 848 -34.37 34.07 -0.22
N ILE B 849 -33.06 33.82 -0.22
CA ILE B 849 -32.09 34.86 0.10
C ILE B 849 -32.00 35.87 -1.04
N ILE B 850 -31.91 35.38 -2.27
CA ILE B 850 -31.90 36.30 -3.40
C ILE B 850 -33.29 36.90 -3.61
N SER B 851 -34.34 36.13 -3.31
CA SER B 851 -35.70 36.65 -3.45
C SER B 851 -36.06 37.66 -2.39
N ARG B 852 -35.20 37.87 -1.39
CA ARG B 852 -35.34 39.03 -0.52
C ARG B 852 -34.41 40.18 -0.90
N ILE B 853 -33.67 40.08 -1.99
CA ILE B 853 -32.94 41.22 -2.54
C ILE B 853 -33.17 41.38 -4.04
N VAL B 854 -34.27 40.82 -4.57
CA VAL B 854 -34.60 41.03 -5.98
C VAL B 854 -34.95 42.50 -6.24
N ASP B 855 -35.92 43.03 -5.50
CA ASP B 855 -36.29 44.43 -5.69
C ASP B 855 -35.23 45.38 -5.14
N ASP B 856 -34.28 44.87 -4.34
CA ASP B 856 -33.19 45.69 -3.85
C ASP B 856 -32.19 46.04 -4.94
N LEU B 857 -32.25 45.39 -6.09
CA LEU B 857 -31.26 45.60 -7.14
C LEU B 857 -31.39 46.97 -7.81
N LYS B 858 -32.60 47.52 -7.85
CA LYS B 858 -32.89 48.72 -8.63
C LYS B 858 -32.55 49.94 -7.80
N ASP B 859 -31.27 50.30 -7.76
CA ASP B 859 -30.80 51.41 -6.94
C ASP B 859 -29.85 52.30 -7.71
N GLU B 860 -29.82 53.57 -7.28
CA GLU B 860 -28.86 54.56 -7.70
C GLU B 860 -27.54 54.44 -7.00
N ALA B 861 -27.22 53.32 -6.34
CA ALA B 861 -26.07 53.29 -5.45
C ALA B 861 -25.07 52.25 -5.93
N GLU B 862 -23.84 52.72 -6.20
CA GLU B 862 -22.84 51.98 -6.96
C GLU B 862 -22.29 50.81 -6.17
N GLN B 863 -21.62 51.09 -5.06
CA GLN B 863 -21.03 50.06 -4.21
C GLN B 863 -22.08 49.16 -3.60
N TYR B 864 -23.30 49.67 -3.40
CA TYR B 864 -24.44 48.87 -3.00
C TYR B 864 -24.76 47.81 -4.04
N ARG B 865 -24.88 48.22 -5.31
CA ARG B 865 -25.13 47.25 -6.37
C ARG B 865 -23.96 46.31 -6.58
N LYS B 866 -22.73 46.76 -6.30
CA LYS B 866 -21.59 45.85 -6.26
C LYS B 866 -21.76 44.79 -5.17
N MET B 867 -22.31 45.20 -4.02
CA MET B 867 -22.50 44.29 -2.89
C MET B 867 -23.52 43.20 -3.20
N VAL B 868 -24.71 43.59 -3.68
CA VAL B 868 -25.71 42.56 -4.00
C VAL B 868 -25.34 41.76 -5.22
N MET B 869 -24.51 42.33 -6.10
CA MET B 869 -23.99 41.56 -7.22
C MET B 869 -23.10 40.42 -6.73
N GLU B 870 -22.17 40.75 -5.82
CA GLU B 870 -21.34 39.71 -5.19
C GLU B 870 -22.17 38.72 -4.40
N THR B 871 -23.29 39.18 -3.84
CA THR B 871 -24.17 38.32 -3.06
C THR B 871 -24.81 37.25 -3.93
N ILE B 872 -25.55 37.68 -4.97
CA ILE B 872 -26.20 36.76 -5.89
C ILE B 872 -25.19 35.87 -6.58
N GLU B 873 -23.99 36.38 -6.86
CA GLU B 873 -23.00 35.58 -7.56
C GLU B 873 -22.40 34.49 -6.67
N LYS B 874 -22.14 34.80 -5.39
CA LYS B 874 -21.64 33.76 -4.50
C LYS B 874 -22.71 32.73 -4.17
N ILE B 875 -23.98 33.14 -4.08
CA ILE B 875 -25.04 32.19 -3.80
C ILE B 875 -25.26 31.25 -4.98
N MET B 876 -25.30 31.81 -6.20
CA MET B 876 -25.45 30.95 -7.37
C MET B 876 -24.20 30.12 -7.64
N GLY B 877 -23.03 30.63 -7.25
CA GLY B 877 -21.81 29.88 -7.45
C GLY B 877 -21.62 28.77 -6.43
N ASN B 878 -22.30 28.86 -5.29
CA ASN B 878 -22.22 27.82 -4.27
C ASN B 878 -23.37 26.82 -4.37
N LEU B 879 -24.57 27.30 -4.61
CA LEU B 879 -25.77 26.46 -4.61
C LEU B 879 -26.34 26.23 -5.99
N GLY B 880 -26.15 27.16 -6.91
CA GLY B 880 -26.59 26.98 -8.28
C GLY B 880 -27.99 27.48 -8.57
N ALA B 881 -28.54 27.05 -9.71
CA ALA B 881 -29.86 27.47 -10.15
C ALA B 881 -30.87 26.33 -10.15
N ALA B 882 -30.50 25.15 -9.65
CA ALA B 882 -31.45 24.06 -9.53
C ALA B 882 -32.50 24.34 -8.47
N ASP B 883 -32.21 25.22 -7.53
CA ASP B 883 -33.23 25.71 -6.61
C ASP B 883 -33.97 26.92 -7.19
N ILE B 884 -33.29 27.71 -8.03
CA ILE B 884 -33.88 28.91 -8.60
C ILE B 884 -34.93 28.53 -9.64
N ASP B 885 -36.09 29.16 -9.57
CA ASP B 885 -37.24 28.70 -10.34
C ASP B 885 -37.99 29.79 -11.10
N HIS B 886 -39.13 29.39 -11.67
CA HIS B 886 -40.04 30.27 -12.40
C HIS B 886 -40.79 31.18 -11.43
N LYS B 887 -41.24 32.33 -11.97
CA LYS B 887 -41.84 33.49 -11.29
C LYS B 887 -40.83 34.22 -10.40
N LEU B 888 -39.60 33.73 -10.37
CA LEU B 888 -38.44 34.35 -9.80
C LEU B 888 -37.47 34.77 -10.88
N GLU B 889 -37.18 33.83 -11.81
CA GLU B 889 -36.17 34.03 -12.84
C GLU B 889 -36.50 35.19 -13.78
N GLU B 890 -37.80 35.46 -13.99
CA GLU B 890 -38.21 36.59 -14.80
C GLU B 890 -37.72 37.91 -14.21
N GLN B 891 -38.04 38.14 -12.94
CA GLN B 891 -37.58 39.34 -12.27
C GLN B 891 -36.08 39.29 -11.99
N LEU B 892 -35.48 38.11 -11.99
CA LEU B 892 -34.03 38.01 -11.88
C LEU B 892 -33.35 38.59 -13.09
N ILE B 893 -33.70 38.09 -14.29
CA ILE B 893 -33.05 38.55 -15.51
C ILE B 893 -33.46 39.99 -15.80
N ASP B 894 -34.68 40.37 -15.44
CA ASP B 894 -35.07 41.77 -15.52
C ASP B 894 -34.23 42.63 -14.59
N GLY B 895 -33.85 42.07 -13.44
CA GLY B 895 -32.97 42.79 -12.53
C GLY B 895 -31.55 42.92 -13.08
N ILE B 896 -30.99 41.80 -13.56
CA ILE B 896 -29.58 41.77 -13.96
C ILE B 896 -29.36 42.63 -15.20
N LEU B 897 -30.23 42.48 -16.19
CA LEU B 897 -30.09 43.34 -17.36
C LEU B 897 -30.49 44.77 -17.04
N TYR B 898 -31.41 44.96 -16.08
CA TYR B 898 -31.84 46.28 -15.69
C TYR B 898 -30.69 47.12 -15.13
N ALA B 899 -30.04 46.61 -14.08
CA ALA B 899 -28.87 47.30 -13.56
C ALA B 899 -27.70 47.23 -14.52
N PHE B 900 -27.68 46.22 -15.37
CA PHE B 900 -26.61 46.06 -16.33
C PHE B 900 -26.65 47.14 -17.41
N GLN B 901 -27.82 47.74 -17.63
CA GLN B 901 -27.93 48.81 -18.61
C GLN B 901 -27.15 50.05 -18.19
N GLU B 902 -27.06 50.34 -16.89
CA GLU B 902 -26.30 51.50 -16.43
C GLU B 902 -25.11 51.03 -15.59
N GLN B 903 -23.92 51.04 -16.20
CA GLN B 903 -22.67 50.56 -15.60
C GLN B 903 -21.54 51.36 -16.25
N THR B 904 -20.76 52.11 -15.47
CA THR B 904 -19.68 52.95 -16.01
C THR B 904 -18.28 52.53 -15.55
N THR B 905 -18.05 52.46 -14.25
CA THR B 905 -16.71 52.25 -13.74
C THR B 905 -16.34 50.77 -13.85
N GLU B 906 -15.05 50.50 -14.04
CA GLU B 906 -14.50 49.15 -14.14
C GLU B 906 -14.70 48.41 -12.83
N ASP B 907 -15.58 47.41 -12.83
CA ASP B 907 -15.72 46.47 -11.72
C ASP B 907 -15.68 45.06 -12.27
N SER B 908 -15.15 44.12 -11.48
CA SER B 908 -15.03 42.74 -11.93
C SER B 908 -16.24 41.90 -11.56
N VAL B 909 -17.10 42.40 -10.68
CA VAL B 909 -18.18 41.59 -10.13
C VAL B 909 -19.36 41.48 -11.09
N MET B 910 -19.47 42.37 -12.07
CA MET B 910 -20.52 42.22 -13.08
C MET B 910 -20.11 41.21 -14.15
N LEU B 911 -18.80 41.15 -14.44
CA LEU B 911 -18.29 40.26 -15.47
C LEU B 911 -18.10 38.84 -14.96
N ASN B 912 -17.31 38.68 -13.88
CA ASN B 912 -17.27 37.42 -13.14
C ASN B 912 -18.64 37.07 -12.60
N GLY B 913 -19.40 38.10 -12.21
CA GLY B 913 -20.74 37.98 -11.71
C GLY B 913 -21.70 37.34 -12.68
N PHE B 914 -21.97 38.05 -13.79
CA PHE B 914 -22.86 37.56 -14.82
C PHE B 914 -22.30 36.32 -15.53
N GLY B 915 -20.98 36.14 -15.49
CA GLY B 915 -20.39 34.90 -15.99
C GLY B 915 -20.80 33.69 -15.17
N THR B 916 -20.70 33.80 -13.84
CA THR B 916 -21.16 32.70 -12.98
C THR B 916 -22.67 32.55 -13.02
N VAL B 917 -23.39 33.67 -13.23
CA VAL B 917 -24.84 33.62 -13.40
C VAL B 917 -25.22 32.79 -14.62
N VAL B 918 -24.54 33.02 -15.74
CA VAL B 918 -24.87 32.26 -16.95
C VAL B 918 -24.33 30.83 -16.86
N ASN B 919 -23.26 30.63 -16.09
CA ASN B 919 -22.79 29.30 -15.72
C ASN B 919 -23.87 28.52 -14.97
N ALA B 920 -24.69 29.19 -14.17
CA ALA B 920 -25.83 28.51 -13.56
C ALA B 920 -27.07 28.49 -14.43
N LEU B 921 -27.24 29.45 -15.32
CA LEU B 921 -28.42 29.47 -16.18
C LEU B 921 -28.35 28.38 -17.26
N GLY B 922 -27.38 28.50 -18.17
CA GLY B 922 -27.27 27.50 -19.22
C GLY B 922 -28.41 27.59 -20.23
N LYS B 923 -28.91 26.42 -20.65
CA LYS B 923 -30.00 26.34 -21.62
C LYS B 923 -31.34 26.83 -21.05
N ARG B 924 -31.46 26.93 -19.71
CA ARG B 924 -32.72 27.18 -19.03
C ARG B 924 -33.33 28.52 -19.39
N VAL B 925 -32.50 29.49 -19.75
CA VAL B 925 -32.98 30.76 -20.25
C VAL B 925 -33.33 30.59 -21.74
N LYS B 926 -34.50 30.00 -21.98
CA LYS B 926 -34.89 29.84 -23.37
C LYS B 926 -35.49 31.11 -23.98
N PRO B 927 -36.55 31.76 -23.42
CA PRO B 927 -37.23 32.77 -24.25
C PRO B 927 -36.58 34.15 -24.30
N TYR B 928 -35.31 34.31 -23.90
CA TYR B 928 -34.77 35.64 -23.63
C TYR B 928 -33.56 36.07 -24.45
N LEU B 929 -32.86 35.14 -25.10
CA LEU B 929 -31.49 35.38 -25.56
C LEU B 929 -31.23 36.56 -26.50
N PRO B 930 -32.08 36.90 -27.49
CA PRO B 930 -31.79 38.09 -28.30
C PRO B 930 -31.87 39.40 -27.52
N GLN B 931 -32.51 39.44 -26.35
CA GLN B 931 -32.41 40.61 -25.51
C GLN B 931 -31.04 40.70 -24.87
N ILE B 932 -30.50 39.55 -24.43
CA ILE B 932 -29.17 39.50 -23.83
C ILE B 932 -28.13 39.96 -24.84
N CYS B 933 -28.04 39.25 -25.97
CA CYS B 933 -27.00 39.56 -26.94
C CYS B 933 -27.27 40.84 -27.71
N GLY B 934 -28.55 41.24 -27.84
CA GLY B 934 -28.84 42.54 -28.41
C GLY B 934 -28.40 43.67 -27.52
N THR B 935 -28.61 43.53 -26.21
CA THR B 935 -28.03 44.47 -25.25
C THR B 935 -26.50 44.42 -25.26
N VAL B 936 -25.91 43.24 -25.55
CA VAL B 936 -24.46 43.13 -25.66
C VAL B 936 -23.95 43.95 -26.83
N LEU B 937 -24.61 43.84 -27.97
CA LEU B 937 -24.22 44.63 -29.13
C LEU B 937 -24.45 46.12 -28.90
N TRP B 938 -25.49 46.45 -28.11
CA TRP B 938 -25.74 47.84 -27.71
C TRP B 938 -24.59 48.40 -26.90
N ARG B 939 -24.06 47.60 -25.97
CA ARG B 939 -22.90 48.08 -25.24
C ARG B 939 -21.63 47.98 -26.08
N LEU B 940 -21.68 47.27 -27.21
CA LEU B 940 -20.52 47.01 -28.02
C LEU B 940 -20.35 48.01 -29.14
N ASN B 941 -21.34 48.84 -29.42
CA ASN B 941 -21.16 49.80 -30.49
C ASN B 941 -20.34 51.02 -30.10
N ASN B 942 -19.96 51.18 -28.84
CA ASN B 942 -19.58 52.52 -28.42
C ASN B 942 -18.74 52.43 -27.15
N LYS B 943 -18.62 53.56 -26.43
CA LYS B 943 -18.30 53.64 -25.00
C LYS B 943 -16.82 53.41 -24.68
N SER B 944 -15.93 53.89 -25.56
CA SER B 944 -14.47 54.05 -25.28
C SER B 944 -13.80 52.75 -24.87
N ALA B 945 -14.34 51.63 -25.37
CA ALA B 945 -13.82 50.26 -25.27
C ALA B 945 -13.83 49.67 -23.87
N LYS B 946 -14.18 50.48 -22.87
CA LYS B 946 -14.11 50.02 -21.49
C LYS B 946 -15.23 49.06 -21.15
N VAL B 947 -16.35 49.13 -21.89
CA VAL B 947 -17.35 48.08 -21.80
C VAL B 947 -17.38 47.24 -23.07
N ARG B 948 -16.67 47.63 -24.12
CA ARG B 948 -16.41 46.67 -25.18
C ARG B 948 -15.43 45.61 -24.72
N GLN B 949 -14.55 45.96 -23.78
CA GLN B 949 -13.70 44.94 -23.20
C GLN B 949 -14.47 44.06 -22.22
N GLN B 950 -15.33 44.64 -21.38
CA GLN B 950 -16.01 43.83 -20.38
C GLN B 950 -17.11 43.01 -21.03
N ALA B 951 -17.82 43.62 -21.96
CA ALA B 951 -18.79 42.88 -22.74
C ALA B 951 -18.11 41.87 -23.65
N ALA B 952 -16.95 42.20 -24.21
CA ALA B 952 -16.23 41.26 -25.05
C ALA B 952 -15.79 40.02 -24.28
N ASP B 953 -15.18 40.21 -23.11
CA ASP B 953 -14.94 39.14 -22.15
C ASP B 953 -16.21 38.38 -21.81
N LEU B 954 -17.33 39.09 -21.77
CA LEU B 954 -18.57 38.45 -21.37
C LEU B 954 -19.09 37.53 -22.47
N ILE B 955 -18.87 37.87 -23.75
CA ILE B 955 -19.13 36.89 -24.80
C ILE B 955 -18.20 35.69 -24.62
N SER B 956 -16.95 35.97 -24.24
CA SER B 956 -15.96 34.90 -24.09
C SER B 956 -16.27 33.98 -22.92
N ARG B 957 -17.13 34.40 -22.00
CA ARG B 957 -17.66 33.46 -21.02
C ARG B 957 -19.19 33.35 -21.08
N THR B 958 -19.79 33.57 -22.25
CA THR B 958 -21.14 33.09 -22.54
C THR B 958 -21.20 32.29 -23.83
N ALA B 959 -20.05 31.86 -24.36
CA ALA B 959 -20.01 31.14 -25.63
C ALA B 959 -20.69 29.76 -25.57
N VAL B 960 -20.52 29.04 -24.46
CA VAL B 960 -20.90 27.63 -24.41
C VAL B 960 -22.42 27.45 -24.37
N VAL B 961 -23.14 28.41 -23.77
CA VAL B 961 -24.58 28.41 -23.82
C VAL B 961 -25.05 28.68 -25.24
N MET B 962 -24.37 29.58 -25.96
CA MET B 962 -24.71 29.84 -27.35
C MET B 962 -24.35 28.68 -28.26
N LYS B 963 -23.49 27.76 -27.83
CA LYS B 963 -23.49 26.46 -28.48
C LYS B 963 -24.76 25.70 -28.14
N THR B 964 -25.09 25.61 -26.85
CA THR B 964 -26.21 24.79 -26.41
C THR B 964 -27.57 25.51 -26.49
N CYS B 965 -27.69 26.57 -27.29
CA CYS B 965 -28.91 27.36 -27.29
C CYS B 965 -29.90 26.96 -28.38
N GLN B 966 -29.39 26.40 -29.49
CA GLN B 966 -30.16 26.18 -30.73
C GLN B 966 -30.73 27.51 -31.25
N GLU B 967 -29.86 28.50 -31.36
CA GLU B 967 -30.06 29.67 -32.22
C GLU B 967 -28.72 29.96 -32.87
N GLU B 968 -28.72 30.11 -34.18
CA GLU B 968 -27.47 30.04 -34.92
C GLU B 968 -27.16 31.28 -35.76
N LYS B 969 -28.04 32.28 -35.80
CA LYS B 969 -27.84 33.40 -36.72
C LYS B 969 -27.17 34.60 -36.05
N LEU B 970 -27.49 34.83 -34.78
CA LEU B 970 -27.11 36.06 -34.08
C LEU B 970 -25.61 36.09 -33.80
N MET B 971 -25.06 34.97 -33.32
CA MET B 971 -23.63 34.81 -33.12
C MET B 971 -22.87 34.87 -34.42
N GLY B 972 -23.52 34.54 -35.53
CA GLY B 972 -22.97 34.89 -36.82
C GLY B 972 -22.96 36.39 -37.05
N HIS B 973 -24.01 37.08 -36.57
CA HIS B 973 -24.09 38.51 -36.82
C HIS B 973 -23.06 39.31 -36.05
N LEU B 974 -22.97 39.13 -34.72
CA LEU B 974 -21.83 39.76 -34.05
C LEU B 974 -20.53 39.03 -34.35
N GLY B 975 -20.60 37.84 -34.95
CA GLY B 975 -19.43 37.25 -35.55
C GLY B 975 -18.81 38.12 -36.62
N VAL B 976 -19.63 38.61 -37.56
CA VAL B 976 -19.06 39.46 -38.60
C VAL B 976 -18.84 40.88 -38.09
N VAL B 977 -19.57 41.28 -37.05
CA VAL B 977 -19.30 42.58 -36.44
C VAL B 977 -17.92 42.56 -35.76
N LEU B 978 -17.57 41.45 -35.12
CA LEU B 978 -16.22 41.28 -34.61
C LEU B 978 -15.20 41.05 -35.71
N TYR B 979 -15.62 40.45 -36.82
CA TYR B 979 -14.74 40.27 -37.97
C TYR B 979 -14.34 41.61 -38.57
N GLU B 980 -15.19 42.62 -38.43
CA GLU B 980 -14.75 43.99 -38.63
C GLU B 980 -13.75 44.43 -37.56
N TYR B 981 -13.91 43.93 -36.35
CA TYR B 981 -13.25 44.51 -35.18
C TYR B 981 -11.87 43.88 -35.01
N LEU B 982 -10.94 44.31 -35.88
CA LEU B 982 -9.57 43.82 -35.78
C LEU B 982 -8.54 44.93 -35.80
N GLY B 983 -8.96 46.19 -35.81
CA GLY B 983 -7.98 47.26 -35.87
C GLY B 983 -8.09 48.20 -34.69
N GLU B 984 -7.06 48.19 -33.83
CA GLU B 984 -7.02 49.02 -32.63
C GLU B 984 -5.62 49.11 -32.03
N GLU B 985 -5.17 50.31 -31.66
CA GLU B 985 -3.90 50.46 -30.97
C GLU B 985 -4.00 50.29 -29.46
N TYR B 986 -5.13 49.81 -28.95
CA TYR B 986 -5.32 49.65 -27.51
C TYR B 986 -5.26 48.17 -27.19
N PRO B 987 -4.12 47.64 -26.84
CA PRO B 987 -3.88 46.21 -26.95
C PRO B 987 -4.52 45.41 -25.83
N GLU B 988 -4.66 46.04 -24.66
CA GLU B 988 -5.29 45.38 -23.54
C GLU B 988 -6.75 45.07 -23.82
N VAL B 989 -7.42 45.93 -24.58
CA VAL B 989 -8.76 45.62 -25.02
C VAL B 989 -8.73 44.66 -26.21
N LEU B 990 -7.68 44.80 -27.03
CA LEU B 990 -7.56 43.99 -28.24
C LEU B 990 -7.44 42.51 -27.91
N GLY B 991 -6.80 42.20 -26.79
CA GLY B 991 -6.75 40.83 -26.36
C GLY B 991 -8.09 40.29 -25.91
N SER B 992 -8.99 41.18 -25.48
CA SER B 992 -10.33 40.71 -25.14
C SER B 992 -11.19 40.48 -26.36
N ILE B 993 -11.06 41.33 -27.38
CA ILE B 993 -11.74 41.04 -28.65
C ILE B 993 -11.23 39.71 -29.22
N LEU B 994 -9.91 39.50 -29.20
CA LEU B 994 -9.34 38.27 -29.73
C LEU B 994 -9.68 37.05 -28.89
N GLY B 995 -9.82 37.21 -27.58
CA GLY B 995 -10.15 36.09 -26.74
C GLY B 995 -11.60 35.75 -26.87
N ALA B 996 -12.42 36.77 -27.14
CA ALA B 996 -13.80 36.54 -27.53
C ALA B 996 -13.86 35.80 -28.85
N LEU B 997 -12.96 36.13 -29.78
CA LEU B 997 -12.88 35.41 -31.04
C LEU B 997 -12.45 33.97 -30.82
N LYS B 998 -11.56 33.73 -29.85
CA LYS B 998 -11.10 32.37 -29.58
C LYS B 998 -12.21 31.53 -28.96
N ALA B 999 -12.94 32.09 -27.99
CA ALA B 999 -14.01 31.35 -27.36
C ALA B 999 -15.19 31.15 -28.31
N ILE B 1000 -15.39 32.07 -29.25
CA ILE B 1000 -16.42 31.88 -30.26
C ILE B 1000 -16.02 30.75 -31.22
N VAL B 1001 -14.79 30.83 -31.75
CA VAL B 1001 -14.35 29.89 -32.78
C VAL B 1001 -14.20 28.49 -32.20
N ASN B 1002 -13.89 28.40 -30.91
CA ASN B 1002 -13.87 27.14 -30.18
C ASN B 1002 -15.21 26.44 -30.17
N VAL B 1003 -16.32 27.18 -30.15
CA VAL B 1003 -17.63 26.59 -29.99
C VAL B 1003 -18.51 26.71 -31.25
N ILE B 1004 -18.18 27.59 -32.20
CA ILE B 1004 -19.03 27.79 -33.36
C ILE B 1004 -18.87 26.60 -34.31
N GLY B 1005 -19.97 26.21 -34.96
CA GLY B 1005 -19.93 25.10 -35.89
C GLY B 1005 -19.15 25.47 -37.12
N MET B 1006 -18.07 24.73 -37.41
CA MET B 1006 -17.20 25.07 -38.52
C MET B 1006 -17.90 24.86 -39.87
N HIS B 1007 -18.85 23.94 -39.94
CA HIS B 1007 -19.76 23.92 -41.07
C HIS B 1007 -20.64 25.16 -41.04
N LYS B 1008 -20.70 25.85 -42.19
CA LYS B 1008 -21.45 27.11 -42.37
C LYS B 1008 -20.95 28.21 -41.44
N MET B 1009 -19.65 28.47 -41.46
CA MET B 1009 -19.11 29.70 -40.90
C MET B 1009 -19.65 30.86 -41.72
N THR B 1010 -20.37 31.77 -41.06
CA THR B 1010 -20.66 33.06 -41.69
C THR B 1010 -19.41 33.79 -42.18
N PRO B 1011 -18.28 33.88 -41.46
CA PRO B 1011 -17.12 34.55 -42.06
C PRO B 1011 -16.37 33.63 -43.01
N PRO B 1012 -15.70 34.19 -44.02
CA PRO B 1012 -14.75 33.42 -44.82
C PRO B 1012 -13.36 33.41 -44.17
N ILE B 1013 -12.85 32.22 -43.92
CA ILE B 1013 -11.61 32.11 -43.16
C ILE B 1013 -10.42 32.43 -44.05
N LYS B 1014 -10.59 32.29 -45.37
CA LYS B 1014 -9.53 32.59 -46.32
C LYS B 1014 -9.22 34.07 -46.40
N ASP B 1015 -10.10 34.92 -45.89
CA ASP B 1015 -9.82 36.33 -45.70
C ASP B 1015 -9.75 36.71 -44.24
N LEU B 1016 -10.23 35.85 -43.34
CA LEU B 1016 -9.99 36.03 -41.92
C LEU B 1016 -8.51 35.89 -41.60
N LEU B 1017 -7.92 34.77 -41.99
CA LEU B 1017 -6.53 34.48 -41.64
C LEU B 1017 -5.48 35.46 -42.16
N PRO B 1018 -5.54 36.03 -43.38
CA PRO B 1018 -4.57 37.07 -43.72
C PRO B 1018 -4.78 38.38 -42.98
N ARG B 1019 -6.00 38.71 -42.61
CA ARG B 1019 -6.24 39.82 -41.69
C ARG B 1019 -5.79 39.48 -40.28
N LEU B 1020 -5.69 38.19 -39.97
CA LEU B 1020 -5.24 37.68 -38.69
C LEU B 1020 -3.71 37.59 -38.60
N THR B 1021 -3.03 37.54 -39.73
CA THR B 1021 -1.56 37.52 -39.76
C THR B 1021 -0.81 38.72 -39.17
N PRO B 1022 -1.13 40.00 -39.45
CA PRO B 1022 -0.21 41.07 -39.01
C PRO B 1022 -0.26 41.37 -37.52
N ILE B 1023 -1.09 40.66 -36.75
CA ILE B 1023 -1.11 40.83 -35.30
C ILE B 1023 0.16 40.25 -34.69
N LEU B 1024 0.71 39.20 -35.30
CA LEU B 1024 1.77 38.40 -34.68
C LEU B 1024 3.16 38.96 -34.89
N LYS B 1025 3.28 40.26 -35.16
CA LYS B 1025 4.55 40.95 -35.03
C LYS B 1025 4.52 41.96 -33.88
N ASN B 1026 3.63 41.77 -32.92
CA ASN B 1026 3.37 42.77 -31.89
C ASN B 1026 4.36 42.56 -30.75
N ARG B 1027 4.14 43.27 -29.64
CA ARG B 1027 5.04 43.28 -28.51
C ARG B 1027 4.40 42.71 -27.26
N HIS B 1028 3.08 42.77 -27.13
CA HIS B 1028 2.41 42.55 -25.86
C HIS B 1028 1.89 41.14 -25.74
N GLU B 1029 2.07 40.58 -24.55
CA GLU B 1029 1.97 39.14 -24.36
C GLU B 1029 0.54 38.66 -24.46
N LYS B 1030 -0.41 39.53 -24.13
CA LYS B 1030 -1.82 39.19 -24.19
C LYS B 1030 -2.27 38.95 -25.63
N VAL B 1031 -1.97 39.90 -26.52
CA VAL B 1031 -2.40 39.76 -27.91
C VAL B 1031 -1.54 38.72 -28.63
N GLN B 1032 -0.28 38.57 -28.21
CA GLN B 1032 0.58 37.54 -28.82
C GLN B 1032 0.07 36.14 -28.51
N GLU B 1033 -0.08 35.81 -27.22
CA GLU B 1033 -0.56 34.50 -26.81
C GLU B 1033 -1.96 34.23 -27.32
N ASN B 1034 -2.80 35.27 -27.27
CA ASN B 1034 -4.18 35.13 -27.69
C ASN B 1034 -4.29 34.84 -29.18
N CYS B 1035 -3.49 35.54 -29.99
CA CYS B 1035 -3.58 35.35 -31.43
C CYS B 1035 -2.93 34.05 -31.88
N ILE B 1036 -1.83 33.66 -31.25
CA ILE B 1036 -1.21 32.35 -31.52
C ILE B 1036 -2.18 31.23 -31.20
N ASP B 1037 -2.86 31.35 -30.07
CA ASP B 1037 -3.92 30.39 -29.74
C ASP B 1037 -5.07 30.41 -30.72
N LEU B 1038 -5.37 31.56 -31.33
CA LEU B 1038 -6.42 31.59 -32.34
C LEU B 1038 -5.99 30.82 -33.58
N VAL B 1039 -4.71 30.97 -33.98
CA VAL B 1039 -4.15 30.20 -35.08
C VAL B 1039 -4.26 28.71 -34.80
N GLY B 1040 -4.00 28.32 -33.56
CA GLY B 1040 -4.05 26.91 -33.23
C GLY B 1040 -5.43 26.34 -33.05
N ARG B 1041 -6.43 27.16 -32.74
CA ARG B 1041 -7.78 26.59 -32.71
C ARG B 1041 -8.35 26.45 -34.11
N ILE B 1042 -8.07 27.42 -34.99
CA ILE B 1042 -8.50 27.29 -36.38
C ILE B 1042 -7.82 26.12 -37.05
N ALA B 1043 -6.50 25.98 -36.85
CA ALA B 1043 -5.77 24.81 -37.31
C ALA B 1043 -6.20 23.55 -36.60
N ASP B 1044 -6.69 23.67 -35.38
CA ASP B 1044 -7.18 22.50 -34.65
C ASP B 1044 -8.49 22.01 -35.21
N ARG B 1045 -9.27 22.88 -35.85
CA ARG B 1045 -10.61 22.48 -36.27
C ARG B 1045 -10.78 22.41 -37.79
N GLY B 1046 -10.62 23.51 -38.49
CA GLY B 1046 -11.14 23.57 -39.85
C GLY B 1046 -10.13 23.30 -40.93
N ALA B 1047 -9.32 22.25 -40.76
CA ALA B 1047 -8.11 22.02 -41.54
C ALA B 1047 -8.38 21.66 -43.01
N GLU B 1048 -9.63 21.55 -43.43
CA GLU B 1048 -9.97 21.21 -44.80
C GLU B 1048 -10.14 22.44 -45.69
N TYR B 1049 -9.65 23.61 -45.26
CA TYR B 1049 -9.99 24.86 -45.92
C TYR B 1049 -8.79 25.53 -46.59
N VAL B 1050 -7.74 25.85 -45.84
CA VAL B 1050 -6.90 27.02 -46.13
C VAL B 1050 -5.68 26.62 -46.94
N SER B 1051 -5.26 27.52 -47.83
CA SER B 1051 -4.14 27.31 -48.73
C SER B 1051 -2.81 27.17 -47.98
N ALA B 1052 -2.05 26.17 -48.40
CA ALA B 1052 -0.78 25.82 -47.78
C ALA B 1052 0.29 26.88 -47.96
N ARG B 1053 0.10 27.81 -48.91
CA ARG B 1053 0.97 28.98 -48.98
C ARG B 1053 0.83 29.83 -47.72
N GLU B 1054 -0.41 30.13 -47.36
CA GLU B 1054 -0.69 30.88 -46.15
C GLU B 1054 -0.27 30.10 -44.91
N TRP B 1055 -0.48 28.77 -44.91
CA TRP B 1055 0.02 27.95 -43.81
C TRP B 1055 1.53 28.01 -43.70
N MET B 1056 2.22 28.11 -44.84
CA MET B 1056 3.68 28.17 -44.84
C MET B 1056 4.17 29.48 -44.23
N ARG B 1057 3.52 30.58 -44.59
CA ARG B 1057 3.88 31.85 -43.97
C ARG B 1057 3.53 31.87 -42.48
N ILE B 1058 2.52 31.10 -42.07
CA ILE B 1058 2.26 30.92 -40.65
C ILE B 1058 3.39 30.16 -39.96
N CYS B 1059 3.94 29.14 -40.63
CA CYS B 1059 5.03 28.34 -40.04
C CYS B 1059 6.27 29.19 -39.81
N PHE B 1060 6.75 29.84 -40.87
CA PHE B 1060 7.95 30.65 -40.73
C PHE B 1060 7.70 31.87 -39.86
N GLU B 1061 6.47 32.38 -39.85
CA GLU B 1061 6.18 33.51 -38.99
C GLU B 1061 6.16 33.09 -37.51
N LEU B 1062 5.73 31.87 -37.21
CA LEU B 1062 5.71 31.37 -35.85
C LEU B 1062 7.03 30.77 -35.41
N LEU B 1063 8.01 30.67 -36.31
CA LEU B 1063 9.29 30.10 -35.94
C LEU B 1063 10.01 30.92 -34.88
N GLU B 1064 10.17 32.22 -35.11
CA GLU B 1064 11.00 33.06 -34.25
C GLU B 1064 10.35 33.40 -32.92
N LEU B 1065 9.09 33.02 -32.72
CA LEU B 1065 8.38 33.38 -31.50
C LEU B 1065 8.71 32.50 -30.31
N LEU B 1066 9.56 31.48 -30.50
CA LEU B 1066 9.96 30.66 -29.37
C LEU B 1066 10.99 31.36 -28.49
N LYS B 1067 11.59 32.43 -28.98
CA LYS B 1067 12.65 33.12 -28.25
C LYS B 1067 12.12 34.21 -27.34
N ALA B 1068 10.86 34.13 -26.95
CA ALA B 1068 10.26 35.14 -26.09
C ALA B 1068 10.70 34.90 -24.64
N HIS B 1069 10.15 35.71 -23.73
CA HIS B 1069 10.45 35.56 -22.31
C HIS B 1069 9.20 35.29 -21.49
N LYS B 1070 8.20 34.69 -22.10
CA LYS B 1070 7.00 34.26 -21.40
C LYS B 1070 6.72 32.79 -21.66
N LYS B 1071 6.62 32.04 -20.56
CA LYS B 1071 6.38 30.61 -20.61
C LYS B 1071 5.02 30.29 -21.20
N ALA B 1072 4.05 31.20 -21.09
CA ALA B 1072 2.75 30.99 -21.72
C ALA B 1072 2.83 31.18 -23.23
N ILE B 1073 3.62 32.16 -23.66
CA ILE B 1073 3.92 32.36 -25.08
C ILE B 1073 4.54 31.12 -25.68
N ARG B 1074 5.54 30.57 -24.99
CA ARG B 1074 6.24 29.41 -25.53
C ARG B 1074 5.41 28.14 -25.42
N ARG B 1075 4.53 28.05 -24.41
CA ARG B 1075 3.57 26.95 -24.33
C ARG B 1075 2.62 26.92 -25.53
N ALA B 1076 2.00 28.07 -25.82
CA ALA B 1076 1.11 28.18 -26.97
C ALA B 1076 1.83 27.93 -28.27
N THR B 1077 3.03 28.51 -28.41
CA THR B 1077 3.79 28.42 -29.65
C THR B 1077 4.20 26.98 -29.95
N VAL B 1078 4.54 26.21 -28.90
CA VAL B 1078 4.87 24.82 -29.10
C VAL B 1078 3.65 24.02 -29.53
N ASN B 1079 2.52 24.14 -28.81
CA ASN B 1079 1.38 23.28 -29.10
C ASN B 1079 0.79 23.56 -30.49
N THR B 1080 0.44 24.82 -30.74
CA THR B 1080 -0.17 25.18 -32.00
C THR B 1080 0.81 25.06 -33.16
N PHE B 1081 2.11 25.24 -32.89
CA PHE B 1081 3.12 24.91 -33.88
C PHE B 1081 3.09 23.43 -34.21
N GLY B 1082 2.77 22.59 -33.22
CA GLY B 1082 2.54 21.19 -33.52
C GLY B 1082 1.36 20.98 -34.45
N TYR B 1083 0.30 21.77 -34.27
CA TYR B 1083 -0.85 21.56 -35.14
C TYR B 1083 -0.63 22.08 -36.56
N ILE B 1084 0.09 23.18 -36.75
CA ILE B 1084 0.32 23.63 -38.13
C ILE B 1084 1.42 22.80 -38.78
N ALA B 1085 2.32 22.24 -37.98
CA ALA B 1085 3.23 21.24 -38.52
C ALA B 1085 2.49 19.94 -38.84
N LYS B 1086 1.33 19.73 -38.23
CA LYS B 1086 0.43 18.69 -38.68
C LYS B 1086 -0.33 19.10 -39.93
N ALA B 1087 -0.51 20.40 -40.16
CA ALA B 1087 -1.19 20.84 -41.37
C ALA B 1087 -0.31 20.68 -42.60
N ILE B 1088 0.90 21.23 -42.56
CA ILE B 1088 1.79 21.02 -43.70
C ILE B 1088 2.54 19.72 -43.52
N GLY B 1089 3.35 19.64 -42.45
CA GLY B 1089 4.09 18.44 -42.14
C GLY B 1089 5.56 18.56 -42.44
N PRO B 1090 6.26 17.43 -42.39
CA PRO B 1090 7.72 17.44 -42.48
C PRO B 1090 8.23 17.56 -43.89
N HIS B 1091 7.37 17.42 -44.89
CA HIS B 1091 7.85 17.14 -46.23
C HIS B 1091 8.44 18.37 -46.90
N ASP B 1092 7.71 19.48 -46.90
CA ASP B 1092 8.23 20.65 -47.58
C ASP B 1092 9.31 21.34 -46.76
N VAL B 1093 9.21 21.28 -45.43
CA VAL B 1093 10.13 22.02 -44.58
C VAL B 1093 11.50 21.36 -44.62
N LEU B 1094 12.53 22.18 -44.57
CA LEU B 1094 13.91 21.72 -44.72
C LEU B 1094 14.74 22.14 -43.50
N ALA B 1095 16.04 21.90 -43.57
CA ALA B 1095 16.94 22.09 -42.44
C ALA B 1095 17.99 23.17 -42.65
N THR B 1096 18.62 23.21 -43.82
CA THR B 1096 19.74 24.12 -44.07
C THR B 1096 19.17 25.53 -44.25
N LEU B 1097 18.98 26.20 -43.12
CA LEU B 1097 18.38 27.52 -43.07
C LEU B 1097 19.45 28.51 -42.64
N LEU B 1098 20.10 29.14 -43.62
CA LEU B 1098 21.21 30.09 -43.45
C LEU B 1098 22.36 29.51 -42.65
N GLU B 1105 26.10 29.14 -40.83
CA GLU B 1105 26.61 30.48 -40.63
C GLU B 1105 25.57 31.41 -40.06
N ARG B 1106 24.73 30.92 -39.17
CA ARG B 1106 23.81 31.81 -38.49
C ARG B 1106 23.81 31.52 -36.99
N GLN B 1107 23.06 32.34 -36.30
CA GLN B 1107 23.14 32.54 -34.86
C GLN B 1107 22.23 31.52 -34.18
N ASN B 1108 21.77 31.83 -32.97
CA ASN B 1108 21.27 30.94 -31.91
C ASN B 1108 20.58 29.65 -32.33
N ARG B 1109 19.65 29.73 -33.31
CA ARG B 1109 18.99 28.63 -34.04
C ARG B 1109 18.37 27.54 -33.16
N VAL B 1110 18.20 27.80 -31.86
CA VAL B 1110 17.59 26.80 -31.00
C VAL B 1110 16.10 26.69 -31.29
N CYS B 1111 15.50 27.77 -31.79
CA CYS B 1111 14.11 27.68 -32.23
C CYS B 1111 13.97 26.80 -33.47
N THR B 1112 14.98 26.82 -34.34
CA THR B 1112 14.99 25.88 -35.46
C THR B 1112 15.24 24.47 -34.97
N THR B 1113 16.03 24.33 -33.91
CA THR B 1113 16.33 23.02 -33.35
C THR B 1113 15.07 22.40 -32.75
N VAL B 1114 14.35 23.17 -31.94
CA VAL B 1114 13.09 22.71 -31.37
C VAL B 1114 12.05 22.57 -32.46
N ALA B 1115 12.17 23.34 -33.54
CA ALA B 1115 11.30 23.13 -34.69
C ALA B 1115 11.53 21.77 -35.31
N ILE B 1116 12.81 21.39 -35.47
CA ILE B 1116 13.17 20.06 -35.94
C ILE B 1116 12.67 19.00 -34.97
N ALA B 1117 12.69 19.29 -33.68
CA ALA B 1117 12.23 18.33 -32.68
C ALA B 1117 10.72 18.12 -32.76
N ILE B 1118 9.98 19.22 -32.87
CA ILE B 1118 8.52 19.11 -32.81
C ILE B 1118 7.97 18.57 -34.12
N VAL B 1119 8.58 18.90 -35.26
CA VAL B 1119 8.18 18.26 -36.51
C VAL B 1119 8.53 16.78 -36.45
N ALA B 1120 9.74 16.48 -35.96
CA ALA B 1120 10.24 15.12 -35.83
C ALA B 1120 9.43 14.28 -34.87
N GLU B 1121 8.64 14.90 -34.00
CA GLU B 1121 7.69 14.16 -33.20
C GLU B 1121 6.30 14.14 -33.82
N THR B 1122 5.82 15.27 -34.34
CA THR B 1122 4.44 15.38 -34.77
C THR B 1122 4.17 14.59 -36.04
N CYS B 1123 5.22 14.27 -36.80
CA CYS B 1123 5.20 13.15 -37.70
C CYS B 1123 6.36 12.27 -37.32
N SER B 1124 6.34 11.04 -37.82
CA SER B 1124 7.36 10.07 -37.45
C SER B 1124 8.70 10.48 -38.06
N PRO B 1125 9.81 10.32 -37.32
CA PRO B 1125 11.10 10.86 -37.77
C PRO B 1125 11.77 10.04 -38.86
N PHE B 1126 11.05 9.10 -39.47
CA PHE B 1126 11.58 8.28 -40.55
C PHE B 1126 12.00 9.12 -41.75
N THR B 1127 11.43 10.31 -41.92
CA THR B 1127 11.97 11.24 -42.89
C THR B 1127 13.22 11.92 -42.35
N VAL B 1128 13.13 12.52 -41.17
CA VAL B 1128 14.13 13.48 -40.76
C VAL B 1128 15.38 12.84 -40.16
N LEU B 1129 15.33 11.56 -39.81
CA LEU B 1129 16.56 10.95 -39.32
C LEU B 1129 17.53 10.61 -40.46
N PRO B 1130 17.11 10.00 -41.59
CA PRO B 1130 18.06 9.92 -42.71
C PRO B 1130 18.29 11.26 -43.39
N ALA B 1131 17.37 12.20 -43.28
CA ALA B 1131 17.65 13.55 -43.77
C ALA B 1131 18.77 14.20 -42.97
N LEU B 1132 18.76 13.99 -41.65
CA LEU B 1132 19.89 14.38 -40.84
C LEU B 1132 21.13 13.57 -41.15
N MET B 1133 20.97 12.32 -41.61
CA MET B 1133 22.12 11.56 -42.07
C MET B 1133 22.71 12.16 -43.33
N ASN B 1134 21.88 12.70 -44.22
CA ASN B 1134 22.41 13.46 -45.35
C ASN B 1134 23.07 14.74 -44.85
N GLU B 1135 22.51 15.33 -43.80
CA GLU B 1135 23.21 16.41 -43.13
C GLU B 1135 24.40 15.89 -42.32
N TYR B 1136 24.42 14.60 -42.01
CA TYR B 1136 25.53 14.05 -41.24
C TYR B 1136 26.71 13.65 -42.10
N ARG B 1137 26.48 13.12 -43.29
CA ARG B 1137 27.55 12.50 -44.06
C ARG B 1137 28.47 13.49 -44.77
N VAL B 1138 28.41 14.78 -44.45
CA VAL B 1138 29.31 15.75 -45.08
C VAL B 1138 30.64 15.74 -44.34
N PRO B 1139 31.76 15.62 -45.04
CA PRO B 1139 33.07 15.84 -44.41
C PRO B 1139 33.46 17.31 -44.41
N GLU B 1140 33.30 17.95 -43.26
CA GLU B 1140 33.50 19.40 -43.09
C GLU B 1140 33.39 19.71 -41.61
N LEU B 1141 34.05 20.79 -41.21
CA LEU B 1141 33.90 21.32 -39.87
C LEU B 1141 32.63 22.14 -39.76
N ASN B 1142 32.38 22.64 -38.54
CA ASN B 1142 31.38 23.63 -38.16
C ASN B 1142 29.96 23.11 -38.30
N VAL B 1143 29.77 21.88 -38.78
CA VAL B 1143 28.45 21.33 -39.03
C VAL B 1143 28.17 20.15 -38.10
N GLN B 1144 29.18 19.30 -37.89
CA GLN B 1144 29.02 18.06 -37.15
C GLN B 1144 28.61 18.32 -35.72
N ASN B 1145 29.19 19.35 -35.10
CA ASN B 1145 28.77 19.80 -33.79
C ASN B 1145 27.29 20.18 -33.75
N GLY B 1146 26.82 20.88 -34.80
CA GLY B 1146 25.46 21.36 -34.81
C GLY B 1146 24.46 20.23 -34.94
N VAL B 1147 24.78 19.24 -35.77
CA VAL B 1147 23.85 18.13 -35.89
C VAL B 1147 23.93 17.23 -34.66
N LEU B 1148 25.06 17.23 -33.95
CA LEU B 1148 25.09 16.55 -32.65
C LEU B 1148 24.20 17.23 -31.63
N LYS B 1149 24.18 18.56 -31.63
CA LYS B 1149 23.30 19.26 -30.69
C LYS B 1149 21.83 19.03 -31.05
N SER B 1150 21.51 18.95 -32.34
CA SER B 1150 20.16 18.60 -32.74
C SER B 1150 19.81 17.17 -32.34
N LEU B 1151 20.80 16.28 -32.28
CA LEU B 1151 20.57 14.99 -31.67
C LEU B 1151 20.31 15.10 -30.19
N SER B 1152 20.97 16.04 -29.50
CA SER B 1152 20.83 16.15 -28.06
C SER B 1152 19.44 16.63 -27.67
N PHE B 1153 19.01 17.76 -28.25
CA PHE B 1153 17.64 18.22 -28.04
C PHE B 1153 16.63 17.24 -28.61
N LEU B 1154 17.04 16.49 -29.64
CA LEU B 1154 16.16 15.54 -30.33
C LEU B 1154 15.76 14.38 -29.45
N PHE B 1155 16.73 13.57 -29.02
CA PHE B 1155 16.45 12.46 -28.13
C PHE B 1155 15.95 12.95 -26.79
N GLU B 1156 16.45 14.12 -26.38
CA GLU B 1156 15.96 14.82 -25.20
C GLU B 1156 14.47 15.07 -25.27
N TYR B 1157 13.96 15.41 -26.46
CA TYR B 1157 12.54 15.66 -26.57
C TYR B 1157 11.73 14.36 -26.70
N ILE B 1158 12.08 13.49 -27.66
CA ILE B 1158 11.24 12.32 -27.91
C ILE B 1158 11.35 11.32 -26.77
N GLY B 1159 12.54 10.82 -26.51
CA GLY B 1159 12.64 9.72 -25.57
C GLY B 1159 12.05 8.41 -26.08
N GLU B 1160 10.90 8.04 -25.52
CA GLU B 1160 10.39 6.66 -25.59
C GLU B 1160 9.93 6.22 -26.97
N MET B 1161 9.48 7.12 -27.83
CA MET B 1161 9.05 6.72 -29.15
C MET B 1161 10.21 6.63 -30.14
N GLY B 1162 11.42 6.95 -29.71
CA GLY B 1162 12.60 6.79 -30.55
C GLY B 1162 13.34 5.51 -30.21
N LYS B 1163 12.59 4.48 -29.85
CA LYS B 1163 13.14 3.18 -29.51
C LYS B 1163 13.37 2.29 -30.72
N ASP B 1164 12.60 2.48 -31.79
CA ASP B 1164 12.80 1.76 -33.03
C ASP B 1164 13.72 2.52 -33.98
N TYR B 1165 14.30 3.61 -33.50
CA TYR B 1165 15.07 4.52 -34.34
C TYR B 1165 16.40 4.77 -33.67
N ILE B 1166 17.11 3.70 -33.31
CA ILE B 1166 18.35 3.78 -32.55
C ILE B 1166 19.47 3.13 -33.35
N TYR B 1167 19.09 2.22 -34.24
CA TYR B 1167 20.05 1.41 -34.97
C TYR B 1167 20.88 2.25 -35.92
N ALA B 1168 20.24 3.05 -36.77
CA ALA B 1168 21.00 3.92 -37.67
C ALA B 1168 21.70 5.03 -36.92
N VAL B 1169 21.25 5.34 -35.70
CA VAL B 1169 21.98 6.26 -34.86
C VAL B 1169 23.29 5.63 -34.41
N THR B 1170 23.36 4.30 -34.28
CA THR B 1170 24.60 3.71 -33.76
C THR B 1170 25.88 3.83 -34.60
N PRO B 1171 25.90 3.70 -35.97
CA PRO B 1171 27.17 3.99 -36.65
C PRO B 1171 27.37 5.49 -36.82
N LEU B 1172 26.24 6.20 -36.86
CA LEU B 1172 26.24 7.64 -36.75
C LEU B 1172 26.90 8.09 -35.45
N LEU B 1173 26.59 7.38 -34.36
CA LEU B 1173 27.33 7.57 -33.11
C LEU B 1173 28.66 6.84 -33.11
N GLU B 1174 29.02 6.12 -34.15
CA GLU B 1174 30.37 5.58 -34.17
C GLU B 1174 31.34 6.59 -34.73
N ASP B 1175 31.01 7.18 -35.88
CA ASP B 1175 31.81 8.28 -36.38
C ASP B 1175 31.67 9.51 -35.48
N ALA B 1176 30.53 9.67 -34.81
CA ALA B 1176 30.47 10.69 -33.79
C ALA B 1176 31.35 10.33 -32.60
N LEU B 1177 31.12 9.16 -32.01
CA LEU B 1177 31.75 8.79 -30.75
C LEU B 1177 33.23 8.47 -30.88
N MET B 1178 33.76 8.33 -32.09
CA MET B 1178 35.19 8.12 -32.23
C MET B 1178 35.94 9.40 -31.90
N ASP B 1179 37.25 9.26 -31.70
CA ASP B 1179 38.01 10.29 -31.00
C ASP B 1179 38.45 11.39 -31.95
N ARG B 1180 37.62 12.44 -32.03
CA ARG B 1180 37.92 13.60 -32.86
C ARG B 1180 38.06 14.88 -32.05
N ASP B 1181 37.04 15.29 -31.31
CA ASP B 1181 37.03 16.65 -30.76
C ASP B 1181 36.17 16.69 -29.51
N LEU B 1182 36.41 17.74 -28.74
CA LEU B 1182 35.82 17.93 -27.41
C LEU B 1182 34.32 18.03 -27.49
N VAL B 1183 33.81 18.73 -28.50
CA VAL B 1183 32.37 18.91 -28.64
C VAL B 1183 31.72 17.59 -28.99
N HIS B 1184 32.40 16.80 -29.83
CA HIS B 1184 31.91 15.48 -30.19
C HIS B 1184 31.81 14.60 -28.96
N ARG B 1185 32.88 14.54 -28.18
CA ARG B 1185 32.93 13.66 -27.02
C ARG B 1185 31.94 14.11 -25.97
N GLN B 1186 31.85 15.42 -25.77
CA GLN B 1186 31.07 15.99 -24.69
C GLN B 1186 29.58 15.90 -25.00
N THR B 1187 29.16 16.53 -26.09
CA THR B 1187 27.76 16.55 -26.45
C THR B 1187 27.28 15.18 -26.87
N ALA B 1188 28.13 14.43 -27.57
CA ALA B 1188 27.73 13.08 -27.96
C ALA B 1188 27.60 12.18 -26.75
N SER B 1189 28.44 12.40 -25.73
CA SER B 1189 28.27 11.68 -24.49
C SER B 1189 26.98 12.08 -23.79
N ALA B 1190 26.59 13.35 -23.92
CA ALA B 1190 25.30 13.75 -23.39
C ALA B 1190 24.16 13.10 -24.17
N VAL B 1191 24.40 12.80 -25.45
CA VAL B 1191 23.43 12.07 -26.23
C VAL B 1191 23.37 10.63 -25.76
N VAL B 1192 24.50 10.07 -25.34
CA VAL B 1192 24.51 8.74 -24.73
C VAL B 1192 23.66 8.73 -23.47
N GLN B 1193 23.76 9.80 -22.69
CA GLN B 1193 22.97 9.91 -21.47
C GLN B 1193 21.48 10.00 -21.76
N HIS B 1194 21.10 10.88 -22.70
CA HIS B 1194 19.69 11.15 -22.94
C HIS B 1194 19.00 9.99 -23.63
N MET B 1195 19.69 9.35 -24.58
CA MET B 1195 19.22 8.09 -25.15
C MET B 1195 19.06 7.04 -24.09
N SER B 1196 20.04 6.98 -23.20
CA SER B 1196 20.05 6.00 -22.13
C SER B 1196 18.93 6.23 -21.13
N LEU B 1197 18.40 7.44 -21.06
CA LEU B 1197 17.27 7.70 -20.19
C LEU B 1197 15.95 7.56 -20.92
N GLY B 1198 15.93 7.80 -22.23
CA GLY B 1198 14.72 7.58 -23.00
C GLY B 1198 14.37 6.11 -23.08
N VAL B 1199 15.35 5.26 -23.35
CA VAL B 1199 15.17 3.83 -23.25
C VAL B 1199 15.46 3.45 -21.80
N TYR B 1200 14.41 3.11 -21.07
CA TYR B 1200 14.55 2.72 -19.66
C TYR B 1200 13.43 1.73 -19.39
N GLY B 1201 13.79 0.45 -19.33
CA GLY B 1201 12.81 -0.60 -19.24
C GLY B 1201 12.17 -0.96 -20.56
N PHE B 1202 12.66 -0.41 -21.66
CA PHE B 1202 12.03 -0.61 -22.97
C PHE B 1202 12.97 -1.44 -23.83
N GLY B 1203 12.98 -2.75 -23.58
CA GLY B 1203 13.41 -3.81 -24.48
C GLY B 1203 14.61 -3.62 -25.39
N CYS B 1204 15.64 -2.92 -24.94
CA CYS B 1204 16.80 -2.64 -25.79
C CYS B 1204 18.05 -2.57 -24.91
N GLU B 1205 18.98 -3.49 -25.12
CA GLU B 1205 20.22 -3.44 -24.36
C GLU B 1205 21.49 -3.64 -25.18
N ASP B 1206 21.50 -4.55 -26.17
CA ASP B 1206 22.77 -5.02 -26.73
C ASP B 1206 23.40 -4.00 -27.66
N SER B 1207 22.54 -3.23 -28.33
CA SER B 1207 22.93 -1.97 -28.94
C SER B 1207 23.70 -1.10 -27.97
N LEU B 1208 23.12 -0.88 -26.78
CA LEU B 1208 23.72 -0.01 -25.78
C LEU B 1208 25.01 -0.60 -25.21
N ASN B 1209 25.15 -1.92 -25.21
CA ASN B 1209 26.41 -2.51 -24.80
C ASN B 1209 27.47 -2.27 -25.86
N HIS B 1210 27.07 -2.37 -27.13
CA HIS B 1210 28.01 -2.07 -28.21
C HIS B 1210 28.38 -0.59 -28.21
N LEU B 1211 27.47 0.28 -27.79
CA LEU B 1211 27.85 1.65 -27.44
C LEU B 1211 28.87 1.65 -26.32
N LEU B 1212 28.58 0.88 -25.25
CA LEU B 1212 29.32 0.95 -23.99
C LEU B 1212 30.78 0.60 -24.15
N ASN B 1213 31.08 -0.36 -25.03
CA ASN B 1213 32.47 -0.73 -25.25
C ASN B 1213 33.25 0.38 -25.96
N TYR B 1214 32.58 1.22 -26.75
CA TYR B 1214 33.24 2.39 -27.29
C TYR B 1214 33.25 3.54 -26.31
N VAL B 1215 32.30 3.57 -25.38
CA VAL B 1215 32.27 4.63 -24.37
C VAL B 1215 33.44 4.50 -23.42
N TRP B 1216 33.72 3.28 -22.98
CA TRP B 1216 34.57 3.05 -21.82
C TRP B 1216 36.04 3.52 -21.94
N PRO B 1217 36.79 3.27 -23.01
CA PRO B 1217 38.20 3.70 -22.99
C PRO B 1217 38.40 5.20 -23.06
N ASN B 1218 37.34 5.98 -23.17
CA ASN B 1218 37.43 7.43 -23.20
C ASN B 1218 37.65 8.06 -21.83
N VAL B 1219 37.74 7.25 -20.78
CA VAL B 1219 37.74 7.78 -19.41
C VAL B 1219 38.99 8.59 -19.10
N PHE B 1220 40.16 8.13 -19.54
CA PHE B 1220 41.41 8.78 -19.18
C PHE B 1220 41.60 10.03 -20.03
N GLU B 1221 40.96 11.10 -19.58
CA GLU B 1221 41.00 12.39 -20.27
C GLU B 1221 41.07 13.48 -19.21
N THR B 1222 41.82 14.54 -19.50
CA THR B 1222 42.20 15.52 -18.48
C THR B 1222 41.22 16.66 -18.30
N SER B 1223 40.39 16.96 -19.30
CA SER B 1223 39.59 18.17 -19.13
C SER B 1223 38.38 17.90 -18.24
N PRO B 1224 38.12 18.81 -17.29
CA PRO B 1224 37.11 18.53 -16.27
C PRO B 1224 35.69 18.51 -16.79
N HIS B 1225 35.37 19.32 -17.80
CA HIS B 1225 34.02 19.30 -18.36
C HIS B 1225 33.76 17.98 -19.05
N VAL B 1226 34.73 17.51 -19.83
CA VAL B 1226 34.48 16.32 -20.61
C VAL B 1226 34.56 15.09 -19.73
N ILE B 1227 35.34 15.13 -18.64
CA ILE B 1227 35.27 14.01 -17.72
C ILE B 1227 33.99 14.08 -16.90
N GLN B 1228 33.43 15.28 -16.72
CA GLN B 1228 32.16 15.39 -16.03
C GLN B 1228 31.03 14.80 -16.86
N ALA B 1229 31.05 15.07 -18.17
CA ALA B 1229 30.09 14.46 -19.07
C ALA B 1229 30.31 12.96 -19.18
N VAL B 1230 31.56 12.51 -19.01
CA VAL B 1230 31.82 11.08 -18.90
C VAL B 1230 31.17 10.52 -17.63
N MET B 1231 31.20 11.29 -16.54
CA MET B 1231 30.62 10.82 -15.28
C MET B 1231 29.11 10.64 -15.39
N GLY B 1232 28.42 11.67 -15.88
CA GLY B 1232 26.99 11.54 -16.08
C GLY B 1232 26.65 10.53 -17.16
N ALA B 1233 27.54 10.37 -18.14
CA ALA B 1233 27.37 9.34 -19.15
C ALA B 1233 27.39 7.96 -18.52
N LEU B 1234 28.32 7.73 -17.60
CA LEU B 1234 28.37 6.47 -16.89
C LEU B 1234 27.22 6.31 -15.91
N GLU B 1235 26.62 7.41 -15.47
CA GLU B 1235 25.46 7.29 -14.60
C GLU B 1235 24.23 6.88 -15.40
N GLY B 1236 24.10 7.41 -16.61
CA GLY B 1236 23.03 6.94 -17.48
C GLY B 1236 23.22 5.50 -17.90
N LEU B 1237 24.46 5.14 -18.22
CA LEU B 1237 24.73 3.75 -18.56
C LEU B 1237 24.54 2.85 -17.36
N ARG B 1238 24.69 3.40 -16.14
CA ARG B 1238 24.34 2.65 -14.95
C ARG B 1238 22.83 2.38 -14.91
N VAL B 1239 22.03 3.43 -15.10
CA VAL B 1239 20.60 3.25 -14.87
C VAL B 1239 19.94 2.45 -15.99
N ALA B 1240 20.51 2.45 -17.20
CA ALA B 1240 19.88 1.66 -18.26
C ALA B 1240 20.48 0.27 -18.38
N ILE B 1241 21.80 0.16 -18.31
CA ILE B 1241 22.44 -1.13 -18.48
C ILE B 1241 22.24 -1.98 -17.24
N GLY B 1242 22.34 -1.38 -16.07
CA GLY B 1242 22.24 -2.12 -14.84
C GLY B 1242 23.53 -2.01 -14.05
N PRO B 1243 23.49 -2.40 -12.78
CA PRO B 1243 24.69 -2.24 -11.96
C PRO B 1243 25.75 -3.29 -12.25
N CYS B 1244 25.31 -4.48 -12.68
CA CYS B 1244 26.18 -5.64 -12.86
C CYS B 1244 27.27 -5.37 -13.88
N ARG B 1245 26.86 -4.99 -15.09
CA ARG B 1245 27.81 -4.84 -16.18
C ARG B 1245 28.71 -3.63 -15.97
N MET B 1246 28.20 -2.60 -15.27
CA MET B 1246 29.05 -1.50 -14.84
C MET B 1246 30.17 -1.99 -13.94
N LEU B 1247 29.82 -2.78 -12.93
CA LEU B 1247 30.82 -3.24 -11.97
C LEU B 1247 31.79 -4.23 -12.60
N GLN B 1248 31.30 -5.06 -13.52
CA GLN B 1248 32.16 -5.99 -14.24
C GLN B 1248 33.15 -5.25 -15.12
N TYR B 1249 32.72 -4.15 -15.75
CA TYR B 1249 33.74 -3.31 -16.38
C TYR B 1249 34.41 -2.37 -15.41
N CYS B 1250 34.20 -2.50 -14.10
CA CYS B 1250 34.87 -1.64 -13.15
C CYS B 1250 36.04 -2.31 -12.43
N LEU B 1251 35.86 -3.55 -11.96
CA LEU B 1251 36.75 -4.24 -11.00
C LEU B 1251 38.18 -4.46 -11.45
N GLN B 1252 38.61 -4.11 -12.65
CA GLN B 1252 39.90 -4.54 -13.19
C GLN B 1252 41.08 -4.06 -12.37
N GLY B 1253 41.32 -2.75 -12.37
CA GLY B 1253 42.52 -2.22 -11.78
C GLY B 1253 42.24 -1.47 -10.50
N LEU B 1254 41.37 -2.02 -9.66
CA LEU B 1254 41.01 -1.41 -8.40
C LEU B 1254 42.24 -1.35 -7.49
N PHE B 1255 43.00 -2.43 -7.51
CA PHE B 1255 44.20 -2.57 -6.69
C PHE B 1255 45.51 -2.39 -7.45
N HIS B 1256 45.44 -1.79 -8.64
CA HIS B 1256 46.64 -1.59 -9.43
C HIS B 1256 47.60 -0.71 -8.63
N PRO B 1257 48.89 -1.02 -8.74
CA PRO B 1257 49.92 -0.30 -7.98
C PRO B 1257 50.15 1.16 -8.35
N ALA B 1258 49.25 1.85 -9.06
CA ALA B 1258 49.53 3.22 -9.49
C ALA B 1258 48.41 4.16 -9.13
N ARG B 1259 48.79 5.28 -8.49
CA ARG B 1259 47.82 6.21 -7.93
C ARG B 1259 47.01 6.91 -9.01
N LYS B 1260 47.60 7.14 -10.18
CA LYS B 1260 46.92 7.84 -11.25
C LYS B 1260 45.70 7.07 -11.73
N VAL B 1261 45.87 5.78 -12.01
CA VAL B 1261 44.72 4.99 -12.40
C VAL B 1261 43.84 4.66 -11.20
N ARG B 1262 44.40 4.72 -9.99
CA ARG B 1262 43.55 4.44 -8.82
C ARG B 1262 42.54 5.55 -8.57
N ASP B 1263 42.94 6.82 -8.70
CA ASP B 1263 42.02 7.95 -8.55
C ASP B 1263 40.85 7.81 -9.50
N VAL B 1264 41.13 7.34 -10.71
CA VAL B 1264 40.13 7.06 -11.71
C VAL B 1264 39.16 5.99 -11.21
N TYR B 1265 39.66 4.78 -10.95
CA TYR B 1265 38.73 3.68 -10.74
C TYR B 1265 38.01 3.77 -9.40
N TRP B 1266 38.65 4.39 -8.41
CA TRP B 1266 37.93 4.70 -7.18
C TRP B 1266 36.84 5.74 -7.40
N LYS B 1267 37.11 6.74 -8.25
CA LYS B 1267 36.15 7.81 -8.45
C LYS B 1267 34.91 7.31 -9.16
N ILE B 1268 35.11 6.53 -10.22
CA ILE B 1268 33.99 5.83 -10.85
C ILE B 1268 33.28 4.92 -9.87
N TYR B 1269 34.04 4.25 -8.99
CA TYR B 1269 33.41 3.34 -8.03
C TYR B 1269 32.54 4.06 -7.01
N ASN B 1270 32.93 5.26 -6.60
CA ASN B 1270 32.09 6.03 -5.69
C ASN B 1270 30.83 6.48 -6.38
N SER B 1271 30.96 6.97 -7.62
CA SER B 1271 29.79 7.40 -8.36
C SER B 1271 28.84 6.25 -8.67
N ILE B 1272 29.37 5.03 -8.80
CA ILE B 1272 28.53 3.85 -8.82
C ILE B 1272 27.89 3.64 -7.46
N TYR B 1273 28.66 3.87 -6.41
CA TYR B 1273 28.30 3.35 -5.10
C TYR B 1273 27.19 4.15 -4.46
N ILE B 1274 27.21 5.47 -4.62
CA ILE B 1274 26.16 6.31 -4.05
C ILE B 1274 24.82 5.97 -4.66
N GLY B 1275 24.79 5.81 -5.98
CA GLY B 1275 23.55 5.48 -6.63
C GLY B 1275 23.21 4.01 -6.49
N SER B 1276 22.14 3.74 -5.75
CA SER B 1276 21.52 2.42 -5.60
C SER B 1276 22.50 1.37 -5.09
N GLN B 1277 22.98 1.59 -3.87
CA GLN B 1277 23.84 0.61 -3.22
C GLN B 1277 23.08 -0.68 -2.93
N ASP B 1278 21.78 -0.57 -2.66
CA ASP B 1278 20.97 -1.72 -2.28
C ASP B 1278 20.82 -2.76 -3.40
N ALA B 1279 21.01 -2.36 -4.66
CA ALA B 1279 21.02 -3.33 -5.73
C ALA B 1279 22.31 -4.13 -5.77
N LEU B 1280 23.38 -3.65 -5.11
CA LEU B 1280 24.66 -4.32 -5.25
C LEU B 1280 24.77 -5.61 -4.47
N ILE B 1281 23.74 -6.06 -3.74
CA ILE B 1281 23.90 -7.15 -2.77
C ILE B 1281 24.13 -8.48 -3.48
N ALA B 1282 23.30 -8.80 -4.46
CA ALA B 1282 23.50 -10.03 -5.21
C ALA B 1282 24.75 -9.94 -6.09
N HIS B 1283 25.00 -8.78 -6.68
CA HIS B 1283 26.09 -8.65 -7.63
C HIS B 1283 27.46 -8.49 -7.00
N TYR B 1284 27.63 -8.73 -5.68
CA TYR B 1284 28.99 -8.72 -5.19
C TYR B 1284 29.73 -9.97 -5.63
N PRO B 1285 30.94 -9.82 -6.12
CA PRO B 1285 31.79 -10.98 -6.39
C PRO B 1285 32.19 -11.63 -5.08
N ARG B 1286 31.98 -12.94 -5.00
CA ARG B 1286 32.37 -13.67 -3.80
C ARG B 1286 33.87 -13.90 -3.81
N ILE B 1287 34.53 -13.60 -2.71
CA ILE B 1287 35.96 -13.84 -2.56
C ILE B 1287 36.17 -14.85 -1.45
N TYR B 1288 36.94 -15.88 -1.75
CA TYR B 1288 37.19 -16.95 -0.80
C TYR B 1288 38.21 -16.53 0.26
N ASN B 1289 38.16 -17.20 1.40
CA ASN B 1289 38.73 -16.64 2.61
C ASN B 1289 40.23 -16.89 2.73
N ASP B 1290 40.88 -16.02 3.49
CA ASP B 1290 42.27 -16.20 3.88
C ASP B 1290 42.32 -17.00 5.18
N ASP B 1291 43.46 -16.98 5.86
CA ASP B 1291 43.65 -17.75 7.07
C ASP B 1291 43.01 -17.10 8.30
N LYS B 1292 43.02 -15.78 8.36
CA LYS B 1292 42.71 -15.10 9.62
C LYS B 1292 41.25 -14.69 9.75
N ASN B 1293 40.54 -14.51 8.65
CA ASN B 1293 39.18 -14.00 8.70
C ASN B 1293 38.28 -14.83 7.79
N THR B 1294 36.99 -14.82 8.11
CA THR B 1294 35.97 -15.52 7.34
C THR B 1294 35.41 -14.59 6.29
N TYR B 1295 35.45 -15.00 5.02
CA TYR B 1295 34.95 -14.16 3.95
C TYR B 1295 33.71 -14.69 3.26
N ILE B 1296 33.23 -15.87 3.63
CA ILE B 1296 32.10 -16.49 2.93
C ILE B 1296 30.81 -16.19 3.68
N ARG B 1297 29.91 -15.49 3.04
CA ARG B 1297 28.57 -15.32 3.60
C ARG B 1297 27.84 -16.63 3.37
N TYR B 1298 27.64 -17.39 4.44
CA TYR B 1298 26.94 -18.66 4.30
C TYR B 1298 25.46 -18.47 4.16
N GLU B 1299 24.99 -17.26 4.44
CA GLU B 1299 23.62 -16.85 4.23
C GLU B 1299 23.23 -16.93 2.76
N LEU B 1300 24.18 -16.73 1.86
CA LEU B 1300 23.91 -16.97 0.45
C LEU B 1300 24.14 -18.41 0.06
N ASP B 1301 24.46 -19.29 1.01
CA ASP B 1301 24.86 -20.65 0.70
C ASP B 1301 24.11 -21.72 1.48
N TYR B 1302 23.12 -21.36 2.28
CA TYR B 1302 22.27 -22.38 2.88
C TYR B 1302 21.50 -23.12 1.80
N ILE B 1303 21.33 -24.41 2.02
CA ILE B 1303 20.59 -25.28 1.11
C ILE B 1303 19.42 -25.84 1.89
N LEU B 1304 18.26 -25.92 1.24
CA LEU B 1304 17.08 -26.55 1.86
C LEU B 1304 17.33 -28.03 2.10
N ASP C 1 32.60 29.96 -6.13
CA ASP C 1 31.49 30.90 -6.16
C ASP C 1 30.17 30.16 -6.03
N LEU C 2 29.52 29.92 -7.16
CA LEU C 2 28.21 29.29 -7.19
C LEU C 2 28.34 27.82 -6.81
N ILE C 3 27.65 27.40 -5.74
CA ILE C 3 27.71 26.04 -5.24
C ILE C 3 26.40 25.74 -4.52
N PHE C 4 26.00 24.47 -4.53
CA PHE C 4 24.78 24.05 -3.87
C PHE C 4 24.95 24.10 -2.35
N CYS C 5 23.83 24.31 -1.66
CA CYS C 5 23.87 24.42 -0.20
C CYS C 5 23.86 23.05 0.47
N ARG C 6 22.95 22.18 0.03
CA ARG C 6 22.90 20.75 0.39
C ARG C 6 22.68 20.53 1.89
N LYS C 7 21.50 20.94 2.37
CA LYS C 7 21.07 20.64 3.73
C LYS C 7 19.69 20.03 3.72
N GLN C 8 19.13 19.78 4.90
CA GLN C 8 17.86 19.07 5.01
C GLN C 8 16.69 19.90 4.50
N ALA C 9 15.78 19.24 3.79
CA ALA C 9 14.66 19.91 3.14
C ALA C 9 13.44 19.85 4.05
N GLY C 10 12.75 20.99 4.16
CA GLY C 10 11.53 21.05 4.94
C GLY C 10 10.32 21.25 4.05
N VAL C 11 9.33 22.00 4.52
CA VAL C 11 8.12 22.23 3.76
C VAL C 11 8.18 23.55 2.96
N ALA C 12 9.38 24.08 2.77
CA ALA C 12 9.54 25.32 2.04
C ALA C 12 9.60 25.07 0.54
N ILE C 13 8.88 25.88 -0.23
CA ILE C 13 8.85 25.79 -1.69
C ILE C 13 9.69 26.92 -2.26
N GLY C 14 10.50 26.62 -3.27
CA GLY C 14 11.31 27.63 -3.89
C GLY C 14 10.53 28.49 -4.87
N ARG C 15 11.13 29.61 -5.25
CA ARG C 15 10.53 30.45 -6.27
C ARG C 15 11.55 30.75 -7.35
N LEU C 16 11.05 31.23 -8.49
CA LEU C 16 11.89 31.59 -9.63
C LEU C 16 11.43 32.91 -10.22
N CYS C 17 12.41 33.72 -10.61
CA CYS C 17 12.11 34.92 -11.39
C CYS C 17 11.70 34.53 -12.79
N GLU C 18 10.87 35.37 -13.40
CA GLU C 18 10.18 34.97 -14.61
C GLU C 18 11.10 34.95 -15.82
N LYS C 19 12.25 35.62 -15.74
CA LYS C 19 13.23 35.58 -16.83
C LYS C 19 13.84 34.19 -16.96
N CYS C 20 14.03 33.50 -15.83
CA CYS C 20 14.60 32.17 -15.82
C CYS C 20 13.57 31.12 -15.49
N ASP C 21 12.35 31.28 -15.99
CA ASP C 21 11.23 30.51 -15.46
C ASP C 21 11.24 29.05 -15.90
N GLY C 22 11.46 28.79 -17.18
CA GLY C 22 11.26 27.47 -17.75
C GLY C 22 12.28 26.42 -17.42
N LYS C 23 13.37 26.79 -16.75
CA LYS C 23 14.48 25.86 -16.56
C LYS C 23 14.15 24.84 -15.49
N CYS C 24 15.05 23.86 -15.37
CA CYS C 24 15.16 23.01 -14.21
C CYS C 24 16.24 23.58 -13.31
N VAL C 25 16.51 22.87 -12.22
CA VAL C 25 17.38 23.43 -11.20
C VAL C 25 18.83 23.06 -11.43
N ILE C 26 19.10 21.76 -11.59
CA ILE C 26 20.46 21.25 -11.51
C ILE C 26 21.02 21.06 -12.91
N CYS C 27 20.38 20.21 -13.69
CA CYS C 27 20.86 19.87 -15.02
C CYS C 27 20.53 20.93 -16.06
N ASP C 28 19.74 21.96 -15.69
CA ASP C 28 19.34 23.06 -16.56
C ASP C 28 18.65 22.56 -17.82
N SER C 29 17.66 21.71 -17.63
CA SER C 29 16.90 21.16 -18.75
C SER C 29 15.71 22.05 -19.04
N TYR C 30 14.83 21.56 -19.92
CA TYR C 30 13.50 22.12 -20.04
C TYR C 30 12.43 21.06 -20.15
N VAL C 31 12.78 19.78 -20.32
CA VAL C 31 11.87 18.78 -20.86
C VAL C 31 11.19 18.01 -19.72
N ARG C 32 9.88 17.79 -19.90
CA ARG C 32 8.89 17.13 -19.06
C ARG C 32 9.09 17.38 -17.56
N PRO C 33 8.78 18.57 -17.03
CA PRO C 33 8.82 18.73 -15.57
C PRO C 33 7.48 18.34 -14.96
N CYS C 34 7.51 17.48 -13.92
CA CYS C 34 6.25 17.02 -13.33
C CYS C 34 6.36 16.82 -11.82
N THR C 35 7.33 17.46 -11.16
CA THR C 35 7.67 17.16 -9.78
C THR C 35 7.82 18.43 -8.96
N LEU C 36 7.65 18.32 -7.65
CA LEU C 36 7.71 19.47 -6.75
C LEU C 36 9.12 19.62 -6.19
N VAL C 37 9.43 20.84 -5.72
CA VAL C 37 10.74 21.15 -5.14
C VAL C 37 10.55 21.64 -3.72
N ARG C 38 11.26 21.01 -2.79
CA ARG C 38 11.37 21.49 -1.42
C ARG C 38 12.75 22.10 -1.20
N ILE C 39 12.81 23.12 -0.35
CA ILE C 39 14.10 23.67 0.06
C ILE C 39 14.13 23.77 1.59
N CYS C 40 15.31 24.12 2.09
CA CYS C 40 15.60 24.11 3.52
C CYS C 40 14.88 25.25 4.22
N ASP C 41 15.06 25.34 5.53
CA ASP C 41 14.40 26.38 6.31
C ASP C 41 15.36 27.45 6.84
N GLU C 42 16.66 27.22 6.74
CA GLU C 42 17.65 28.18 7.21
C GLU C 42 17.97 29.24 6.18
N CYS C 43 17.99 28.88 4.90
CA CYS C 43 18.13 29.89 3.86
C CYS C 43 16.81 30.52 3.47
N ASN C 44 15.68 29.96 3.92
CA ASN C 44 14.37 30.57 3.70
C ASN C 44 14.00 31.37 4.95
N TYR C 45 14.48 32.60 5.02
CA TYR C 45 14.11 33.50 6.11
C TYR C 45 14.43 34.95 5.71
N GLY C 46 13.63 35.87 6.24
CA GLY C 46 14.01 37.26 6.37
C GLY C 46 13.85 38.06 5.10
N SER C 47 14.98 38.45 4.50
CA SER C 47 14.97 39.03 3.17
C SER C 47 14.56 38.00 2.12
N TYR C 48 14.61 36.71 2.46
CA TYR C 48 14.32 35.63 1.53
C TYR C 48 13.02 34.97 1.97
N GLN C 49 11.92 35.51 1.48
CA GLN C 49 10.59 34.96 1.64
C GLN C 49 10.02 34.50 0.30
N GLY C 50 10.22 35.31 -0.73
CA GLY C 50 9.98 34.91 -2.09
C GLY C 50 11.16 35.35 -2.93
N ARG C 51 11.84 34.40 -3.58
CA ARG C 51 13.11 34.72 -4.20
C ARG C 51 13.41 33.68 -5.26
N CYS C 52 13.99 34.13 -6.37
CA CYS C 52 14.51 33.21 -7.37
C CYS C 52 15.61 32.36 -6.78
N VAL C 53 15.46 31.04 -6.91
CA VAL C 53 16.42 30.10 -6.34
C VAL C 53 17.79 30.25 -7.00
N ILE C 54 17.81 30.49 -8.30
CA ILE C 54 19.08 30.44 -9.04
C ILE C 54 19.82 31.77 -8.93
N CYS C 55 19.22 32.85 -9.43
CA CYS C 55 19.98 34.07 -9.61
C CYS C 55 19.73 35.11 -8.53
N GLY C 56 18.59 35.04 -7.83
CA GLY C 56 18.33 36.00 -6.76
C GLY C 56 17.49 37.21 -7.13
N GLY C 57 16.27 36.98 -7.64
CA GLY C 57 15.36 38.05 -7.95
C GLY C 57 13.98 37.82 -7.36
N PRO C 58 13.05 38.75 -7.61
CA PRO C 58 11.68 38.58 -7.10
C PRO C 58 10.96 37.43 -7.80
N GLY C 59 10.69 36.37 -7.04
CA GLY C 59 10.19 35.13 -7.61
C GLY C 59 8.69 35.17 -7.79
N VAL C 60 8.23 34.69 -8.94
CA VAL C 60 6.83 34.79 -9.30
C VAL C 60 6.25 33.40 -9.52
N SER C 61 7.11 32.40 -9.64
CA SER C 61 6.68 31.07 -10.04
C SER C 61 7.56 30.05 -9.34
N ASP C 62 7.07 28.81 -9.30
CA ASP C 62 7.63 27.76 -8.46
C ASP C 62 8.93 27.22 -9.05
N ALA C 63 9.38 26.11 -8.47
CA ALA C 63 10.48 25.33 -9.02
C ALA C 63 10.03 23.90 -9.21
N TYR C 64 10.42 23.30 -10.33
CA TYR C 64 10.12 21.92 -10.64
C TYR C 64 11.42 21.24 -11.02
N TYR C 65 11.55 19.97 -10.65
CA TYR C 65 12.61 19.13 -11.18
C TYR C 65 12.12 18.44 -12.44
N CYS C 66 13.03 18.20 -13.37
CA CYS C 66 12.70 17.42 -14.54
C CYS C 66 12.52 15.97 -14.15
N LYS C 67 11.83 15.22 -15.01
CA LYS C 67 11.64 13.80 -14.79
C LYS C 67 12.94 13.01 -14.96
N GLU C 68 13.90 13.58 -15.67
CA GLU C 68 15.21 12.95 -15.80
C GLU C 68 15.94 12.88 -14.47
N CYS C 69 15.87 13.94 -13.66
CA CYS C 69 16.46 13.88 -12.33
C CYS C 69 15.63 13.07 -11.36
N THR C 70 14.36 12.81 -11.67
CA THR C 70 13.55 11.95 -10.83
C THR C 70 13.85 10.47 -11.07
N ILE C 71 13.93 10.06 -12.34
CA ILE C 71 14.30 8.68 -12.65
C ILE C 71 15.76 8.46 -12.29
N GLN C 72 16.60 9.47 -12.50
CA GLN C 72 17.99 9.43 -12.08
C GLN C 72 18.13 9.45 -10.57
N GLU C 73 17.12 9.94 -9.84
CA GLU C 73 17.06 10.01 -8.38
C GLU C 73 18.21 10.84 -7.81
N LYS C 74 18.16 12.14 -8.11
CA LYS C 74 19.10 13.12 -7.57
C LYS C 74 18.43 14.07 -6.59
N ASP C 75 17.10 14.14 -6.59
CA ASP C 75 16.37 15.09 -5.75
C ASP C 75 16.42 14.76 -4.27
N ARG C 76 16.75 13.53 -3.91
CA ARG C 76 16.72 13.11 -2.52
C ARG C 76 17.87 13.68 -1.70
N ASP C 77 18.82 14.36 -2.34
CA ASP C 77 19.97 14.92 -1.64
C ASP C 77 19.59 16.22 -0.94
N GLY C 78 20.58 17.01 -0.58
CA GLY C 78 20.36 18.21 0.19
C GLY C 78 19.70 19.33 -0.60
N CYS C 79 19.52 20.47 0.07
CA CYS C 79 18.75 21.57 -0.50
C CYS C 79 19.50 22.21 -1.67
N PRO C 80 18.86 22.36 -2.82
CA PRO C 80 19.59 22.70 -4.04
C PRO C 80 19.88 24.17 -4.21
N LYS C 81 19.81 24.98 -3.16
CA LYS C 81 19.98 26.41 -3.33
C LYS C 81 21.42 26.76 -3.66
N ILE C 82 21.61 27.40 -4.81
CA ILE C 82 22.90 27.98 -5.15
C ILE C 82 23.20 29.11 -4.20
N VAL C 83 24.37 29.07 -3.58
CA VAL C 83 24.80 30.12 -2.67
C VAL C 83 26.02 30.80 -3.27
N ASN C 84 26.05 32.13 -3.16
CA ASN C 84 27.30 32.85 -3.32
C ASN C 84 28.09 32.75 -2.03
N LEU C 85 29.40 32.96 -2.14
CA LEU C 85 30.27 32.74 -1.00
C LEU C 85 31.09 33.99 -0.69
N ASP D 1 10.17 -11.50 -29.55
CA ASP D 1 9.42 -10.84 -28.49
C ASP D 1 8.28 -11.71 -27.98
N MET D 2 8.50 -12.42 -26.87
CA MET D 2 7.46 -13.20 -26.21
C MET D 2 7.22 -12.54 -24.87
N PHE D 3 6.36 -11.53 -24.87
CA PHE D 3 6.01 -10.81 -23.65
C PHE D 3 5.18 -11.69 -22.74
N LEU D 4 5.17 -11.35 -21.46
CA LEU D 4 4.40 -12.11 -20.48
C LEU D 4 3.58 -11.18 -19.60
N TYR D 5 2.48 -11.69 -19.07
CA TYR D 5 1.51 -10.91 -18.31
C TYR D 5 1.24 -11.59 -16.97
N ASN D 6 1.69 -10.97 -15.88
CA ASN D 6 1.51 -11.55 -14.57
C ASN D 6 0.03 -11.49 -14.16
N LEU D 7 -0.35 -12.40 -13.27
CA LEU D 7 -1.67 -12.42 -12.69
C LEU D 7 -1.56 -13.16 -11.37
N THR D 8 -2.61 -13.11 -10.54
CA THR D 8 -2.57 -13.86 -9.29
C THR D 8 -3.92 -14.50 -9.01
N LEU D 9 -3.88 -15.56 -8.21
CA LEU D 9 -5.07 -16.36 -7.90
C LEU D 9 -5.37 -16.48 -6.42
N GLN D 10 -4.35 -16.49 -5.56
CA GLN D 10 -4.57 -16.63 -4.13
C GLN D 10 -3.54 -15.74 -3.46
N ARG D 11 -4.02 -14.75 -2.70
CA ARG D 11 -3.14 -13.76 -2.13
C ARG D 11 -2.32 -14.37 -0.99
N ALA D 12 -1.19 -13.74 -0.71
CA ALA D 12 -0.30 -14.23 0.34
C ALA D 12 -0.98 -14.07 1.70
N THR D 13 -0.94 -15.13 2.51
CA THR D 13 -1.65 -15.08 3.78
C THR D 13 -0.70 -15.22 4.97
N GLY D 14 0.40 -14.48 4.96
CA GLY D 14 1.33 -14.51 6.07
C GLY D 14 1.37 -13.24 6.90
N ILE D 15 0.94 -13.34 8.15
CA ILE D 15 0.84 -12.18 9.03
C ILE D 15 2.21 -11.86 9.60
N SER D 16 2.61 -10.58 9.52
CA SER D 16 3.90 -10.14 10.07
C SER D 16 3.81 -9.00 11.08
N PHE D 17 2.76 -8.20 11.08
CA PHE D 17 2.63 -7.07 11.99
C PHE D 17 1.15 -6.84 12.21
N ALA D 18 0.68 -6.96 13.44
CA ALA D 18 -0.73 -6.72 13.73
C ALA D 18 -0.83 -5.61 14.78
N ILE D 19 -1.33 -4.46 14.35
CA ILE D 19 -1.75 -3.41 15.25
C ILE D 19 -3.25 -3.30 15.10
N HIS D 20 -3.87 -2.57 16.00
CA HIS D 20 -5.33 -2.57 16.01
C HIS D 20 -5.84 -1.24 16.53
N GLY D 21 -7.16 -1.11 16.54
CA GLY D 21 -7.76 0.08 17.10
C GLY D 21 -9.13 0.33 16.53
N ASN D 22 -9.52 1.60 16.54
CA ASN D 22 -10.81 2.03 16.01
C ASN D 22 -10.52 2.86 14.76
N PHE D 23 -10.77 2.26 13.60
CA PHE D 23 -10.63 2.95 12.33
C PHE D 23 -11.97 3.24 11.69
N SER D 24 -13.02 2.55 12.11
CA SER D 24 -14.36 2.96 11.77
C SER D 24 -14.80 4.23 12.49
N GLY D 25 -14.05 4.66 13.52
CA GLY D 25 -14.46 5.75 14.36
C GLY D 25 -15.45 5.38 15.45
N THR D 26 -16.09 4.22 15.33
CA THR D 26 -17.17 3.80 16.20
C THR D 26 -16.60 3.14 17.45
N LYS D 27 -17.47 2.50 18.22
CA LYS D 27 -17.02 1.69 19.34
C LYS D 27 -16.38 0.39 18.90
N GLN D 28 -16.67 -0.08 17.69
CA GLN D 28 -16.12 -1.35 17.26
C GLN D 28 -14.65 -1.20 16.89
N GLN D 29 -13.98 -2.35 16.80
CA GLN D 29 -12.53 -2.40 16.83
C GLN D 29 -12.04 -3.34 15.74
N GLU D 30 -11.03 -2.89 14.99
CA GLU D 30 -10.56 -3.60 13.80
C GLU D 30 -9.04 -3.77 13.86
N ILE D 31 -8.57 -4.78 13.14
CA ILE D 31 -7.19 -5.27 13.23
C ILE D 31 -6.51 -5.03 11.89
N VAL D 32 -5.50 -4.16 11.87
CA VAL D 32 -4.66 -4.04 10.68
C VAL D 32 -3.61 -5.13 10.75
N VAL D 33 -3.80 -6.19 9.97
CA VAL D 33 -2.73 -7.16 9.79
C VAL D 33 -1.81 -6.60 8.71
N SER D 34 -0.67 -7.23 8.49
CA SER D 34 0.15 -6.85 7.35
C SER D 34 0.79 -8.07 6.73
N ARG D 35 0.61 -8.25 5.44
CA ARG D 35 1.27 -9.31 4.70
C ARG D 35 2.55 -8.72 4.10
N GLY D 36 3.11 -9.40 3.11
CA GLY D 36 4.41 -8.98 2.58
C GLY D 36 4.34 -7.67 1.81
N LYS D 37 3.34 -7.52 0.98
CA LYS D 37 3.02 -6.24 0.38
C LYS D 37 1.52 -5.99 0.34
N ILE D 38 0.72 -6.90 0.86
CA ILE D 38 -0.73 -6.79 0.80
C ILE D 38 -1.21 -6.35 2.18
N LEU D 39 -1.41 -5.06 2.36
CA LEU D 39 -2.05 -4.55 3.57
C LEU D 39 -3.49 -5.04 3.61
N GLU D 40 -4.00 -5.30 4.81
CA GLU D 40 -5.34 -5.86 4.86
C GLU D 40 -5.98 -5.52 6.21
N LEU D 41 -7.25 -5.15 6.16
CA LEU D 41 -8.02 -4.85 7.36
C LEU D 41 -9.00 -5.99 7.61
N LEU D 42 -9.29 -6.25 8.88
CA LEU D 42 -10.23 -7.32 9.21
C LEU D 42 -11.34 -6.83 10.11
N ARG D 43 -12.20 -7.75 10.53
CA ARG D 43 -13.16 -7.47 11.58
C ARG D 43 -13.57 -8.80 12.18
N PRO D 44 -13.47 -8.97 13.49
CA PRO D 44 -14.03 -10.17 14.11
C PRO D 44 -15.53 -10.04 14.21
N ASP D 45 -16.15 -11.15 14.58
CA ASP D 45 -17.57 -11.10 14.84
C ASP D 45 -17.77 -11.19 16.34
N PRO D 46 -18.44 -10.23 16.97
CA PRO D 46 -18.70 -10.31 18.40
C PRO D 46 -19.80 -11.28 18.79
N ASN D 47 -20.28 -12.13 17.90
CA ASN D 47 -21.37 -13.02 18.25
C ASN D 47 -21.07 -14.47 17.89
N THR D 48 -20.31 -14.71 16.83
CA THR D 48 -19.86 -16.05 16.51
C THR D 48 -18.41 -16.13 16.01
N GLY D 49 -17.68 -15.02 16.00
CA GLY D 49 -16.24 -15.04 15.87
C GLY D 49 -15.71 -15.13 14.45
N LYS D 50 -16.56 -15.27 13.45
CA LYS D 50 -16.12 -15.42 12.08
C LYS D 50 -15.49 -14.13 11.60
N VAL D 51 -14.19 -14.16 11.32
CA VAL D 51 -13.49 -12.96 10.90
C VAL D 51 -13.87 -12.65 9.46
N HIS D 52 -14.75 -11.67 9.28
CA HIS D 52 -15.22 -11.29 7.95
C HIS D 52 -14.25 -10.29 7.39
N THR D 53 -13.51 -10.71 6.37
CA THR D 53 -12.57 -9.82 5.70
C THR D 53 -13.31 -8.70 5.00
N LEU D 54 -12.85 -7.48 5.19
CA LEU D 54 -13.48 -6.30 4.63
C LEU D 54 -12.68 -5.62 3.54
N LEU D 55 -11.43 -5.26 3.79
CA LEU D 55 -10.65 -4.53 2.80
C LEU D 55 -9.29 -5.17 2.65
N THR D 56 -8.82 -5.28 1.41
CA THR D 56 -7.47 -5.70 1.09
C THR D 56 -6.93 -4.90 -0.07
N VAL D 57 -5.68 -4.47 0.04
CA VAL D 57 -5.11 -3.43 -0.81
C VAL D 57 -3.64 -3.73 -1.02
N GLU D 58 -3.20 -3.81 -2.27
CA GLU D 58 -1.78 -3.93 -2.55
C GLU D 58 -1.10 -2.59 -2.33
N VAL D 59 0.15 -2.63 -1.88
CA VAL D 59 0.95 -1.42 -1.81
C VAL D 59 2.14 -1.44 -2.74
N PHE D 60 2.45 -2.58 -3.37
CA PHE D 60 3.48 -2.72 -4.41
C PHE D 60 4.88 -2.38 -3.89
N GLY D 61 5.05 -2.38 -2.59
CA GLY D 61 6.32 -2.03 -2.00
C GLY D 61 6.69 -2.95 -0.86
N VAL D 62 7.47 -2.44 0.07
CA VAL D 62 7.97 -3.21 1.19
C VAL D 62 7.46 -2.54 2.47
N ILE D 63 6.69 -3.26 3.25
CA ILE D 63 6.13 -2.75 4.49
C ILE D 63 7.10 -3.07 5.63
N ARG D 64 7.80 -2.06 6.14
CA ARG D 64 8.88 -2.30 7.09
C ARG D 64 8.57 -1.86 8.51
N SER D 65 7.49 -1.12 8.73
CA SER D 65 7.13 -0.62 10.05
C SER D 65 5.69 -0.16 10.01
N LEU D 66 4.98 -0.33 11.13
CA LEU D 66 3.54 -0.14 11.10
C LEU D 66 3.01 0.16 12.51
N MET D 67 2.73 1.45 12.78
CA MET D 67 2.39 1.91 14.13
C MET D 67 1.16 2.80 14.07
N ALA D 68 0.20 2.56 14.95
CA ALA D 68 -1.02 3.37 15.01
C ALA D 68 -0.97 4.33 16.19
N PHE D 69 -1.73 5.41 16.09
CA PHE D 69 -1.87 6.36 17.18
C PHE D 69 -3.20 7.10 17.02
N ARG D 70 -3.41 8.09 17.89
CA ARG D 70 -4.61 8.90 17.86
C ARG D 70 -4.28 10.23 18.49
N LEU D 71 -4.68 11.33 17.85
CA LEU D 71 -4.39 12.65 18.38
C LEU D 71 -5.26 12.92 19.59
N THR D 72 -4.93 14.00 20.29
CA THR D 72 -5.56 14.36 21.55
C THR D 72 -7.03 14.68 21.34
N GLY D 73 -7.90 13.85 21.89
CA GLY D 73 -9.32 14.07 21.81
C GLY D 73 -10.00 13.49 20.60
N GLY D 74 -9.24 13.07 19.58
CA GLY D 74 -9.83 12.42 18.43
C GLY D 74 -10.38 11.05 18.76
N THR D 75 -11.12 10.49 17.79
CA THR D 75 -11.67 9.15 17.97
C THR D 75 -11.45 8.28 16.74
N LYS D 76 -10.59 8.70 15.82
CA LYS D 76 -10.31 7.94 14.61
C LYS D 76 -8.82 7.70 14.53
N ASP D 77 -8.42 6.46 14.76
CA ASP D 77 -7.02 6.08 14.72
C ASP D 77 -6.49 6.19 13.31
N TYR D 78 -5.20 6.43 13.19
CA TYR D 78 -4.56 6.50 11.89
C TYR D 78 -3.60 5.32 11.75
N ILE D 79 -2.88 5.28 10.64
CA ILE D 79 -1.79 4.33 10.45
C ILE D 79 -0.61 5.13 9.92
N VAL D 80 0.57 4.86 10.42
CA VAL D 80 1.80 5.31 9.78
C VAL D 80 2.41 4.09 9.12
N VAL D 81 2.99 4.27 7.94
CA VAL D 81 3.69 3.19 7.26
C VAL D 81 5.05 3.69 6.83
N GLY D 82 6.09 2.93 7.15
CA GLY D 82 7.42 3.19 6.62
C GLY D 82 7.64 2.41 5.34
N SER D 83 8.26 3.07 4.37
CA SER D 83 8.44 2.53 3.03
C SER D 83 9.88 2.05 2.85
N ASP D 84 10.10 1.34 1.74
CA ASP D 84 11.46 1.01 1.35
C ASP D 84 12.21 2.23 0.85
N SER D 85 11.51 3.10 0.13
CA SER D 85 12.13 4.34 -0.30
C SER D 85 12.06 5.34 0.85
N GLY D 86 12.94 6.35 0.80
CA GLY D 86 13.06 7.26 1.92
C GLY D 86 11.95 8.29 2.02
N ARG D 87 10.70 7.83 2.02
CA ARG D 87 9.54 8.70 2.18
C ARG D 87 8.52 8.00 3.05
N ILE D 88 8.00 8.71 4.03
CA ILE D 88 7.03 8.18 4.98
C ILE D 88 5.63 8.67 4.61
N VAL D 89 4.64 7.81 4.78
CA VAL D 89 3.27 8.15 4.47
C VAL D 89 2.45 8.07 5.75
N ILE D 90 1.24 8.64 5.69
CA ILE D 90 0.24 8.49 6.74
C ILE D 90 -1.08 8.19 6.05
N LEU D 91 -1.82 7.21 6.55
CA LEU D 91 -3.06 6.83 5.92
C LEU D 91 -4.22 7.22 6.79
N GLU D 92 -5.42 6.85 6.37
CA GLU D 92 -6.68 7.05 7.08
C GLU D 92 -7.75 6.24 6.37
N TYR D 93 -8.71 5.72 7.14
CA TYR D 93 -9.76 4.87 6.62
C TYR D 93 -10.97 5.68 6.19
N GLN D 94 -11.80 5.10 5.31
CA GLN D 94 -13.05 5.72 4.88
C GLN D 94 -14.14 4.66 4.86
N PRO D 95 -15.09 4.71 5.80
CA PRO D 95 -16.07 3.61 5.92
C PRO D 95 -17.08 3.55 4.78
N SER D 96 -17.29 4.64 4.06
CA SER D 96 -18.21 4.64 2.93
C SER D 96 -17.51 4.62 1.58
N LYS D 97 -16.40 5.35 1.46
CA LYS D 97 -15.62 5.34 0.22
C LYS D 97 -14.89 4.03 0.03
N ASN D 98 -14.56 3.34 1.13
CA ASN D 98 -13.96 2.00 1.17
C ASN D 98 -12.59 1.99 0.50
N MET D 99 -11.70 2.82 1.03
CA MET D 99 -10.34 2.94 0.54
C MET D 99 -9.52 3.66 1.60
N PHE D 100 -8.22 3.78 1.33
CA PHE D 100 -7.31 4.46 2.25
C PHE D 100 -7.02 5.84 1.70
N GLU D 101 -7.48 6.86 2.40
CA GLU D 101 -7.12 8.21 2.03
C GLU D 101 -5.72 8.50 2.52
N LYS D 102 -4.84 8.88 1.60
CA LYS D 102 -3.53 9.37 1.96
C LYS D 102 -3.68 10.73 2.64
N ILE D 103 -2.74 11.07 3.51
CA ILE D 103 -2.74 12.41 4.08
C ILE D 103 -1.51 13.19 3.62
N HIS D 104 -0.32 12.74 3.98
CA HIS D 104 0.83 13.60 3.71
C HIS D 104 2.08 12.77 3.58
N GLN D 105 3.02 13.24 2.76
CA GLN D 105 4.30 12.57 2.58
C GLN D 105 5.44 13.53 2.83
N GLU D 106 6.55 13.01 3.33
CA GLU D 106 7.77 13.79 3.47
C GLU D 106 8.90 13.07 2.78
N THR D 107 9.83 13.86 2.23
CA THR D 107 10.99 13.36 1.50
C THR D 107 12.24 13.60 2.32
N PHE D 108 12.93 12.53 2.69
CA PHE D 108 14.07 12.67 3.58
C PHE D 108 15.28 11.84 3.15
N GLY D 109 15.07 10.76 2.40
CA GLY D 109 16.18 9.89 2.07
C GLY D 109 15.98 9.19 0.74
N LYS D 110 17.04 8.49 0.33
CA LYS D 110 17.07 7.80 -0.95
C LYS D 110 16.21 6.54 -0.88
N SER D 111 16.18 5.80 -1.97
CA SER D 111 15.38 4.58 -2.03
C SER D 111 16.25 3.39 -1.68
N GLY D 112 15.59 2.29 -1.30
CA GLY D 112 16.30 1.07 -0.97
C GLY D 112 16.83 1.05 0.44
N CYS D 113 16.69 -0.09 1.11
CA CYS D 113 17.02 -0.22 2.53
C CYS D 113 18.53 -0.21 2.72
N ARG D 114 19.07 1.01 2.79
CA ARG D 114 20.50 1.21 2.97
C ARG D 114 20.85 1.11 4.46
N ARG D 115 22.07 1.54 4.82
CA ARG D 115 22.44 1.67 6.22
C ARG D 115 21.99 3.02 6.77
N ILE D 116 22.54 4.11 6.21
CA ILE D 116 22.41 5.43 6.83
C ILE D 116 21.05 6.06 6.57
N VAL D 117 20.24 5.47 5.70
CA VAL D 117 18.91 5.97 5.39
C VAL D 117 17.92 5.47 6.43
N PRO D 118 17.11 6.35 7.00
CA PRO D 118 16.09 5.91 7.96
C PRO D 118 14.95 5.13 7.33
N GLY D 119 13.92 4.87 8.13
CA GLY D 119 12.82 4.05 7.72
C GLY D 119 12.81 2.68 8.36
N GLN D 120 13.88 2.31 9.03
CA GLN D 120 13.96 1.01 9.66
C GLN D 120 13.10 0.95 10.92
N PHE D 121 13.44 1.75 11.93
CA PHE D 121 12.75 1.72 13.21
C PHE D 121 11.92 2.98 13.37
N LEU D 122 10.68 2.81 13.80
CA LEU D 122 9.69 3.88 13.83
C LEU D 122 9.16 4.04 15.24
N ALA D 123 9.34 5.22 15.80
CA ALA D 123 8.93 5.52 17.16
C ALA D 123 7.77 6.50 17.13
N VAL D 124 6.70 6.16 17.85
CA VAL D 124 5.58 7.07 18.00
C VAL D 124 5.47 7.44 19.48
N ASP D 125 5.04 8.64 19.71
CA ASP D 125 4.79 8.97 21.11
C ASP D 125 3.40 8.49 21.50
N PRO D 126 3.18 8.11 22.76
CA PRO D 126 1.84 7.64 23.16
C PRO D 126 0.77 8.72 23.20
N LYS D 127 1.12 9.99 23.07
CA LYS D 127 0.13 11.06 22.97
C LYS D 127 -0.12 11.48 21.53
N GLY D 128 0.55 10.86 20.57
CA GLY D 128 0.33 11.17 19.18
C GLY D 128 0.95 12.47 18.70
N ARG D 129 1.54 13.25 19.59
CA ARG D 129 2.04 14.55 19.23
C ARG D 129 3.43 14.52 18.60
N ALA D 130 4.20 13.46 18.80
CA ALA D 130 5.52 13.39 18.19
C ALA D 130 5.69 12.02 17.58
N VAL D 131 6.62 11.93 16.61
CA VAL D 131 6.91 10.67 15.94
C VAL D 131 8.36 10.74 15.46
N MET D 132 9.01 9.58 15.47
CA MET D 132 10.45 9.52 15.24
C MET D 132 10.78 8.34 14.37
N ILE D 133 11.62 8.57 13.37
CA ILE D 133 12.10 7.53 12.50
C ILE D 133 13.61 7.43 12.68
N SER D 134 14.13 6.20 12.56
CA SER D 134 15.50 5.96 12.97
C SER D 134 16.04 4.70 12.29
N ALA D 135 17.21 4.86 11.68
CA ALA D 135 17.91 3.79 10.99
C ALA D 135 18.76 3.00 11.98
N ILE D 136 19.74 2.27 11.46
CA ILE D 136 20.74 1.60 12.27
C ILE D 136 22.04 2.35 12.01
N GLU D 137 21.94 3.67 11.85
CA GLU D 137 23.08 4.55 11.68
C GLU D 137 22.61 5.96 12.08
N LYS D 138 23.49 6.97 11.92
CA LYS D 138 23.41 8.32 12.44
C LYS D 138 22.10 9.05 12.15
N GLN D 139 21.45 8.82 11.01
CA GLN D 139 20.28 9.62 10.67
C GLN D 139 19.10 9.11 11.47
N LYS D 140 18.63 9.94 12.38
CA LYS D 140 17.40 9.73 13.12
C LYS D 140 16.62 11.03 13.05
N LEU D 141 15.38 10.96 12.57
CA LEU D 141 14.59 12.16 12.34
C LEU D 141 13.38 12.13 13.25
N VAL D 142 12.97 13.30 13.72
CA VAL D 142 11.80 13.45 14.57
C VAL D 142 10.85 14.44 13.93
N TYR D 143 9.58 14.07 13.84
CA TYR D 143 8.54 14.95 13.34
C TYR D 143 7.61 15.35 14.47
N ILE D 144 6.85 16.43 14.25
CA ILE D 144 5.90 16.94 15.22
C ILE D 144 4.54 17.00 14.54
N LEU D 145 3.53 16.40 15.15
CA LEU D 145 2.21 16.34 14.55
C LEU D 145 1.31 17.39 15.20
N ASN D 146 1.35 18.58 14.64
CA ASN D 146 0.47 19.64 15.06
C ASN D 146 -0.84 19.51 14.29
N ARG D 147 -1.95 19.73 14.98
CA ARG D 147 -3.24 19.91 14.33
C ARG D 147 -3.65 21.38 14.43
N ASP D 148 -4.02 21.96 13.30
CA ASP D 148 -4.55 23.32 13.26
C ASP D 148 -6.04 23.32 13.60
N ALA D 149 -6.71 24.44 13.38
CA ALA D 149 -8.16 24.49 13.53
C ALA D 149 -8.90 24.11 12.25
N ALA D 150 -8.20 23.49 11.29
CA ALA D 150 -8.80 23.05 10.04
C ALA D 150 -8.89 21.53 9.96
N ALA D 151 -8.72 20.87 11.12
CA ALA D 151 -8.96 19.42 11.31
C ALA D 151 -8.04 18.56 10.43
N ARG D 152 -6.84 19.05 10.17
CA ARG D 152 -5.86 18.32 9.38
C ARG D 152 -4.59 18.17 10.22
N LEU D 153 -3.54 17.63 9.62
CA LEU D 153 -2.36 17.18 10.36
C LEU D 153 -1.15 17.96 9.91
N THR D 154 -0.95 19.13 10.48
CA THR D 154 0.14 20.00 10.08
C THR D 154 1.43 19.44 10.64
N ILE D 155 2.15 18.70 9.80
CA ILE D 155 3.43 18.08 10.11
C ILE D 155 4.48 19.18 10.09
N SER D 156 5.67 18.91 10.60
CA SER D 156 6.68 19.94 10.72
C SER D 156 7.93 19.58 9.92
N SER D 157 8.97 20.39 10.11
CA SER D 157 10.27 20.15 9.51
C SER D 157 10.92 18.92 10.14
N PRO D 158 11.92 18.33 9.48
CA PRO D 158 12.65 17.23 10.12
C PRO D 158 13.70 17.73 11.09
N LEU D 159 13.93 16.95 12.14
CA LEU D 159 14.88 17.28 13.19
C LEU D 159 16.09 16.37 13.15
N GLU D 160 17.27 16.98 13.10
CA GLU D 160 18.52 16.27 12.87
C GLU D 160 19.02 15.65 14.16
N ALA D 161 19.42 14.38 14.11
CA ALA D 161 20.04 13.71 15.24
C ALA D 161 21.25 12.89 14.79
N HIS D 162 22.13 13.51 14.01
CA HIS D 162 23.29 12.83 13.44
C HIS D 162 24.33 12.51 14.53
N LYS D 163 24.97 11.35 14.40
CA LYS D 163 25.90 10.84 15.41
C LYS D 163 26.78 9.75 14.82
N ALA D 164 28.07 10.01 14.68
CA ALA D 164 28.97 9.09 13.98
C ALA D 164 29.19 7.80 14.77
N ASN D 165 29.12 6.67 14.05
CA ASN D 165 29.47 5.33 14.52
C ASN D 165 28.64 4.84 15.70
N THR D 166 27.34 4.64 15.50
CA THR D 166 26.50 4.04 16.53
C THR D 166 25.65 2.93 15.91
N LEU D 167 25.20 2.00 16.73
CA LEU D 167 24.16 1.09 16.28
C LEU D 167 22.88 1.38 17.06
N VAL D 168 21.81 0.69 16.68
CA VAL D 168 20.52 0.73 17.37
C VAL D 168 19.94 -0.67 17.33
N TYR D 169 19.61 -1.24 18.48
CA TYR D 169 18.87 -2.49 18.44
C TYR D 169 17.38 -2.22 18.31
N HIS D 170 16.87 -1.22 19.02
CA HIS D 170 15.43 -1.03 19.15
C HIS D 170 15.16 0.36 19.68
N VAL D 171 14.01 0.93 19.33
CA VAL D 171 13.57 2.25 19.77
C VAL D 171 12.07 2.21 20.03
N VAL D 172 11.65 2.43 21.28
CA VAL D 172 10.24 2.66 21.62
C VAL D 172 10.18 3.86 22.57
N GLY D 173 9.34 4.84 22.25
CA GLY D 173 9.26 6.05 23.06
C GLY D 173 8.55 5.85 24.39
N VAL D 174 8.73 6.83 25.28
CA VAL D 174 8.46 6.65 26.70
C VAL D 174 7.20 7.42 27.08
N ASP D 175 6.32 6.76 27.83
CA ASP D 175 5.04 7.31 28.29
C ASP D 175 5.31 8.37 29.34
N VAL D 176 5.57 9.59 28.89
CA VAL D 176 5.87 10.69 29.79
C VAL D 176 4.60 11.49 30.03
N GLY D 177 4.58 12.21 31.14
CA GLY D 177 3.41 12.96 31.55
C GLY D 177 3.36 14.38 31.03
N PHE D 178 3.03 14.54 29.74
CA PHE D 178 2.79 15.83 29.11
C PHE D 178 4.03 16.71 29.17
N GLU D 179 5.16 16.14 28.79
CA GLU D 179 6.41 16.88 28.88
C GLU D 179 7.09 16.96 27.53
N ASN D 180 8.29 17.54 27.52
CA ASN D 180 9.18 17.41 26.39
C ASN D 180 9.41 15.92 26.18
N PRO D 181 9.00 15.36 25.05
CA PRO D 181 8.81 13.91 24.97
C PRO D 181 10.13 13.15 24.94
N MET D 182 10.09 11.94 25.49
CA MET D 182 11.28 11.15 25.69
C MET D 182 11.25 9.87 24.86
N PHE D 183 12.37 9.63 24.18
CA PHE D 183 12.53 8.50 23.26
C PHE D 183 13.69 7.62 23.72
N ALA D 184 13.41 6.32 23.87
CA ALA D 184 14.38 5.35 24.36
C ALA D 184 15.07 4.65 23.20
N CYS D 185 16.31 4.18 23.44
CA CYS D 185 17.05 3.47 22.41
C CYS D 185 18.13 2.61 23.02
N LEU D 186 18.33 1.40 22.47
CA LEU D 186 19.43 0.54 22.88
C LEU D 186 20.61 0.70 21.91
N GLU D 187 21.42 1.71 22.18
CA GLU D 187 22.54 1.97 21.29
C GLU D 187 23.66 0.95 21.50
N MET D 188 24.69 1.09 20.68
CA MET D 188 25.90 0.27 20.77
C MET D 188 26.97 0.97 19.96
N ASP D 189 28.09 1.26 20.58
CA ASP D 189 29.17 1.92 19.86
C ASP D 189 30.09 0.87 19.22
N TYR D 190 30.76 1.28 18.14
CA TYR D 190 31.76 0.43 17.53
C TYR D 190 32.97 1.20 17.06
N GLU D 191 33.07 2.49 17.33
CA GLU D 191 34.29 3.21 16.99
C GLU D 191 35.43 2.81 17.91
N GLU D 192 35.13 2.27 19.09
CA GLU D 192 36.12 1.54 19.87
C GLU D 192 36.62 0.32 19.11
N ALA D 193 35.73 -0.34 18.37
CA ALA D 193 36.03 -1.61 17.72
C ALA D 193 36.62 -1.43 16.33
N ASP D 194 37.26 -0.31 16.06
CA ASP D 194 37.76 -0.01 14.75
C ASP D 194 39.22 0.40 14.73
N ASN D 195 39.94 0.24 15.83
CA ASN D 195 41.35 0.57 15.84
C ASN D 195 42.23 -0.49 16.49
N ASP D 196 41.67 -1.37 17.30
CA ASP D 196 42.48 -2.25 18.13
C ASP D 196 43.07 -3.37 17.29
N PRO D 197 44.40 -3.55 17.28
CA PRO D 197 44.97 -4.70 16.56
C PRO D 197 44.69 -6.02 17.24
N THR D 198 44.55 -6.04 18.56
CA THR D 198 44.26 -7.27 19.26
C THR D 198 42.78 -7.63 19.13
N GLY D 199 41.92 -6.63 19.02
CA GLY D 199 40.51 -6.87 18.79
C GLY D 199 39.78 -7.36 20.02
N GLU D 200 39.92 -6.66 21.14
CA GLU D 200 39.18 -6.98 22.35
C GLU D 200 37.93 -6.12 22.51
N ALA D 201 37.76 -5.11 21.68
CA ALA D 201 36.55 -4.31 21.73
C ALA D 201 35.35 -5.00 21.08
N ALA D 202 35.53 -6.20 20.52
CA ALA D 202 34.38 -7.05 20.21
C ALA D 202 33.80 -7.62 21.49
N ALA D 203 34.60 -7.73 22.54
CA ALA D 203 34.10 -7.87 23.89
C ALA D 203 33.93 -6.47 24.48
N ASN D 204 33.77 -6.41 25.80
CA ASN D 204 33.81 -5.22 26.69
C ASN D 204 33.13 -3.95 26.14
N THR D 205 32.00 -4.13 25.46
CA THR D 205 31.25 -3.01 24.89
C THR D 205 29.78 -3.37 24.92
N GLN D 206 28.98 -2.58 25.64
CA GLN D 206 27.62 -2.96 25.94
C GLN D 206 26.67 -1.80 25.67
N GLN D 207 25.39 -2.12 25.77
CA GLN D 207 24.33 -1.19 25.39
C GLN D 207 24.24 -0.05 26.37
N THR D 208 23.86 1.11 25.87
CA THR D 208 23.43 2.20 26.71
C THR D 208 21.96 2.45 26.45
N LEU D 209 21.21 2.73 27.51
CA LEU D 209 19.80 3.04 27.35
C LEU D 209 19.65 4.57 27.31
N THR D 210 20.17 5.13 26.22
CA THR D 210 20.18 6.58 26.04
C THR D 210 18.76 7.07 25.79
N PHE D 211 18.39 8.19 26.42
CA PHE D 211 17.10 8.79 26.16
C PHE D 211 17.25 10.09 25.36
N TYR D 212 16.26 10.37 24.53
CA TYR D 212 16.28 11.51 23.62
C TYR D 212 15.18 12.48 24.03
N GLU D 213 15.39 13.77 23.77
CA GLU D 213 14.43 14.79 24.15
C GLU D 213 14.16 15.72 22.98
N LEU D 214 12.90 15.94 22.70
CA LEU D 214 12.49 17.01 21.79
C LEU D 214 12.37 18.29 22.60
N ASP D 215 12.63 19.43 21.98
CA ASP D 215 12.28 20.70 22.59
C ASP D 215 11.31 21.42 21.69
N LEU D 216 10.04 21.51 22.12
CA LEU D 216 9.01 22.15 21.33
C LEU D 216 9.27 23.63 21.18
N GLY D 217 9.63 24.29 22.28
CA GLY D 217 9.86 25.71 22.25
C GLY D 217 11.07 26.16 21.47
N LEU D 218 12.17 25.40 21.58
CA LEU D 218 13.43 25.86 21.00
C LEU D 218 13.81 25.14 19.73
N ASN D 219 13.04 24.11 19.32
CA ASN D 219 13.11 23.48 18.01
C ASN D 219 14.50 22.85 17.77
N HIS D 220 14.88 21.97 18.69
CA HIS D 220 16.07 21.15 18.54
C HIS D 220 15.92 19.92 19.41
N VAL D 221 16.61 18.85 19.02
CA VAL D 221 16.59 17.57 19.74
C VAL D 221 17.87 17.46 20.54
N VAL D 222 17.73 17.26 21.84
CA VAL D 222 18.87 17.11 22.74
C VAL D 222 18.73 15.76 23.42
N ARG D 223 19.84 15.24 23.91
CA ARG D 223 19.87 13.93 24.54
C ARG D 223 19.68 14.05 26.03
N LYS D 224 18.98 13.07 26.60
CA LYS D 224 18.60 13.21 28.00
C LYS D 224 19.70 12.65 28.91
N TYR D 225 19.94 11.34 28.84
CA TYR D 225 20.91 10.67 29.70
C TYR D 225 21.50 9.49 28.94
N SER D 226 22.40 8.76 29.59
CA SER D 226 23.04 7.59 28.99
C SER D 226 23.59 6.71 30.10
N GLU D 227 23.13 5.46 30.17
CA GLU D 227 23.57 4.55 31.22
C GLU D 227 23.82 3.15 30.67
N PRO D 228 24.95 2.54 31.01
CA PRO D 228 25.29 1.22 30.47
C PRO D 228 24.36 0.14 30.99
N LEU D 229 24.05 -0.81 30.11
CA LEU D 229 23.35 -2.02 30.49
C LEU D 229 24.35 -3.09 30.86
N GLU D 230 23.85 -4.32 30.98
CA GLU D 230 24.73 -5.45 31.29
C GLU D 230 24.71 -6.48 30.17
N GLU D 231 23.54 -7.02 29.86
CA GLU D 231 23.40 -8.06 28.86
C GLU D 231 22.63 -7.54 27.67
N HIS D 232 22.79 -8.21 26.53
CA HIS D 232 22.30 -7.65 25.28
C HIS D 232 20.79 -7.78 25.19
N GLY D 233 20.17 -6.81 24.52
CA GLY D 233 18.74 -6.68 24.65
C GLY D 233 17.95 -6.77 23.36
N ASN D 234 16.91 -7.59 23.39
CA ASN D 234 15.86 -7.54 22.38
C ASN D 234 14.78 -6.58 22.90
N PHE D 235 13.55 -6.74 22.41
CA PHE D 235 12.53 -5.70 22.44
C PHE D 235 12.12 -5.28 23.85
N LEU D 236 11.52 -4.10 23.92
CA LEU D 236 11.24 -3.33 25.13
C LEU D 236 9.79 -2.94 25.12
N ILE D 237 9.11 -3.04 26.24
CA ILE D 237 7.79 -2.45 26.37
C ILE D 237 7.92 -1.07 26.99
N THR D 238 7.01 -0.16 26.63
CA THR D 238 6.79 1.04 27.43
C THR D 238 5.75 0.71 28.50
N VAL D 239 6.14 0.85 29.75
CA VAL D 239 5.20 0.73 30.87
C VAL D 239 4.21 1.88 30.80
N PRO D 240 2.90 1.67 30.99
CA PRO D 240 1.96 2.80 30.93
C PRO D 240 2.16 3.77 32.08
N GLY D 241 2.53 5.00 31.75
CA GLY D 241 2.77 6.02 32.74
C GLY D 241 1.60 6.95 32.94
N GLY D 242 1.84 8.25 32.88
CA GLY D 242 0.79 9.22 33.08
C GLY D 242 0.31 9.28 34.51
N SER D 243 -0.99 9.08 34.73
CA SER D 243 -1.58 9.05 36.06
C SER D 243 -1.91 7.65 36.53
N ASP D 244 -1.58 6.63 35.77
CA ASP D 244 -1.91 5.24 36.08
C ASP D 244 -0.64 4.43 35.88
N GLY D 245 -0.01 4.02 36.97
CA GLY D 245 1.19 3.23 36.89
C GLY D 245 2.41 4.06 36.56
N PRO D 246 3.58 3.54 36.89
CA PRO D 246 4.82 4.30 36.73
C PRO D 246 5.22 4.36 35.27
N SER D 247 6.30 5.08 35.00
CA SER D 247 6.80 5.25 33.66
C SER D 247 8.17 4.61 33.54
N GLY D 248 8.26 3.52 32.81
CA GLY D 248 9.54 2.89 32.59
C GLY D 248 9.51 2.03 31.36
N VAL D 249 10.61 1.32 31.16
CA VAL D 249 10.73 0.29 30.15
C VAL D 249 11.23 -0.93 30.90
N LEU D 250 10.81 -2.12 30.48
CA LEU D 250 11.31 -3.34 31.11
C LEU D 250 12.04 -4.15 30.06
N ILE D 251 13.34 -4.33 30.25
CA ILE D 251 14.19 -4.86 29.21
C ILE D 251 14.19 -6.38 29.29
N CYS D 252 13.51 -7.03 28.37
CA CYS D 252 13.72 -8.46 28.19
C CYS D 252 15.07 -8.66 27.54
N SER D 253 15.75 -9.74 27.91
CA SER D 253 17.10 -10.03 27.45
C SER D 253 17.38 -11.50 27.67
N GLU D 254 18.65 -11.87 27.62
CA GLU D 254 19.07 -13.25 27.74
C GLU D 254 18.85 -13.76 29.15
N ASN D 255 17.73 -14.46 29.36
CA ASN D 255 17.26 -15.19 30.54
C ASN D 255 16.74 -14.33 31.67
N TYR D 256 16.87 -13.02 31.61
CA TYR D 256 16.44 -12.13 32.70
C TYR D 256 15.39 -11.15 32.18
N ILE D 257 14.72 -10.48 33.10
CA ILE D 257 13.83 -9.38 32.76
C ILE D 257 14.11 -8.25 33.75
N THR D 258 14.15 -7.02 33.25
CA THR D 258 14.76 -5.94 34.04
C THR D 258 13.99 -4.65 33.85
N TYR D 259 13.32 -4.17 34.91
CA TYR D 259 12.81 -2.81 34.89
C TYR D 259 13.97 -1.84 35.03
N LYS D 260 13.88 -0.70 34.36
CA LYS D 260 14.88 0.34 34.53
C LYS D 260 14.23 1.67 34.18
N ASN D 261 13.79 2.38 35.21
CA ASN D 261 13.44 3.78 35.02
C ASN D 261 14.70 4.61 35.05
N PHE D 262 14.66 5.77 34.43
CA PHE D 262 15.67 6.74 34.81
C PHE D 262 15.29 7.36 36.14
N GLY D 263 16.31 7.63 36.95
CA GLY D 263 16.16 8.46 38.11
C GLY D 263 17.00 7.91 39.25
N ASP D 264 16.43 7.91 40.44
CA ASP D 264 16.98 7.20 41.58
C ASP D 264 16.46 5.77 41.67
N GLN D 265 15.95 5.24 40.57
CA GLN D 265 15.27 3.96 40.59
C GLN D 265 16.26 2.80 40.71
N PRO D 266 16.14 1.94 41.71
CA PRO D 266 16.85 0.67 41.69
C PRO D 266 16.20 -0.31 40.72
N ASP D 267 17.03 -1.16 40.12
CA ASP D 267 16.61 -1.96 38.98
C ASP D 267 16.44 -3.43 39.38
N ILE D 268 15.20 -3.90 39.28
CA ILE D 268 14.89 -5.30 39.56
C ILE D 268 15.38 -6.17 38.41
N ARG D 269 15.91 -7.35 38.73
CA ARG D 269 16.08 -8.43 37.77
C ARG D 269 15.19 -9.57 38.21
N CYS D 270 14.70 -10.35 37.25
CA CYS D 270 13.99 -11.57 37.60
C CYS D 270 14.26 -12.53 36.45
N PRO D 271 14.60 -13.77 36.69
CA PRO D 271 14.94 -14.68 35.60
C PRO D 271 13.68 -15.33 35.05
N ILE D 272 13.78 -15.76 33.81
CA ILE D 272 12.70 -16.44 33.10
C ILE D 272 12.69 -17.90 33.54
N PRO D 273 11.55 -18.45 33.97
CA PRO D 273 11.54 -19.81 34.48
C PRO D 273 11.61 -20.83 33.35
N ARG D 274 11.97 -22.06 33.69
CA ARG D 274 12.13 -23.16 32.73
C ARG D 274 11.19 -24.28 33.08
N ARG D 275 10.89 -25.12 32.09
CA ARG D 275 9.88 -26.14 32.24
C ARG D 275 10.34 -27.27 33.13
N ARG D 276 9.38 -27.99 33.68
CA ARG D 276 9.67 -29.21 34.41
C ARG D 276 10.05 -30.29 33.41
N ASN D 277 11.19 -30.94 33.65
CA ASN D 277 11.70 -32.06 32.85
C ASN D 277 11.93 -31.62 31.40
N ASP D 278 12.90 -30.75 31.24
CA ASP D 278 13.32 -30.30 29.92
C ASP D 278 13.84 -31.47 29.11
N LEU D 279 13.76 -31.34 27.79
CA LEU D 279 14.40 -32.32 26.93
C LEU D 279 15.30 -31.60 25.95
N ASP D 280 16.10 -30.68 26.45
CA ASP D 280 16.91 -29.84 25.56
C ASP D 280 18.37 -29.86 25.94
N ASP D 281 19.13 -29.04 25.28
CA ASP D 281 20.49 -28.70 25.66
C ASP D 281 20.43 -27.51 26.59
N PRO D 282 21.07 -27.58 27.76
CA PRO D 282 21.06 -26.42 28.66
C PRO D 282 21.93 -25.26 28.20
N GLU D 283 22.61 -25.36 27.07
CA GLU D 283 23.39 -24.24 26.57
C GLU D 283 22.48 -23.12 26.08
N ARG D 284 21.39 -23.47 25.40
CA ARG D 284 20.52 -22.47 24.82
C ARG D 284 19.70 -21.78 25.91
N GLY D 285 19.65 -20.46 25.85
CA GLY D 285 18.82 -19.70 26.77
C GLY D 285 17.36 -19.70 26.36
N MET D 286 16.67 -18.65 26.78
CA MET D 286 15.28 -18.47 26.42
C MET D 286 14.97 -16.99 26.44
N ILE D 287 14.55 -16.43 25.31
CA ILE D 287 14.18 -15.03 25.27
C ILE D 287 12.74 -14.92 24.80
N PHE D 288 12.26 -13.71 24.60
CA PHE D 288 10.88 -13.48 24.18
C PHE D 288 10.80 -13.00 22.75
N VAL D 289 9.57 -13.03 22.22
CA VAL D 289 9.31 -12.77 20.81
C VAL D 289 8.24 -11.70 20.62
N CYS D 290 7.37 -11.52 21.61
CA CYS D 290 6.24 -10.63 21.44
C CYS D 290 5.78 -10.08 22.79
N SER D 291 4.88 -9.09 22.73
CA SER D 291 4.47 -8.38 23.94
C SER D 291 3.13 -7.72 23.69
N ALA D 292 2.27 -7.69 24.71
CA ALA D 292 0.88 -7.27 24.55
C ALA D 292 0.40 -6.49 25.77
N THR D 293 0.48 -5.16 25.71
CA THR D 293 0.03 -4.33 26.82
C THR D 293 -1.49 -4.29 26.87
N HIS D 294 -2.06 -4.69 28.00
CA HIS D 294 -3.51 -4.70 28.16
C HIS D 294 -3.91 -3.54 29.07
N LYS D 295 -4.01 -2.35 28.49
CA LYS D 295 -4.24 -1.13 29.27
C LYS D 295 -5.72 -0.98 29.58
N THR D 296 -6.06 -1.08 30.85
CA THR D 296 -7.41 -0.89 31.33
C THR D 296 -7.41 0.34 32.22
N LYS D 297 -8.59 0.92 32.43
CA LYS D 297 -8.70 2.10 33.29
C LYS D 297 -8.35 1.78 34.74
N SER D 298 -8.63 0.56 35.19
CA SER D 298 -8.36 0.19 36.56
C SER D 298 -6.96 -0.37 36.79
N MET D 299 -6.41 -1.12 35.83
CA MET D 299 -5.16 -1.84 36.05
C MET D 299 -4.57 -2.19 34.69
N PHE D 300 -3.49 -2.98 34.72
CA PHE D 300 -2.93 -3.54 33.49
C PHE D 300 -2.06 -4.75 33.83
N PHE D 301 -2.17 -5.78 33.01
CA PHE D 301 -1.34 -6.97 33.05
C PHE D 301 -0.83 -7.25 31.66
N PHE D 302 0.39 -7.74 31.57
CA PHE D 302 0.93 -8.06 30.26
C PHE D 302 0.63 -9.52 29.92
N LEU D 303 0.89 -9.88 28.66
CA LEU D 303 0.95 -11.28 28.22
C LEU D 303 2.05 -11.36 27.17
N ALA D 304 3.23 -11.79 27.57
CA ALA D 304 4.34 -12.01 26.64
C ALA D 304 4.58 -13.50 26.49
N GLN D 305 5.35 -13.88 25.46
CA GLN D 305 5.45 -15.29 25.11
C GLN D 305 6.90 -15.68 24.82
N THR D 306 7.27 -16.87 25.26
CA THR D 306 8.61 -17.41 25.14
C THR D 306 8.87 -17.88 23.72
N GLU D 307 9.95 -18.65 23.54
CA GLU D 307 10.15 -19.35 22.28
C GLU D 307 9.18 -20.51 22.16
N GLN D 308 9.03 -21.28 23.23
CA GLN D 308 8.45 -22.60 23.14
C GLN D 308 6.98 -22.63 23.50
N GLY D 309 6.28 -21.52 23.28
CA GLY D 309 4.84 -21.51 23.36
C GLY D 309 4.30 -21.37 24.76
N ASP D 310 4.71 -20.32 25.46
CA ASP D 310 4.35 -20.11 26.85
C ASP D 310 4.03 -18.65 27.08
N ILE D 311 2.77 -18.36 27.40
CA ILE D 311 2.32 -16.99 27.63
C ILE D 311 2.44 -16.66 29.11
N PHE D 312 3.08 -15.52 29.41
CA PHE D 312 3.40 -15.10 30.76
C PHE D 312 2.58 -13.88 31.15
N LYS D 313 1.80 -14.01 32.21
CA LYS D 313 1.01 -12.90 32.73
C LYS D 313 1.87 -12.14 33.74
N ILE D 314 2.66 -11.21 33.22
CA ILE D 314 3.48 -10.38 34.11
C ILE D 314 2.59 -9.35 34.78
N THR D 315 2.47 -9.45 36.10
CA THR D 315 1.64 -8.55 36.91
C THR D 315 2.59 -7.61 37.62
N LEU D 316 2.75 -6.40 37.12
CA LEU D 316 3.79 -5.53 37.61
C LEU D 316 3.39 -4.98 38.98
N GLU D 317 4.36 -4.90 39.87
CA GLU D 317 4.16 -4.21 41.15
C GLU D 317 5.20 -3.13 41.27
N THR D 318 4.85 -2.07 42.01
CA THR D 318 5.62 -0.85 42.01
C THR D 318 5.22 0.02 43.19
N ASP D 319 5.75 1.23 43.22
CA ASP D 319 5.39 2.31 44.12
C ASP D 319 4.83 3.44 43.25
N GLU D 320 4.68 4.65 43.81
CA GLU D 320 4.18 5.77 43.02
C GLU D 320 5.14 6.13 41.89
N ASP D 321 6.43 6.23 42.20
CA ASP D 321 7.46 6.30 41.17
C ASP D 321 8.52 5.22 41.28
N MET D 322 8.77 4.68 42.46
CA MET D 322 9.68 3.56 42.62
C MET D 322 9.01 2.29 42.11
N VAL D 323 9.78 1.21 42.01
CA VAL D 323 9.25 -0.08 41.62
C VAL D 323 9.54 -1.06 42.75
N THR D 324 8.65 -2.04 42.93
CA THR D 324 8.78 -2.96 44.05
C THR D 324 9.05 -4.40 43.63
N GLU D 325 8.18 -5.00 42.81
CA GLU D 325 8.32 -6.41 42.48
C GLU D 325 7.90 -6.60 41.03
N ILE D 326 8.72 -7.30 40.25
CA ILE D 326 8.25 -7.83 38.96
C ILE D 326 7.96 -9.30 39.22
N ARG D 327 6.73 -9.59 39.60
CA ARG D 327 6.41 -10.98 39.84
C ARG D 327 5.81 -11.58 38.58
N LEU D 328 6.08 -12.86 38.36
CA LEU D 328 5.74 -13.55 37.12
C LEU D 328 4.76 -14.67 37.41
N LYS D 329 3.97 -15.00 36.40
CA LYS D 329 2.97 -16.05 36.46
C LYS D 329 2.54 -16.40 35.05
N TYR D 330 2.64 -17.66 34.67
CA TYR D 330 2.32 -18.09 33.32
C TYR D 330 0.83 -18.00 33.07
N PHE D 331 0.45 -17.82 31.81
CA PHE D 331 -0.98 -17.81 31.52
C PHE D 331 -1.46 -19.14 30.96
N ASP D 332 -0.92 -19.59 29.82
CA ASP D 332 -1.12 -20.96 29.32
C ASP D 332 -0.11 -21.25 28.20
N THR D 333 -0.41 -22.31 27.44
CA THR D 333 0.43 -22.80 26.34
C THR D 333 -0.37 -22.81 25.05
N VAL D 334 0.01 -21.95 24.11
CA VAL D 334 -0.58 -21.92 22.77
C VAL D 334 0.55 -22.07 21.77
N PRO D 335 0.27 -22.33 20.50
CA PRO D 335 1.34 -22.29 19.49
C PRO D 335 1.94 -20.91 19.31
N VAL D 336 3.06 -20.90 18.58
CA VAL D 336 3.94 -19.74 18.57
C VAL D 336 3.32 -18.63 17.75
N ALA D 337 3.46 -17.39 18.23
CA ALA D 337 3.03 -16.21 17.51
C ALA D 337 4.19 -15.25 17.34
N ALA D 338 4.11 -14.39 16.34
CA ALA D 338 5.12 -13.37 16.13
C ALA D 338 4.66 -11.98 16.54
N ALA D 339 3.40 -11.66 16.34
CA ALA D 339 2.76 -10.55 17.03
C ALA D 339 1.33 -10.99 17.31
N MET D 340 0.75 -10.47 18.38
CA MET D 340 -0.65 -10.78 18.65
C MET D 340 -1.29 -9.59 19.35
N CYS D 341 -2.61 -9.61 19.39
CA CYS D 341 -3.36 -8.49 19.94
C CYS D 341 -4.47 -9.01 20.83
N VAL D 342 -4.85 -8.17 21.80
CA VAL D 342 -5.94 -8.48 22.71
C VAL D 342 -7.08 -7.53 22.38
N LEU D 343 -8.29 -8.08 22.29
CA LEU D 343 -9.44 -7.29 21.90
C LEU D 343 -10.41 -7.25 23.06
N LYS D 344 -11.17 -6.16 23.12
CA LYS D 344 -12.13 -5.95 24.19
C LYS D 344 -13.25 -6.97 24.07
N THR D 345 -13.96 -7.14 25.18
CA THR D 345 -14.75 -8.32 25.53
C THR D 345 -13.92 -9.60 25.47
N GLY D 346 -12.62 -9.51 25.70
CA GLY D 346 -11.80 -10.68 25.98
C GLY D 346 -11.37 -11.52 24.80
N PHE D 347 -11.20 -10.94 23.62
CA PHE D 347 -10.70 -11.72 22.50
C PHE D 347 -9.19 -11.59 22.40
N LEU D 348 -8.54 -12.68 22.05
CA LEU D 348 -7.10 -12.73 21.85
C LEU D 348 -6.81 -13.27 20.47
N PHE D 349 -6.06 -12.51 19.70
CA PHE D 349 -5.80 -12.90 18.32
C PHE D 349 -4.37 -13.40 18.22
N VAL D 350 -4.20 -14.69 18.48
CA VAL D 350 -2.90 -15.32 18.29
C VAL D 350 -2.64 -15.42 16.80
N ALA D 351 -1.66 -14.67 16.32
CA ALA D 351 -1.30 -14.64 14.92
C ALA D 351 0.04 -15.35 14.78
N SER D 352 0.01 -16.59 14.29
CA SER D 352 1.22 -17.38 14.17
C SER D 352 2.13 -16.81 13.10
N GLU D 353 3.34 -17.31 13.09
CA GLU D 353 4.24 -17.01 11.99
C GLU D 353 4.16 -18.09 10.92
N PHE D 354 3.72 -19.29 11.29
CA PHE D 354 3.68 -20.42 10.37
C PHE D 354 2.38 -21.18 10.52
N GLY D 355 1.75 -21.46 9.39
CA GLY D 355 0.55 -22.26 9.41
C GLY D 355 -0.67 -21.44 9.72
N ASN D 356 -1.56 -22.01 10.52
CA ASN D 356 -2.86 -21.42 10.76
C ASN D 356 -2.78 -20.19 11.64
N HIS D 357 -3.89 -19.48 11.73
CA HIS D 357 -3.99 -18.32 12.57
C HIS D 357 -5.17 -18.48 13.49
N TYR D 358 -4.99 -18.10 14.75
CA TYR D 358 -5.94 -18.46 15.80
C TYR D 358 -6.64 -17.24 16.37
N LEU D 359 -7.66 -17.52 17.18
CA LEU D 359 -8.45 -16.47 17.79
C LEU D 359 -9.09 -17.02 19.07
N TYR D 360 -8.60 -16.58 20.22
CA TYR D 360 -9.01 -17.12 21.51
C TYR D 360 -9.89 -16.15 22.28
N GLN D 361 -10.91 -16.71 22.92
CA GLN D 361 -11.83 -15.96 23.78
C GLN D 361 -11.46 -16.25 25.23
N ILE D 362 -11.22 -15.19 26.01
CA ILE D 362 -10.78 -15.34 27.39
C ILE D 362 -11.99 -15.73 28.23
N ALA D 363 -12.00 -16.95 28.73
CA ALA D 363 -13.16 -17.44 29.46
C ALA D 363 -13.11 -17.11 30.93
N HIS D 364 -11.92 -17.07 31.52
CA HIS D 364 -11.75 -16.83 32.95
C HIS D 364 -10.81 -15.65 33.14
N LEU D 365 -11.31 -14.58 33.74
CA LEU D 365 -10.52 -13.40 33.99
C LEU D 365 -9.79 -13.53 35.31
N GLY D 366 -8.92 -12.56 35.60
CA GLY D 366 -8.33 -12.43 36.92
C GLY D 366 -7.25 -13.45 37.22
N ASP D 367 -6.95 -13.55 38.51
CA ASP D 367 -6.00 -14.51 39.06
C ASP D 367 -6.74 -15.51 39.98
N ASP D 368 -7.10 -16.64 39.40
CA ASP D 368 -7.68 -17.77 40.13
C ASP D 368 -6.82 -18.98 39.83
N ASP D 369 -5.89 -19.29 40.72
CA ASP D 369 -4.87 -20.29 40.43
C ASP D 369 -4.60 -21.15 41.65
N GLU D 370 -3.95 -22.28 41.42
CA GLU D 370 -3.39 -23.12 42.47
C GLU D 370 -1.89 -23.38 42.28
N GLU D 371 -1.38 -23.29 41.06
CA GLU D 371 0.07 -23.31 40.86
C GLU D 371 0.66 -22.01 41.34
N PRO D 372 1.81 -22.02 42.00
CA PRO D 372 2.24 -20.84 42.76
C PRO D 372 2.78 -19.74 41.88
N GLU D 373 2.62 -18.52 42.37
CA GLU D 373 3.14 -17.35 41.69
C GLU D 373 4.62 -17.23 42.00
N PHE D 374 5.36 -16.64 41.09
CA PHE D 374 6.79 -16.47 41.27
C PHE D 374 7.05 -15.04 41.67
N SER D 375 8.31 -14.68 41.84
CA SER D 375 8.65 -13.32 42.22
C SER D 375 10.08 -13.05 41.83
N SER D 376 10.50 -11.81 42.01
CA SER D 376 11.90 -11.49 42.09
C SER D 376 12.37 -11.40 43.53
N ALA D 377 11.46 -11.27 44.49
CA ALA D 377 11.81 -11.10 45.88
C ALA D 377 12.36 -12.36 46.53
N MET D 378 12.21 -13.51 45.89
CA MET D 378 12.69 -14.73 46.49
C MET D 378 14.21 -14.84 46.35
N PRO D 379 14.91 -15.35 47.36
CA PRO D 379 16.36 -15.55 47.24
C PRO D 379 16.66 -16.88 46.55
N LEU D 380 17.36 -16.79 45.41
CA LEU D 380 17.71 -17.98 44.66
C LEU D 380 18.92 -17.67 43.79
N GLU D 381 19.87 -18.60 43.75
CA GLU D 381 21.13 -18.44 43.00
C GLU D 381 21.17 -19.35 41.78
N ASP D 384 19.86 -22.51 40.55
CA ASP D 384 18.42 -22.68 40.74
C ASP D 384 17.67 -21.55 40.09
N THR D 385 16.83 -21.88 39.12
CA THR D 385 15.84 -20.94 38.63
C THR D 385 14.48 -21.55 38.89
N PHE D 386 13.41 -20.80 38.67
CA PHE D 386 12.08 -21.30 38.93
C PHE D 386 11.74 -22.40 37.94
N PHE D 387 11.20 -23.50 38.45
CA PHE D 387 10.86 -24.64 37.60
C PHE D 387 9.36 -24.80 37.61
N PHE D 388 8.73 -24.54 36.48
CA PHE D 388 7.28 -24.54 36.40
C PHE D 388 6.80 -25.75 35.63
N GLN D 389 5.48 -25.87 35.63
CA GLN D 389 4.81 -27.02 35.06
C GLN D 389 4.28 -26.66 33.69
N PRO D 390 4.42 -27.51 32.67
CA PRO D 390 3.59 -27.36 31.47
C PRO D 390 2.28 -28.14 31.61
N ARG D 391 1.27 -27.68 30.87
CA ARG D 391 -0.11 -27.99 31.22
C ARG D 391 -0.99 -27.76 30.00
N PRO D 392 -2.18 -28.43 29.92
CA PRO D 392 -3.05 -28.28 28.73
C PRO D 392 -3.78 -26.95 28.63
N LEU D 393 -4.77 -26.87 27.75
CA LEU D 393 -5.54 -25.65 27.60
C LEU D 393 -6.56 -25.54 28.73
N LYS D 394 -6.45 -24.48 29.54
CA LYS D 394 -7.32 -24.30 30.71
C LYS D 394 -8.07 -22.97 30.74
N ASN D 395 -7.41 -21.85 30.44
CA ASN D 395 -8.12 -20.58 30.37
C ASN D 395 -8.84 -20.44 29.04
N LEU D 396 -8.08 -20.36 27.95
CA LEU D 396 -8.60 -19.92 26.67
C LEU D 396 -9.43 -21.03 26.01
N VAL D 397 -10.22 -20.61 25.03
CA VAL D 397 -10.93 -21.52 24.13
C VAL D 397 -10.67 -21.08 22.70
N LEU D 398 -10.58 -22.05 21.79
CA LEU D 398 -10.35 -21.74 20.38
C LEU D 398 -11.69 -21.46 19.72
N VAL D 399 -11.89 -20.21 19.30
CA VAL D 399 -13.13 -19.83 18.65
C VAL D 399 -13.18 -20.39 17.24
N ASP D 400 -12.25 -19.95 16.40
CA ASP D 400 -12.22 -20.37 15.02
C ASP D 400 -10.77 -20.49 14.58
N GLU D 401 -10.56 -21.31 13.56
CA GLU D 401 -9.24 -21.55 13.00
C GLU D 401 -9.20 -20.87 11.63
N LEU D 402 -8.59 -19.69 11.59
CA LEU D 402 -8.38 -19.04 10.30
C LEU D 402 -7.29 -19.76 9.53
N ASP D 403 -7.58 -20.13 8.29
CA ASP D 403 -6.65 -20.92 7.53
C ASP D 403 -5.60 -20.05 6.86
N SER D 404 -4.45 -20.66 6.60
CA SER D 404 -3.43 -20.07 5.77
C SER D 404 -2.69 -21.23 5.11
N LEU D 405 -1.81 -20.89 4.19
CA LEU D 405 -1.08 -21.91 3.46
C LEU D 405 0.43 -21.77 3.56
N SER D 406 0.93 -20.65 4.05
CA SER D 406 2.36 -20.40 4.07
C SER D 406 3.03 -21.31 5.09
N PRO D 407 4.29 -21.70 4.87
CA PRO D 407 5.16 -21.49 3.70
C PRO D 407 5.14 -22.65 2.70
N ILE D 408 4.65 -22.37 1.49
CA ILE D 408 4.48 -23.39 0.48
C ILE D 408 5.85 -23.73 -0.08
N LEU D 409 6.26 -24.98 0.14
CA LEU D 409 7.61 -25.47 -0.15
C LEU D 409 7.69 -26.13 -1.51
N PHE D 410 6.83 -27.11 -1.76
CA PHE D 410 6.93 -27.92 -2.96
C PHE D 410 5.53 -28.24 -3.46
N CYS D 411 5.10 -27.54 -4.50
CA CYS D 411 3.79 -27.70 -5.10
C CYS D 411 3.90 -28.46 -6.41
N GLN D 412 3.01 -29.42 -6.61
CA GLN D 412 2.88 -30.12 -7.87
C GLN D 412 1.43 -30.12 -8.33
N ILE D 413 1.23 -29.85 -9.61
CA ILE D 413 -0.09 -29.75 -10.21
C ILE D 413 -0.30 -30.99 -11.04
N ALA D 414 -1.21 -31.85 -10.61
CA ALA D 414 -1.43 -33.12 -11.29
C ALA D 414 -2.81 -33.64 -10.94
N ASP D 415 -3.24 -34.65 -11.67
CA ASP D 415 -4.53 -35.31 -11.43
C ASP D 415 -4.24 -36.66 -10.82
N LEU D 416 -4.73 -36.87 -9.61
CA LEU D 416 -4.58 -38.13 -8.88
C LEU D 416 -5.94 -38.65 -8.42
N ALA D 417 -6.96 -38.38 -9.23
CA ALA D 417 -8.33 -38.79 -8.96
C ALA D 417 -9.03 -39.00 -10.29
N ASN D 418 -10.37 -39.04 -10.26
CA ASN D 418 -11.15 -39.32 -11.46
C ASN D 418 -12.12 -38.19 -11.82
N GLU D 419 -11.79 -36.96 -11.46
CA GLU D 419 -12.48 -35.83 -12.04
C GLU D 419 -11.48 -35.04 -12.87
N ASP D 420 -12.01 -34.14 -13.69
CA ASP D 420 -11.22 -33.56 -14.77
C ASP D 420 -10.11 -32.67 -14.25
N THR D 421 -10.42 -31.84 -13.27
CA THR D 421 -9.54 -30.73 -12.92
C THR D 421 -8.27 -31.23 -12.23
N PRO D 422 -7.13 -30.75 -12.65
CA PRO D 422 -5.89 -31.06 -11.94
C PRO D 422 -5.89 -30.46 -10.54
N GLN D 423 -5.70 -31.30 -9.52
CA GLN D 423 -5.67 -30.82 -8.16
C GLN D 423 -4.32 -30.19 -7.85
N LEU D 424 -4.24 -29.50 -6.73
CA LEU D 424 -2.99 -28.91 -6.30
C LEU D 424 -2.56 -29.58 -5.01
N TYR D 425 -1.59 -30.48 -5.12
CA TYR D 425 -1.00 -31.11 -3.96
C TYR D 425 0.16 -30.25 -3.49
N VAL D 426 0.03 -29.73 -2.28
CA VAL D 426 1.05 -28.89 -1.69
C VAL D 426 1.48 -29.50 -0.38
N ALA D 427 2.76 -29.77 -0.25
CA ALA D 427 3.38 -30.13 1.02
C ALA D 427 3.99 -28.85 1.56
N CYS D 428 3.44 -28.37 2.68
CA CYS D 428 3.89 -27.14 3.29
C CYS D 428 3.66 -27.25 4.78
N GLY D 429 4.49 -26.54 5.55
CA GLY D 429 4.28 -26.49 6.99
C GLY D 429 5.48 -25.97 7.71
N ARG D 430 5.56 -26.30 9.00
CA ARG D 430 6.71 -25.93 9.82
C ARG D 430 6.76 -26.85 11.02
N GLY D 431 7.88 -27.55 11.18
CA GLY D 431 8.10 -28.44 12.28
C GLY D 431 7.05 -29.53 12.36
N PRO D 432 6.68 -29.90 13.57
CA PRO D 432 5.67 -30.95 13.77
C PRO D 432 4.25 -30.50 13.51
N ARG D 433 4.04 -29.25 13.11
CA ARG D 433 2.75 -28.74 12.74
C ARG D 433 2.49 -28.87 11.26
N SER D 434 3.46 -29.39 10.51
CA SER D 434 3.36 -29.46 9.06
C SER D 434 2.35 -30.51 8.65
N SER D 435 1.89 -30.39 7.41
CA SER D 435 0.80 -31.23 6.95
C SER D 435 0.81 -31.25 5.44
N LEU D 436 0.03 -32.18 4.88
CA LEU D 436 -0.17 -32.26 3.45
C LEU D 436 -1.58 -31.81 3.13
N ARG D 437 -1.72 -30.92 2.14
CA ARG D 437 -2.99 -30.26 1.87
C ARG D 437 -3.41 -30.47 0.44
N VAL D 438 -4.66 -30.89 0.26
CA VAL D 438 -5.28 -31.06 -1.04
C VAL D 438 -5.99 -29.76 -1.39
N LEU D 439 -5.66 -29.14 -2.51
CA LEU D 439 -6.33 -27.92 -2.93
C LEU D 439 -7.18 -28.19 -4.16
N ARG D 440 -8.42 -27.74 -4.12
CA ARG D 440 -9.33 -27.72 -5.26
C ARG D 440 -9.85 -26.31 -5.45
N HIS D 441 -10.60 -26.07 -6.54
CA HIS D 441 -11.19 -24.75 -6.74
C HIS D 441 -12.62 -24.93 -7.25
N GLY D 442 -13.58 -24.95 -6.32
CA GLY D 442 -14.97 -24.80 -6.68
C GLY D 442 -15.64 -23.94 -5.64
N LEU D 443 -16.97 -23.96 -5.60
CA LEU D 443 -17.66 -23.08 -4.67
C LEU D 443 -17.65 -23.64 -3.27
N GLU D 444 -17.92 -22.76 -2.30
CA GLU D 444 -17.65 -23.02 -0.90
C GLU D 444 -18.66 -24.03 -0.37
N VAL D 445 -18.28 -25.29 -0.44
CA VAL D 445 -19.07 -26.40 0.09
C VAL D 445 -18.79 -26.48 1.58
N SER D 446 -19.80 -26.19 2.39
CA SER D 446 -19.69 -26.26 3.83
C SER D 446 -19.98 -27.69 4.27
N GLU D 447 -18.99 -28.34 4.88
CA GLU D 447 -19.19 -29.69 5.40
C GLU D 447 -20.10 -29.66 6.62
N MET D 448 -21.09 -30.56 6.64
CA MET D 448 -21.98 -30.65 7.79
C MET D 448 -21.92 -32.00 8.48
N ALA D 449 -22.07 -33.11 7.75
CA ALA D 449 -22.18 -34.42 8.38
C ALA D 449 -21.41 -35.46 7.60
N VAL D 450 -20.84 -36.42 8.33
CA VAL D 450 -20.11 -37.55 7.76
C VAL D 450 -20.65 -38.83 8.40
N SER D 451 -21.06 -39.79 7.56
CA SER D 451 -21.50 -41.10 8.05
C SER D 451 -21.26 -42.11 6.96
N GLU D 452 -20.15 -42.86 7.05
CA GLU D 452 -19.78 -43.83 6.03
C GLU D 452 -20.55 -45.13 6.25
N LEU D 453 -21.12 -45.67 5.17
CA LEU D 453 -21.95 -46.85 5.21
C LEU D 453 -21.48 -47.88 4.18
N PRO D 454 -21.57 -49.17 4.50
CA PRO D 454 -21.28 -50.18 3.48
C PRO D 454 -22.40 -50.31 2.47
N GLY D 455 -22.02 -50.27 1.20
CA GLY D 455 -22.99 -50.35 0.12
C GLY D 455 -22.84 -49.23 -0.88
N ASN D 456 -23.89 -48.97 -1.66
CA ASN D 456 -23.85 -47.95 -2.71
C ASN D 456 -25.19 -47.21 -2.72
N PRO D 457 -25.27 -46.10 -1.99
CA PRO D 457 -26.43 -45.20 -2.15
C PRO D 457 -26.38 -44.54 -3.52
N ASN D 458 -27.55 -44.36 -4.13
CA ASN D 458 -27.61 -43.69 -5.42
C ASN D 458 -28.26 -42.31 -5.35
N ALA D 459 -29.21 -42.12 -4.44
CA ALA D 459 -30.06 -40.95 -4.46
C ALA D 459 -30.75 -40.86 -3.10
N VAL D 460 -30.68 -39.69 -2.50
CA VAL D 460 -31.16 -39.48 -1.14
C VAL D 460 -31.76 -38.10 -0.91
N TRP D 461 -33.08 -38.06 -0.75
CA TRP D 461 -33.84 -36.81 -0.69
C TRP D 461 -34.04 -36.40 0.76
N THR D 462 -34.59 -35.20 0.94
CA THR D 462 -34.98 -34.73 2.26
C THR D 462 -36.23 -33.87 2.07
N VAL D 463 -37.40 -34.49 2.27
CA VAL D 463 -38.70 -33.92 1.93
C VAL D 463 -39.49 -33.78 3.22
N ARG D 464 -40.22 -32.67 3.35
CA ARG D 464 -41.09 -32.42 4.48
C ARG D 464 -42.19 -33.47 4.60
N ARG D 465 -42.72 -33.61 5.82
CA ARG D 465 -43.96 -34.35 5.98
C ARG D 465 -45.16 -33.44 5.76
N HIS D 466 -45.13 -32.25 6.34
CA HIS D 466 -46.18 -31.26 6.14
C HIS D 466 -45.56 -29.97 5.63
N ILE D 467 -46.34 -29.22 4.85
CA ILE D 467 -45.80 -28.09 4.09
C ILE D 467 -45.53 -26.87 4.96
N GLU D 468 -46.20 -26.73 6.11
CA GLU D 468 -46.05 -25.53 6.91
C GLU D 468 -44.73 -25.46 7.65
N ASP D 469 -44.03 -26.57 7.78
CA ASP D 469 -42.84 -26.64 8.62
C ASP D 469 -41.64 -26.08 7.88
N GLU D 470 -40.80 -25.35 8.61
CA GLU D 470 -39.48 -24.99 8.10
C GLU D 470 -38.46 -26.08 8.34
N PHE D 471 -38.85 -27.16 9.00
CA PHE D 471 -38.02 -28.35 9.19
C PHE D 471 -38.55 -29.47 8.31
N ASP D 472 -37.65 -30.28 7.77
CA ASP D 472 -38.03 -31.38 6.89
C ASP D 472 -38.44 -32.60 7.71
N ALA D 473 -38.53 -33.77 7.08
CA ALA D 473 -38.95 -34.96 7.79
C ALA D 473 -37.90 -36.07 7.78
N TYR D 474 -37.42 -36.50 6.60
CA TYR D 474 -36.67 -37.75 6.53
C TYR D 474 -35.47 -37.61 5.60
N ILE D 475 -34.63 -38.65 5.63
CA ILE D 475 -33.44 -38.78 4.79
C ILE D 475 -33.45 -40.20 4.23
N ILE D 476 -33.61 -40.33 2.91
CA ILE D 476 -33.96 -41.62 2.32
C ILE D 476 -32.81 -42.20 1.52
N VAL D 477 -31.95 -42.99 2.18
CA VAL D 477 -30.70 -43.46 1.60
C VAL D 477 -31.03 -44.73 0.82
N SER D 478 -31.27 -44.58 -0.48
CA SER D 478 -31.66 -45.72 -1.31
C SER D 478 -30.43 -46.46 -1.81
N PHE D 479 -30.30 -47.73 -1.42
CA PHE D 479 -29.22 -48.59 -1.88
C PHE D 479 -29.54 -49.14 -3.26
N VAL D 480 -28.78 -50.15 -3.69
CA VAL D 480 -29.13 -50.92 -4.87
C VAL D 480 -30.14 -52.02 -4.51
N ASN D 481 -29.92 -52.70 -3.39
CA ASN D 481 -30.75 -53.82 -2.98
C ASN D 481 -31.79 -53.47 -1.93
N ALA D 482 -31.68 -52.32 -1.28
CA ALA D 482 -32.61 -51.93 -0.22
C ALA D 482 -32.65 -50.41 -0.16
N THR D 483 -33.22 -49.86 0.92
CA THR D 483 -33.09 -48.46 1.28
C THR D 483 -32.77 -48.34 2.75
N LEU D 484 -32.06 -47.28 3.12
CA LEU D 484 -31.91 -46.90 4.50
C LEU D 484 -32.74 -45.64 4.72
N VAL D 485 -33.69 -45.70 5.64
CA VAL D 485 -34.54 -44.56 5.96
C VAL D 485 -34.07 -43.93 7.27
N LEU D 486 -33.76 -42.64 7.20
CA LEU D 486 -33.31 -41.87 8.34
C LEU D 486 -34.33 -40.78 8.66
N SER D 487 -34.39 -40.39 9.92
CA SER D 487 -35.27 -39.32 10.38
C SER D 487 -34.43 -38.24 11.04
N ILE D 488 -34.83 -36.98 10.87
CA ILE D 488 -34.11 -35.88 11.52
C ILE D 488 -34.67 -35.66 12.92
N GLY D 489 -34.21 -36.47 13.87
CA GLY D 489 -34.52 -36.22 15.26
C GLY D 489 -33.35 -35.56 15.95
N GLU D 490 -32.47 -34.96 15.14
CA GLU D 490 -31.23 -34.27 15.48
C GLU D 490 -30.16 -35.18 16.10
N THR D 491 -30.45 -36.47 16.28
CA THR D 491 -29.52 -37.52 16.65
C THR D 491 -29.68 -38.70 15.69
N VAL D 492 -29.61 -38.38 14.39
CA VAL D 492 -30.18 -39.13 13.27
C VAL D 492 -29.74 -40.58 13.22
N GLU D 493 -30.71 -41.49 13.38
CA GLU D 493 -30.51 -42.93 13.32
C GLU D 493 -31.57 -43.54 12.42
N GLU D 494 -31.55 -44.87 12.30
CA GLU D 494 -32.51 -45.55 11.45
C GLU D 494 -33.89 -45.52 12.09
N VAL D 495 -34.90 -45.16 11.31
CA VAL D 495 -36.26 -45.00 11.82
C VAL D 495 -37.15 -46.05 11.15
N THR D 496 -38.27 -46.36 11.78
CA THR D 496 -39.19 -47.40 11.31
C THR D 496 -40.53 -46.86 10.85
N ASP D 497 -41.12 -45.91 11.58
CA ASP D 497 -42.50 -45.48 11.35
C ASP D 497 -42.62 -44.40 10.26
N SER D 498 -41.66 -44.33 9.34
CA SER D 498 -41.78 -43.39 8.22
C SER D 498 -42.86 -43.83 7.24
N GLY D 499 -43.15 -45.12 7.18
CA GLY D 499 -44.14 -45.67 6.28
C GLY D 499 -43.58 -46.22 4.99
N PHE D 500 -42.33 -45.86 4.65
CA PHE D 500 -41.77 -46.25 3.36
C PHE D 500 -41.45 -47.73 3.33
N LEU D 501 -40.55 -48.18 4.21
CA LEU D 501 -40.17 -49.60 4.40
C LEU D 501 -39.64 -50.21 3.09
N GLY D 502 -38.58 -49.59 2.60
CA GLY D 502 -38.10 -49.82 1.25
C GLY D 502 -37.19 -51.02 1.02
N THR D 503 -37.78 -52.21 0.88
CA THR D 503 -37.02 -53.37 0.41
C THR D 503 -36.57 -53.21 -1.03
N THR D 504 -37.26 -52.38 -1.82
CA THR D 504 -36.98 -51.95 -3.18
C THR D 504 -36.35 -50.55 -3.16
N PRO D 505 -35.49 -50.21 -4.11
CA PRO D 505 -34.84 -48.89 -4.09
C PRO D 505 -35.81 -47.77 -4.42
N THR D 506 -35.58 -46.62 -3.79
CA THR D 506 -36.43 -45.44 -3.94
C THR D 506 -35.89 -44.58 -5.07
N LEU D 507 -36.74 -44.33 -6.08
CA LEU D 507 -36.34 -43.55 -7.23
C LEU D 507 -36.78 -42.09 -7.17
N SER D 508 -37.70 -41.74 -6.27
CA SER D 508 -38.06 -40.35 -6.00
C SER D 508 -38.76 -40.26 -4.65
N CYS D 509 -38.63 -39.10 -4.02
CA CYS D 509 -39.38 -38.75 -2.82
C CYS D 509 -40.06 -37.41 -3.08
N SER D 510 -41.38 -37.38 -2.94
CA SER D 510 -42.13 -36.17 -3.20
C SER D 510 -43.25 -36.02 -2.18
N LEU D 511 -43.71 -34.79 -2.01
CA LEU D 511 -44.83 -34.47 -1.13
C LEU D 511 -46.01 -34.08 -2.01
N LEU D 512 -46.94 -35.02 -2.18
CA LEU D 512 -48.13 -34.76 -2.98
C LEU D 512 -49.22 -34.09 -2.15
N GLY D 513 -49.70 -34.77 -1.12
CA GLY D 513 -50.72 -34.21 -0.26
C GLY D 513 -50.13 -33.21 0.72
N ASP D 514 -51.02 -32.67 1.57
CA ASP D 514 -50.58 -31.77 2.62
C ASP D 514 -49.75 -32.49 3.65
N ASP D 515 -50.08 -33.75 3.93
CA ASP D 515 -49.25 -34.64 4.73
C ASP D 515 -49.20 -36.04 4.13
N ALA D 516 -49.08 -36.11 2.81
CA ALA D 516 -49.05 -37.38 2.10
C ALA D 516 -47.79 -37.44 1.24
N LEU D 517 -46.89 -38.36 1.58
CA LEU D 517 -45.61 -38.51 0.90
C LEU D 517 -45.70 -39.63 -0.12
N VAL D 518 -45.02 -39.43 -1.26
CA VAL D 518 -45.06 -40.37 -2.37
C VAL D 518 -43.63 -40.82 -2.67
N GLN D 519 -43.40 -42.13 -2.58
CA GLN D 519 -42.15 -42.74 -3.00
C GLN D 519 -42.32 -43.37 -4.37
N VAL D 520 -41.20 -43.53 -5.08
CA VAL D 520 -41.18 -44.16 -6.39
C VAL D 520 -40.20 -45.33 -6.33
N TYR D 521 -40.70 -46.52 -6.63
CA TYR D 521 -39.97 -47.76 -6.46
C TYR D 521 -40.30 -48.67 -7.65
N PRO D 522 -39.42 -49.62 -8.00
CA PRO D 522 -39.61 -50.38 -9.24
C PRO D 522 -40.81 -51.32 -9.29
N ASP D 523 -41.56 -51.49 -8.20
CA ASP D 523 -42.78 -52.28 -8.25
C ASP D 523 -44.03 -51.40 -8.22
N GLY D 524 -43.88 -50.08 -8.18
CA GLY D 524 -45.03 -49.21 -8.26
C GLY D 524 -44.91 -47.89 -7.52
N ILE D 525 -46.05 -47.37 -7.03
CA ILE D 525 -46.13 -46.09 -6.34
C ILE D 525 -46.97 -46.29 -5.09
N ARG D 526 -46.40 -45.97 -3.94
CA ARG D 526 -47.07 -46.16 -2.65
C ARG D 526 -47.41 -44.79 -2.07
N HIS D 527 -48.66 -44.36 -2.28
CA HIS D 527 -49.13 -43.11 -1.70
C HIS D 527 -49.35 -43.30 -0.20
N ILE D 528 -48.60 -42.54 0.61
CA ILE D 528 -48.55 -42.73 2.05
C ILE D 528 -48.99 -41.43 2.72
N ARG D 529 -50.24 -41.39 3.16
CA ARG D 529 -50.76 -40.35 4.03
C ARG D 529 -50.09 -40.46 5.40
N ALA D 530 -50.06 -39.33 6.13
CA ALA D 530 -49.53 -39.32 7.49
C ALA D 530 -50.32 -40.25 8.40
N ASP D 531 -51.63 -40.31 8.22
CA ASP D 531 -52.39 -41.47 8.70
C ASP D 531 -51.99 -42.65 7.82
N LYS D 532 -51.51 -43.73 8.46
CA LYS D 532 -50.80 -44.80 7.75
C LYS D 532 -51.78 -45.63 6.93
N ARG D 533 -52.18 -45.09 5.79
CA ARG D 533 -52.97 -45.78 4.79
C ARG D 533 -52.11 -45.99 3.54
N VAL D 534 -52.21 -47.18 2.96
CA VAL D 534 -51.36 -47.56 1.83
C VAL D 534 -52.23 -47.67 0.59
N ASN D 535 -51.99 -46.78 -0.37
CA ASN D 535 -52.58 -46.87 -1.70
C ASN D 535 -51.48 -47.33 -2.65
N GLU D 536 -51.29 -48.65 -2.71
CA GLU D 536 -50.19 -49.24 -3.47
C GLU D 536 -50.60 -49.38 -4.94
N TRP D 537 -49.82 -48.76 -5.82
CA TRP D 537 -49.98 -48.95 -7.25
C TRP D 537 -49.11 -50.12 -7.68
N LYS D 538 -49.66 -50.99 -8.52
CA LYS D 538 -48.94 -52.14 -9.02
C LYS D 538 -48.54 -51.91 -10.47
N THR D 539 -47.43 -52.52 -10.87
CA THR D 539 -46.94 -52.38 -12.24
C THR D 539 -47.50 -53.50 -13.11
N PRO D 540 -48.25 -53.18 -14.17
CA PRO D 540 -48.80 -54.24 -15.03
C PRO D 540 -47.70 -54.91 -15.84
N GLY D 541 -47.58 -56.22 -15.70
CA GLY D 541 -46.55 -56.97 -16.40
C GLY D 541 -45.24 -57.00 -15.62
N LYS D 542 -44.19 -57.41 -16.32
CA LYS D 542 -42.85 -57.48 -15.75
C LYS D 542 -42.05 -56.22 -16.01
N LYS D 543 -42.71 -55.12 -16.35
CA LYS D 543 -42.04 -53.86 -16.63
C LYS D 543 -41.49 -53.25 -15.35
N THR D 544 -40.52 -52.34 -15.53
CA THR D 544 -39.93 -51.57 -14.44
C THR D 544 -40.06 -50.09 -14.74
N ILE D 545 -40.28 -49.31 -13.70
CA ILE D 545 -40.26 -47.86 -13.85
C ILE D 545 -38.82 -47.40 -13.98
N VAL D 546 -38.59 -46.43 -14.88
CA VAL D 546 -37.25 -45.93 -15.16
C VAL D 546 -37.05 -44.53 -14.58
N LYS D 547 -37.85 -43.57 -15.03
CA LYS D 547 -37.79 -42.21 -14.52
C LYS D 547 -39.20 -41.73 -14.21
N CYS D 548 -39.27 -40.59 -13.53
CA CYS D 548 -40.54 -39.98 -13.17
C CYS D 548 -40.33 -38.49 -13.02
N ALA D 549 -41.44 -37.76 -12.97
CA ALA D 549 -41.43 -36.30 -12.90
C ALA D 549 -42.46 -35.88 -11.87
N VAL D 550 -42.01 -35.38 -10.73
CA VAL D 550 -42.87 -35.16 -9.58
C VAL D 550 -43.27 -33.70 -9.49
N ASN D 551 -44.33 -33.44 -8.71
CA ASN D 551 -44.90 -32.12 -8.52
C ASN D 551 -45.76 -32.18 -7.27
N GLN D 552 -46.06 -31.00 -6.71
CA GLN D 552 -46.90 -30.94 -5.52
C GLN D 552 -48.36 -31.28 -5.78
N ARG D 553 -48.79 -31.32 -7.05
CA ARG D 553 -50.12 -31.80 -7.38
C ARG D 553 -50.15 -32.77 -8.54
N GLN D 554 -49.00 -33.11 -9.12
CA GLN D 554 -48.93 -33.96 -10.30
C GLN D 554 -47.88 -35.04 -10.08
N VAL D 555 -48.20 -36.26 -10.50
CA VAL D 555 -47.27 -37.39 -10.46
C VAL D 555 -47.16 -37.89 -11.90
N VAL D 556 -46.07 -37.54 -12.57
CA VAL D 556 -45.77 -37.99 -13.92
C VAL D 556 -44.69 -39.06 -13.81
N ILE D 557 -44.95 -40.23 -14.38
CA ILE D 557 -43.98 -41.32 -14.35
C ILE D 557 -43.71 -41.80 -15.76
N ALA D 558 -42.84 -42.80 -15.88
CA ALA D 558 -42.52 -43.39 -17.18
C ALA D 558 -42.03 -44.80 -16.96
N LEU D 559 -42.69 -45.77 -17.59
CA LEU D 559 -42.28 -47.16 -17.53
C LEU D 559 -41.37 -47.46 -18.72
N THR D 560 -41.06 -48.73 -18.95
CA THR D 560 -40.35 -49.11 -20.16
C THR D 560 -41.30 -49.08 -21.35
N GLY D 561 -40.84 -48.46 -22.44
CA GLY D 561 -41.64 -48.31 -23.63
C GLY D 561 -42.09 -46.89 -23.91
N GLY D 562 -41.63 -45.91 -23.15
CA GLY D 562 -42.05 -44.54 -23.34
C GLY D 562 -43.47 -44.26 -22.91
N GLU D 563 -44.02 -45.09 -22.04
CA GLU D 563 -45.42 -44.98 -21.63
C GLU D 563 -45.53 -43.95 -20.51
N LEU D 564 -46.32 -42.90 -20.75
CA LEU D 564 -46.57 -41.88 -19.74
C LEU D 564 -47.86 -42.17 -19.00
N VAL D 565 -47.79 -42.20 -17.67
CA VAL D 565 -48.96 -42.38 -16.83
C VAL D 565 -49.05 -41.15 -15.93
N TYR D 566 -50.09 -40.35 -16.13
CA TYR D 566 -50.27 -39.08 -15.43
C TYR D 566 -51.27 -39.24 -14.30
N PHE D 567 -50.90 -38.75 -13.12
CA PHE D 567 -51.80 -38.70 -11.97
C PHE D 567 -52.18 -37.25 -11.70
N GLU D 568 -53.24 -37.08 -10.90
CA GLU D 568 -53.76 -35.75 -10.61
C GLU D 568 -54.17 -35.69 -9.14
N MET D 569 -53.79 -34.62 -8.46
CA MET D 569 -54.23 -34.39 -7.09
C MET D 569 -55.55 -33.63 -7.11
N ASP D 570 -56.51 -34.14 -6.35
CA ASP D 570 -57.80 -33.48 -6.18
C ASP D 570 -57.68 -32.37 -5.15
N PRO D 571 -58.69 -31.51 -5.03
CA PRO D 571 -58.79 -30.67 -3.83
C PRO D 571 -59.01 -31.46 -2.54
N SER D 572 -59.51 -32.70 -2.63
CA SER D 572 -59.58 -33.56 -1.45
C SER D 572 -58.22 -34.14 -1.08
N GLY D 573 -57.38 -34.43 -2.07
CA GLY D 573 -56.02 -34.87 -1.79
C GLY D 573 -55.70 -36.26 -2.27
N GLN D 574 -56.56 -36.85 -3.08
CA GLN D 574 -56.37 -38.20 -3.58
C GLN D 574 -56.03 -38.18 -5.07
N LEU D 575 -55.97 -39.36 -5.66
CA LEU D 575 -55.44 -39.55 -7.01
C LEU D 575 -56.55 -39.80 -8.01
N ASN D 576 -56.41 -39.21 -9.19
CA ASN D 576 -57.23 -39.55 -10.35
C ASN D 576 -56.32 -39.74 -11.55
N GLU D 577 -56.43 -40.90 -12.19
CA GLU D 577 -55.60 -41.21 -13.34
C GLU D 577 -56.14 -40.52 -14.59
N TYR D 578 -55.23 -39.99 -15.41
CA TYR D 578 -55.62 -39.37 -16.66
C TYR D 578 -56.08 -40.45 -17.65
N THR D 579 -56.89 -40.01 -18.63
CA THR D 579 -57.59 -40.95 -19.51
C THR D 579 -56.63 -41.63 -20.49
N GLU D 580 -55.77 -40.86 -21.17
CA GLU D 580 -54.95 -41.35 -22.26
C GLU D 580 -53.51 -41.50 -21.83
N ARG D 581 -52.99 -42.72 -21.85
CA ARG D 581 -51.58 -42.98 -21.60
C ARG D 581 -50.82 -42.82 -22.91
N LYS D 582 -50.09 -41.73 -23.04
CA LYS D 582 -49.35 -41.43 -24.26
C LYS D 582 -48.05 -42.23 -24.28
N GLU D 583 -47.93 -43.13 -25.24
CA GLU D 583 -46.74 -43.96 -25.39
C GLU D 583 -45.82 -43.34 -26.44
N MET D 584 -44.53 -43.61 -26.28
CA MET D 584 -43.50 -43.07 -27.17
C MET D 584 -42.88 -44.18 -28.01
N SER D 585 -42.06 -43.75 -28.97
CA SER D 585 -41.34 -44.70 -29.82
C SER D 585 -40.02 -45.15 -29.21
N ALA D 586 -39.50 -44.43 -28.22
CA ALA D 586 -38.26 -44.79 -27.55
C ALA D 586 -38.49 -44.79 -26.05
N ASP D 587 -37.54 -45.38 -25.33
CA ASP D 587 -37.61 -45.41 -23.89
C ASP D 587 -37.29 -44.04 -23.29
N VAL D 588 -37.77 -43.82 -22.08
CA VAL D 588 -37.58 -42.54 -21.39
C VAL D 588 -36.31 -42.61 -20.57
N VAL D 589 -35.34 -41.75 -20.90
CA VAL D 589 -34.09 -41.69 -20.15
C VAL D 589 -34.10 -40.61 -19.07
N CYS D 590 -34.93 -39.58 -19.22
CA CYS D 590 -35.00 -38.45 -18.30
C CYS D 590 -36.23 -37.61 -18.63
N MET D 591 -36.82 -37.02 -17.60
CA MET D 591 -37.91 -36.06 -17.77
C MET D 591 -37.68 -34.89 -16.83
N SER D 592 -38.63 -33.95 -16.84
CA SER D 592 -38.56 -32.79 -15.96
C SER D 592 -39.96 -32.19 -15.82
N LEU D 593 -40.38 -31.99 -14.58
CA LEU D 593 -41.59 -31.24 -14.26
C LEU D 593 -41.28 -30.34 -13.06
N ALA D 594 -41.66 -29.07 -13.18
CA ALA D 594 -41.34 -28.09 -12.15
C ALA D 594 -42.20 -28.28 -10.92
N ASN D 595 -41.77 -27.64 -9.84
CA ASN D 595 -42.64 -27.45 -8.69
C ASN D 595 -43.69 -26.40 -9.05
N VAL D 596 -44.88 -26.54 -8.46
CA VAL D 596 -46.00 -25.69 -8.86
C VAL D 596 -45.83 -24.30 -8.24
N PRO D 597 -46.11 -23.23 -8.98
CA PRO D 597 -46.16 -21.90 -8.35
C PRO D 597 -47.35 -21.80 -7.42
N PRO D 598 -47.29 -20.93 -6.40
CA PRO D 598 -48.45 -20.79 -5.50
C PRO D 598 -49.64 -20.10 -6.13
N GLY D 599 -49.44 -19.35 -7.21
CA GLY D 599 -50.55 -18.66 -7.87
C GLY D 599 -51.43 -19.60 -8.67
N GLU D 600 -50.83 -20.34 -9.61
CA GLU D 600 -51.56 -21.30 -10.42
C GLU D 600 -51.64 -22.64 -9.71
N GLN D 601 -52.53 -23.51 -10.20
CA GLN D 601 -52.69 -24.83 -9.61
C GLN D 601 -51.84 -25.89 -10.30
N ARG D 602 -51.28 -25.60 -11.47
CA ARG D 602 -50.55 -26.62 -12.20
C ARG D 602 -49.54 -25.95 -13.13
N SER D 603 -48.52 -26.73 -13.49
CA SER D 603 -47.53 -26.33 -14.47
C SER D 603 -47.82 -27.04 -15.79
N ARG D 604 -47.49 -26.36 -16.89
CA ARG D 604 -47.83 -26.87 -18.22
C ARG D 604 -46.78 -27.84 -18.74
N PHE D 605 -45.53 -27.39 -18.83
CA PHE D 605 -44.51 -28.04 -19.63
C PHE D 605 -44.06 -29.37 -19.03
N LEU D 606 -43.53 -30.23 -19.89
CA LEU D 606 -42.95 -31.52 -19.48
C LEU D 606 -41.88 -31.87 -20.51
N ALA D 607 -40.62 -31.55 -20.19
CA ALA D 607 -39.51 -31.80 -21.09
C ALA D 607 -39.04 -33.24 -20.91
N VAL D 608 -39.23 -34.06 -21.95
CA VAL D 608 -39.01 -35.50 -21.88
C VAL D 608 -37.85 -35.86 -22.80
N GLY D 609 -36.74 -36.30 -22.21
CA GLY D 609 -35.61 -36.82 -22.98
C GLY D 609 -35.76 -38.32 -23.18
N LEU D 610 -35.34 -38.77 -24.36
CA LEU D 610 -35.61 -40.14 -24.80
C LEU D 610 -34.35 -40.80 -25.32
N VAL D 611 -34.49 -42.07 -25.70
CA VAL D 611 -33.43 -42.78 -26.42
C VAL D 611 -33.33 -42.23 -27.84
N ASP D 612 -34.44 -41.70 -28.37
CA ASP D 612 -34.53 -41.04 -29.68
C ASP D 612 -33.75 -39.72 -29.75
N ASN D 613 -33.22 -39.24 -28.60
CA ASN D 613 -32.37 -38.05 -28.49
C ASN D 613 -33.10 -36.79 -28.92
N THR D 614 -34.42 -36.78 -28.72
CA THR D 614 -35.27 -35.64 -29.06
C THR D 614 -36.04 -35.25 -27.81
N VAL D 615 -35.69 -34.11 -27.22
CA VAL D 615 -36.48 -33.59 -26.12
C VAL D 615 -37.85 -33.13 -26.64
N ARG D 616 -38.90 -33.47 -25.92
CA ARG D 616 -40.26 -33.25 -26.37
C ARG D 616 -41.00 -32.40 -25.35
N ILE D 617 -41.72 -31.40 -25.85
CA ILE D 617 -42.50 -30.48 -25.01
C ILE D 617 -43.91 -31.03 -24.92
N ILE D 618 -44.36 -31.31 -23.69
CA ILE D 618 -45.66 -31.93 -23.44
C ILE D 618 -46.42 -31.08 -22.43
N SER D 619 -47.66 -30.75 -22.75
CA SER D 619 -48.51 -30.01 -21.82
C SER D 619 -49.20 -30.96 -20.85
N LEU D 620 -49.48 -30.44 -19.65
CA LEU D 620 -50.16 -31.22 -18.61
C LEU D 620 -51.42 -30.50 -18.12
N ASP D 621 -51.91 -29.52 -18.87
CA ASP D 621 -53.20 -28.92 -18.60
C ASP D 621 -54.31 -29.94 -18.89
N PRO D 622 -55.48 -29.81 -18.28
CA PRO D 622 -56.60 -30.69 -18.63
C PRO D 622 -57.18 -30.45 -20.02
N SER D 623 -56.78 -29.37 -20.70
CA SER D 623 -57.24 -29.13 -22.07
C SER D 623 -56.38 -29.84 -23.11
N ASP D 624 -55.06 -29.81 -22.96
CA ASP D 624 -54.14 -30.46 -23.90
C ASP D 624 -53.13 -31.33 -23.16
N CYS D 625 -53.62 -32.14 -22.23
CA CYS D 625 -52.76 -32.95 -21.39
C CYS D 625 -52.29 -34.18 -22.14
N LEU D 626 -50.97 -34.42 -22.10
CA LEU D 626 -50.26 -35.48 -22.83
C LEU D 626 -50.52 -35.37 -24.33
N GLN D 627 -50.08 -34.26 -24.90
CA GLN D 627 -50.19 -33.97 -26.33
C GLN D 627 -48.89 -33.34 -26.80
N PRO D 628 -48.50 -33.53 -28.07
CA PRO D 628 -47.25 -32.96 -28.56
C PRO D 628 -47.35 -31.45 -28.77
N LEU D 629 -46.27 -30.75 -28.43
CA LEU D 629 -46.14 -29.32 -28.70
C LEU D 629 -44.98 -29.01 -29.63
N SER D 630 -43.77 -29.44 -29.27
CA SER D 630 -42.59 -29.23 -30.11
C SER D 630 -41.51 -30.21 -29.68
N MET D 631 -40.97 -30.96 -30.63
CA MET D 631 -39.83 -31.83 -30.39
C MET D 631 -38.58 -31.21 -31.00
N GLN D 632 -37.42 -31.62 -30.49
CA GLN D 632 -36.16 -30.98 -30.90
C GLN D 632 -35.02 -31.95 -30.62
N ALA D 633 -34.25 -32.28 -31.65
CA ALA D 633 -33.19 -33.27 -31.53
C ALA D 633 -32.01 -32.72 -30.72
N LEU D 634 -31.32 -33.64 -30.04
CA LEU D 634 -30.23 -33.31 -29.13
C LEU D 634 -28.92 -33.96 -29.60
N PRO D 635 -27.77 -33.34 -29.32
CA PRO D 635 -26.49 -33.90 -29.80
C PRO D 635 -26.07 -35.18 -29.10
N ALA D 636 -26.61 -35.48 -27.93
CA ALA D 636 -26.18 -36.67 -27.20
C ALA D 636 -27.38 -37.22 -26.44
N GLN D 637 -27.11 -38.13 -25.50
CA GLN D 637 -28.15 -38.77 -24.70
C GLN D 637 -28.12 -38.23 -23.29
N PRO D 638 -29.12 -37.44 -22.87
CA PRO D 638 -29.11 -36.87 -21.51
C PRO D 638 -29.34 -37.90 -20.42
N GLU D 639 -29.14 -37.48 -19.17
CA GLU D 639 -29.32 -38.34 -18.01
C GLU D 639 -30.38 -37.75 -17.09
N SER D 640 -30.47 -36.42 -17.05
CA SER D 640 -31.43 -35.74 -16.22
C SER D 640 -31.85 -34.43 -16.88
N LEU D 641 -33.02 -33.94 -16.49
CA LEU D 641 -33.49 -32.63 -16.91
C LEU D 641 -34.17 -31.97 -15.72
N CYS D 642 -34.08 -30.65 -15.65
CA CYS D 642 -34.59 -29.90 -14.50
C CYS D 642 -35.14 -28.56 -14.96
N ILE D 643 -36.44 -28.34 -14.75
CA ILE D 643 -37.02 -27.00 -14.89
C ILE D 643 -36.70 -26.23 -13.63
N VAL D 644 -36.09 -25.06 -13.79
CA VAL D 644 -35.57 -24.29 -12.68
C VAL D 644 -35.89 -22.81 -12.93
N GLU D 645 -35.86 -22.02 -11.88
CA GLU D 645 -36.00 -20.57 -11.96
C GLU D 645 -34.78 -19.91 -11.34
N MET D 646 -34.07 -19.13 -12.16
CA MET D 646 -32.92 -18.30 -11.74
C MET D 646 -31.77 -19.09 -11.14
N PHE D 663 -41.00 -15.66 -16.66
CA PHE D 663 -39.59 -15.97 -16.83
C PHE D 663 -39.36 -17.45 -16.52
N LEU D 664 -39.23 -18.26 -17.57
CA LEU D 664 -39.18 -19.71 -17.43
C LEU D 664 -37.89 -20.25 -18.05
N TYR D 665 -37.23 -21.15 -17.33
CA TYR D 665 -35.92 -21.68 -17.74
C TYR D 665 -35.91 -23.20 -17.73
N LEU D 666 -35.03 -23.76 -18.55
CA LEU D 666 -34.76 -25.20 -18.59
C LEU D 666 -33.28 -25.37 -18.94
N ASN D 667 -32.73 -26.53 -18.61
CA ASN D 667 -31.35 -26.84 -18.92
C ASN D 667 -31.23 -28.29 -19.34
N ILE D 668 -30.23 -28.59 -20.16
CA ILE D 668 -30.04 -29.91 -20.75
C ILE D 668 -28.60 -30.34 -20.51
N GLY D 669 -28.42 -31.45 -19.79
CA GLY D 669 -27.10 -31.98 -19.54
C GLY D 669 -26.77 -33.16 -20.41
N LEU D 670 -25.63 -33.10 -21.10
CA LEU D 670 -25.23 -34.14 -22.02
C LEU D 670 -24.58 -35.31 -21.28
N GLN D 671 -24.14 -36.30 -22.04
CA GLN D 671 -23.48 -37.48 -21.45
C GLN D 671 -21.99 -37.28 -21.28
N ASN D 672 -21.51 -36.04 -21.35
CA ASN D 672 -20.23 -35.65 -20.80
C ASN D 672 -20.42 -34.32 -20.07
N GLY D 673 -19.40 -33.93 -19.30
CA GLY D 673 -19.49 -32.72 -18.52
C GLY D 673 -19.39 -31.44 -19.32
N VAL D 674 -20.29 -31.27 -20.31
CA VAL D 674 -20.45 -30.04 -21.06
C VAL D 674 -21.90 -29.60 -20.87
N LEU D 675 -22.21 -28.37 -21.25
CA LEU D 675 -23.55 -27.87 -20.98
C LEU D 675 -24.04 -26.98 -22.12
N LEU D 676 -25.35 -27.08 -22.42
CA LEU D 676 -26.11 -26.19 -23.29
C LEU D 676 -27.26 -25.59 -22.50
N ARG D 677 -27.98 -24.66 -23.13
CA ARG D 677 -29.10 -24.03 -22.47
C ARG D 677 -30.34 -24.09 -23.37
N THR D 678 -31.52 -23.90 -22.77
CA THR D 678 -32.80 -23.93 -23.49
C THR D 678 -33.85 -23.20 -22.67
N VAL D 679 -34.36 -22.09 -23.21
CA VAL D 679 -35.41 -21.35 -22.52
C VAL D 679 -36.73 -22.09 -22.66
N LEU D 680 -37.56 -22.03 -21.63
CA LEU D 680 -38.78 -22.82 -21.59
C LEU D 680 -39.90 -22.04 -22.28
N ASP D 681 -40.37 -22.56 -23.40
CA ASP D 681 -41.12 -21.80 -24.40
C ASP D 681 -41.59 -22.79 -25.46
N PRO D 682 -42.73 -22.55 -26.09
CA PRO D 682 -43.05 -23.30 -27.32
C PRO D 682 -42.07 -23.14 -28.49
N VAL D 683 -41.16 -22.15 -28.45
CA VAL D 683 -40.04 -22.08 -29.39
C VAL D 683 -38.81 -21.53 -28.67
N THR D 684 -37.68 -22.22 -28.82
CA THR D 684 -36.46 -21.91 -28.07
C THR D 684 -35.67 -20.76 -28.70
N GLY D 685 -35.15 -19.87 -27.85
CA GLY D 685 -34.46 -18.69 -28.32
C GLY D 685 -33.08 -18.34 -27.80
N ASP D 686 -32.73 -18.74 -26.58
CA ASP D 686 -31.48 -18.32 -25.96
C ASP D 686 -30.65 -19.52 -25.53
N LEU D 687 -29.33 -19.33 -25.61
CA LEU D 687 -28.35 -20.34 -25.30
C LEU D 687 -27.01 -19.63 -25.12
N SER D 688 -26.20 -20.24 -24.29
CA SER D 688 -24.75 -20.03 -24.24
C SER D 688 -24.16 -21.35 -23.77
N ASP D 689 -23.20 -21.88 -24.51
CA ASP D 689 -22.64 -23.20 -24.21
C ASP D 689 -21.46 -23.02 -23.28
N THR D 690 -21.23 -24.03 -22.43
CA THR D 690 -20.05 -24.04 -21.57
C THR D 690 -19.54 -25.48 -21.45
N ARG D 691 -18.21 -25.60 -21.48
CA ARG D 691 -17.50 -26.87 -21.56
C ARG D 691 -16.34 -26.87 -20.57
N THR D 692 -16.62 -27.25 -19.33
CA THR D 692 -15.52 -27.34 -18.38
C THR D 692 -15.78 -28.52 -17.42
N GLY D 696 -15.69 -32.78 -20.93
CA GLY D 696 -16.04 -32.97 -19.53
C GLY D 696 -16.08 -34.43 -19.16
N SER D 697 -16.24 -35.28 -20.17
CA SER D 697 -15.95 -36.71 -20.16
C SER D 697 -16.83 -37.57 -19.25
N ARG D 698 -17.72 -36.96 -18.47
CA ARG D 698 -18.55 -37.70 -17.53
C ARG D 698 -19.93 -37.06 -17.49
N PRO D 699 -21.00 -37.88 -17.50
CA PRO D 699 -22.35 -37.36 -17.78
C PRO D 699 -22.90 -36.48 -16.67
N VAL D 700 -23.84 -35.62 -17.05
CA VAL D 700 -24.32 -34.51 -16.23
C VAL D 700 -25.64 -34.88 -15.56
N LYS D 701 -25.75 -34.60 -14.26
CA LYS D 701 -26.95 -34.86 -13.48
C LYS D 701 -27.49 -33.55 -12.90
N LEU D 702 -28.64 -33.11 -13.40
CA LEU D 702 -29.24 -31.84 -13.00
C LEU D 702 -30.17 -32.07 -11.81
N PHE D 703 -29.73 -31.67 -10.63
CA PHE D 703 -30.46 -31.92 -9.40
C PHE D 703 -30.80 -30.60 -8.71
N ARG D 704 -31.94 -30.59 -8.02
CA ARG D 704 -32.51 -29.37 -7.47
C ARG D 704 -31.78 -28.95 -6.20
N VAL D 705 -31.52 -27.64 -6.07
CA VAL D 705 -30.90 -27.06 -4.89
C VAL D 705 -31.66 -25.79 -4.50
N ARG D 706 -31.14 -25.12 -3.48
CA ARG D 706 -31.67 -23.86 -2.98
C ARG D 706 -30.51 -22.96 -2.59
N MET D 707 -30.24 -21.95 -3.43
CA MET D 707 -29.11 -21.05 -3.22
C MET D 707 -29.63 -19.70 -2.73
N GLN D 708 -29.68 -19.54 -1.40
CA GLN D 708 -30.07 -18.31 -0.71
C GLN D 708 -31.47 -17.85 -1.12
N GLY D 709 -32.44 -18.76 -1.00
CA GLY D 709 -33.80 -18.46 -1.38
C GLY D 709 -34.08 -18.55 -2.87
N GLN D 710 -33.14 -19.09 -3.65
CA GLN D 710 -33.26 -19.16 -5.10
C GLN D 710 -32.84 -20.54 -5.57
N GLU D 711 -33.51 -21.03 -6.60
CA GLU D 711 -33.20 -22.34 -7.15
C GLU D 711 -32.12 -22.24 -8.21
N ALA D 712 -31.33 -23.31 -8.32
CA ALA D 712 -30.34 -23.44 -9.39
C ALA D 712 -30.22 -24.90 -9.78
N VAL D 713 -29.25 -25.23 -10.62
CA VAL D 713 -29.04 -26.59 -11.10
C VAL D 713 -27.63 -27.07 -10.76
N LEU D 714 -27.51 -27.90 -9.72
CA LEU D 714 -26.22 -28.46 -9.33
C LEU D 714 -25.92 -29.61 -10.27
N ALA D 715 -25.33 -29.26 -11.42
CA ALA D 715 -24.99 -30.25 -12.43
C ALA D 715 -23.87 -31.16 -11.95
N MET D 716 -24.10 -32.46 -12.00
CA MET D 716 -23.12 -33.43 -11.50
C MET D 716 -22.53 -34.24 -12.64
N SER D 717 -21.23 -34.06 -12.85
CA SER D 717 -20.45 -34.51 -13.98
C SER D 717 -19.20 -35.09 -13.36
N SER D 718 -18.08 -35.03 -14.08
CA SER D 718 -16.76 -35.14 -13.45
C SER D 718 -16.71 -34.36 -12.13
N ARG D 719 -17.09 -33.09 -12.17
CA ARG D 719 -17.27 -32.36 -10.94
C ARG D 719 -18.75 -32.04 -10.76
N SER D 720 -19.07 -31.53 -9.58
CA SER D 720 -20.42 -31.05 -9.27
C SER D 720 -20.50 -29.58 -9.68
N TRP D 721 -20.97 -29.35 -10.91
CA TRP D 721 -21.00 -28.03 -11.51
C TRP D 721 -22.34 -27.36 -11.21
N LEU D 722 -22.41 -26.06 -11.51
CA LEU D 722 -23.57 -25.24 -11.14
C LEU D 722 -23.62 -24.05 -12.09
N SER D 723 -24.63 -24.01 -12.95
CA SER D 723 -24.93 -22.83 -13.75
C SER D 723 -26.12 -22.11 -13.15
N TYR D 724 -26.00 -20.81 -12.97
CA TYR D 724 -27.09 -20.08 -12.33
C TYR D 724 -27.22 -18.70 -12.93
N SER D 725 -28.46 -18.33 -13.22
CA SER D 725 -28.78 -16.93 -13.37
C SER D 725 -28.68 -16.25 -12.02
N TYR D 726 -28.13 -15.03 -12.03
CA TYR D 726 -28.04 -14.24 -10.80
C TYR D 726 -28.16 -12.78 -11.23
N GLN D 727 -29.40 -12.27 -11.25
CA GLN D 727 -29.75 -10.96 -11.80
C GLN D 727 -29.22 -10.79 -13.22
N SER D 728 -29.31 -11.87 -13.99
CA SER D 728 -28.69 -12.02 -15.31
C SER D 728 -27.19 -11.70 -15.27
N ARG D 729 -26.52 -12.24 -14.26
CA ARG D 729 -25.06 -12.33 -14.22
C ARG D 729 -24.78 -13.83 -14.10
N PHE D 730 -24.66 -14.49 -15.25
CA PHE D 730 -24.56 -15.94 -15.31
C PHE D 730 -23.17 -16.42 -14.89
N HIS D 731 -23.11 -17.62 -14.29
CA HIS D 731 -21.86 -18.27 -13.94
C HIS D 731 -21.97 -19.79 -14.04
N LEU D 732 -21.02 -20.44 -14.73
CA LEU D 732 -20.82 -21.88 -14.59
C LEU D 732 -19.80 -22.11 -13.46
N THR D 733 -20.26 -22.73 -12.38
CA THR D 733 -19.52 -22.79 -11.14
C THR D 733 -19.40 -24.23 -10.64
N PRO D 734 -18.22 -24.69 -10.27
CA PRO D 734 -18.08 -26.06 -9.74
C PRO D 734 -18.13 -26.05 -8.23
N LEU D 735 -18.15 -27.23 -7.63
CA LEU D 735 -18.07 -27.35 -6.19
C LEU D 735 -16.64 -27.69 -5.79
N SER D 736 -16.27 -27.26 -4.60
CA SER D 736 -14.90 -27.42 -4.11
C SER D 736 -14.77 -28.72 -3.31
N TYR D 737 -15.01 -29.81 -4.01
CA TYR D 737 -15.03 -31.15 -3.43
C TYR D 737 -14.93 -32.14 -4.57
N GLU D 738 -14.55 -33.38 -4.24
CA GLU D 738 -14.39 -34.45 -5.21
C GLU D 738 -15.74 -34.94 -5.71
N THR D 739 -15.70 -36.04 -6.48
CA THR D 739 -16.85 -36.54 -7.23
C THR D 739 -18.01 -36.91 -6.34
N LEU D 740 -19.21 -36.56 -6.77
CA LEU D 740 -20.48 -36.82 -6.10
C LEU D 740 -21.43 -37.39 -7.14
N GLU D 741 -22.60 -37.84 -6.68
CA GLU D 741 -23.61 -38.34 -7.62
C GLU D 741 -25.04 -37.89 -7.33
N PHE D 742 -25.33 -37.18 -6.24
CA PHE D 742 -26.70 -36.77 -6.00
C PHE D 742 -26.75 -35.49 -5.19
N ALA D 743 -27.83 -34.71 -5.36
CA ALA D 743 -28.11 -33.57 -4.48
C ALA D 743 -29.60 -33.37 -4.39
N SER D 744 -30.03 -32.77 -3.27
CA SER D 744 -31.39 -32.25 -3.07
C SER D 744 -31.32 -31.22 -1.95
N GLY D 745 -32.47 -30.63 -1.60
CA GLY D 745 -32.53 -29.66 -0.52
C GLY D 745 -32.49 -30.33 0.84
N PHE D 746 -32.40 -29.49 1.88
CA PHE D 746 -32.25 -29.98 3.25
C PHE D 746 -32.65 -28.88 4.21
N ALA D 747 -33.28 -29.27 5.32
CA ALA D 747 -33.68 -28.33 6.36
C ALA D 747 -33.83 -29.09 7.67
N SER D 748 -33.06 -28.68 8.68
CA SER D 748 -33.13 -29.28 10.00
C SER D 748 -32.67 -28.24 11.02
N GLU D 749 -32.43 -28.70 12.25
CA GLU D 749 -31.80 -27.85 13.26
C GLU D 749 -30.29 -27.79 13.09
N GLN D 750 -29.69 -28.88 12.60
CA GLN D 750 -28.26 -28.86 12.28
C GLN D 750 -27.97 -27.93 11.10
N CYS D 751 -28.82 -27.96 10.08
CA CYS D 751 -28.65 -27.09 8.91
C CYS D 751 -30.02 -26.82 8.33
N PRO D 752 -30.58 -25.62 8.52
CA PRO D 752 -31.90 -25.30 7.94
C PRO D 752 -31.88 -25.09 6.44
N GLU D 753 -30.72 -25.01 5.81
CA GLU D 753 -30.64 -24.88 4.34
C GLU D 753 -29.34 -25.56 3.90
N GLY D 754 -29.43 -26.82 3.51
CA GLY D 754 -28.26 -27.58 3.13
C GLY D 754 -28.45 -28.43 1.89
N ILE D 755 -27.47 -29.29 1.59
CA ILE D 755 -27.50 -30.16 0.41
C ILE D 755 -27.11 -31.57 0.85
N VAL D 756 -27.92 -32.54 0.46
CA VAL D 756 -27.66 -33.94 0.80
C VAL D 756 -26.96 -34.61 -0.37
N ALA D 757 -25.70 -35.00 -0.16
CA ALA D 757 -24.87 -35.49 -1.25
C ALA D 757 -24.29 -36.87 -0.93
N ILE D 758 -24.16 -37.70 -1.97
CA ILE D 758 -23.51 -39.00 -1.87
C ILE D 758 -22.46 -39.17 -2.94
N SER D 759 -21.59 -40.14 -2.69
CA SER D 759 -20.59 -40.60 -3.64
C SER D 759 -20.42 -42.10 -3.39
N THR D 760 -19.31 -42.66 -3.82
CA THR D 760 -19.05 -44.08 -3.58
C THR D 760 -18.70 -44.31 -2.12
N ASN D 761 -19.61 -45.03 -1.42
CA ASN D 761 -19.44 -45.46 -0.02
C ASN D 761 -19.28 -44.28 0.94
N THR D 762 -20.27 -43.37 0.92
CA THR D 762 -20.35 -42.28 1.87
C THR D 762 -21.80 -41.78 1.95
N LEU D 763 -22.04 -40.87 2.87
CA LEU D 763 -23.35 -40.23 3.07
C LEU D 763 -23.11 -38.90 3.76
N ARG D 764 -23.24 -37.79 3.02
CA ARG D 764 -22.82 -36.50 3.50
C ARG D 764 -23.93 -35.46 3.37
N ILE D 765 -23.93 -34.52 4.31
CA ILE D 765 -24.73 -33.30 4.23
C ILE D 765 -23.77 -32.16 3.91
N LEU D 766 -24.07 -31.41 2.87
CA LEU D 766 -23.24 -30.31 2.44
C LEU D 766 -24.08 -29.04 2.43
N ALA D 767 -23.44 -27.91 2.16
CA ALA D 767 -24.14 -26.63 2.13
C ALA D 767 -23.37 -25.67 1.25
N LEU D 768 -24.10 -24.70 0.68
CA LEU D 768 -23.53 -23.66 -0.17
C LEU D 768 -24.05 -22.30 0.30
N GLU D 769 -23.13 -21.38 0.56
CA GLU D 769 -23.50 -20.07 1.09
C GLU D 769 -22.79 -18.91 0.43
N LYS D 770 -21.83 -19.15 -0.45
CA LYS D 770 -20.90 -18.13 -0.87
C LYS D 770 -21.19 -17.67 -2.30
N LEU D 771 -20.97 -16.38 -2.55
CA LEU D 771 -20.94 -15.84 -3.90
C LEU D 771 -19.52 -15.80 -4.47
N GLY D 772 -18.52 -15.50 -3.64
CA GLY D 772 -17.15 -15.42 -4.10
C GLY D 772 -16.55 -16.78 -4.41
N ALA D 773 -15.31 -16.75 -4.92
CA ALA D 773 -14.67 -17.94 -5.48
C ALA D 773 -13.16 -17.95 -5.26
N VAL D 774 -12.68 -18.76 -4.31
CA VAL D 774 -11.27 -19.09 -4.14
C VAL D 774 -11.15 -20.59 -3.87
N PHE D 775 -9.93 -21.04 -3.58
CA PHE D 775 -9.66 -22.44 -3.32
C PHE D 775 -10.24 -22.87 -1.99
N ASN D 776 -10.66 -24.13 -1.91
CA ASN D 776 -11.15 -24.71 -0.67
C ASN D 776 -10.61 -26.13 -0.56
N GLN D 777 -10.20 -26.52 0.64
CA GLN D 777 -9.15 -27.50 0.80
C GLN D 777 -9.52 -28.57 1.82
N VAL D 778 -8.57 -29.49 2.00
CA VAL D 778 -8.62 -30.49 3.07
C VAL D 778 -7.17 -30.90 3.31
N ALA D 779 -6.85 -31.33 4.54
CA ALA D 779 -5.46 -31.46 4.96
C ALA D 779 -5.19 -32.83 5.59
N PHE D 780 -3.92 -33.25 5.50
CA PHE D 780 -3.43 -34.54 5.96
C PHE D 780 -2.23 -34.35 6.87
N PRO D 781 -2.21 -34.94 8.06
CA PRO D 781 -1.15 -34.63 9.04
C PRO D 781 0.16 -35.32 8.71
N LEU D 782 1.26 -34.69 9.15
CA LEU D 782 2.61 -35.21 8.94
C LEU D 782 3.43 -35.22 10.21
N GLN D 783 4.75 -35.46 10.09
CA GLN D 783 5.63 -35.40 11.26
C GLN D 783 6.69 -34.32 11.14
N TYR D 784 7.52 -34.33 10.10
CA TYR D 784 8.57 -33.31 10.02
C TYR D 784 8.30 -32.41 8.82
N THR D 785 9.21 -31.49 8.56
CA THR D 785 9.08 -30.48 7.50
C THR D 785 9.38 -31.11 6.16
N PRO D 786 8.38 -31.38 5.30
CA PRO D 786 8.61 -32.21 4.11
C PRO D 786 9.42 -31.47 3.06
N ARG D 787 10.56 -32.03 2.69
CA ARG D 787 11.45 -31.37 1.76
C ARG D 787 10.97 -31.49 0.33
N LYS D 788 10.44 -32.65 -0.07
CA LYS D 788 10.18 -33.00 -1.45
C LYS D 788 9.40 -34.31 -1.47
N PHE D 789 8.57 -34.48 -2.48
CA PHE D 789 7.89 -35.75 -2.61
C PHE D 789 7.67 -36.03 -4.09
N VAL D 790 7.41 -37.29 -4.42
CA VAL D 790 7.18 -37.69 -5.81
C VAL D 790 5.93 -38.57 -5.91
N ILE D 791 5.44 -38.66 -7.13
CA ILE D 791 4.27 -39.45 -7.45
C ILE D 791 4.72 -40.87 -7.78
N HIS D 792 3.99 -41.86 -7.29
CA HIS D 792 4.16 -43.17 -7.89
C HIS D 792 3.37 -43.20 -9.19
N PRO D 793 3.96 -43.56 -10.31
CA PRO D 793 3.15 -43.63 -11.54
C PRO D 793 2.19 -44.81 -11.59
N GLU D 794 2.62 -45.99 -11.14
CA GLU D 794 1.84 -47.20 -11.41
C GLU D 794 0.61 -47.31 -10.53
N SER D 795 0.81 -47.40 -9.22
CA SER D 795 -0.31 -47.54 -8.31
C SER D 795 -0.90 -46.20 -7.91
N ASN D 796 -0.28 -45.11 -8.32
CA ASN D 796 -0.67 -43.73 -8.02
C ASN D 796 -0.64 -43.46 -6.51
N ASN D 797 0.58 -43.44 -5.97
CA ASN D 797 0.79 -43.13 -4.56
C ASN D 797 1.90 -42.11 -4.39
N LEU D 798 2.11 -41.71 -3.13
CA LEU D 798 2.99 -40.61 -2.77
C LEU D 798 4.12 -41.08 -1.88
N ILE D 799 5.28 -40.42 -2.03
CA ILE D 799 6.50 -40.80 -1.34
C ILE D 799 7.02 -39.56 -0.64
N ILE D 800 6.77 -39.45 0.65
CA ILE D 800 7.08 -38.25 1.41
C ILE D 800 8.40 -38.46 2.12
N ILE D 801 9.31 -37.49 2.00
CA ILE D 801 10.53 -37.51 2.81
C ILE D 801 10.56 -36.27 3.71
N GLU D 802 10.97 -36.46 4.96
CA GLU D 802 10.79 -35.48 6.01
C GLU D 802 12.09 -35.33 6.81
N THR D 803 12.50 -34.08 7.04
CA THR D 803 13.86 -33.78 7.48
C THR D 803 13.87 -32.56 8.36
N ASP D 804 14.52 -32.64 9.52
CA ASP D 804 14.66 -31.51 10.42
C ASP D 804 16.10 -31.33 10.89
N HIS D 805 16.53 -30.07 10.98
CA HIS D 805 17.66 -29.71 11.81
C HIS D 805 17.16 -29.42 13.22
N ASN D 806 18.03 -29.61 14.20
CA ASN D 806 17.74 -29.44 15.63
C ASN D 806 16.53 -30.28 16.07
N ALA D 807 16.67 -31.59 15.96
CA ALA D 807 15.58 -32.43 16.41
C ALA D 807 16.13 -33.75 16.93
N TYR D 808 15.32 -34.40 17.75
CA TYR D 808 15.57 -35.77 18.19
C TYR D 808 14.61 -36.69 17.47
N THR D 809 15.06 -37.90 17.19
CA THR D 809 14.16 -38.87 16.60
C THR D 809 13.47 -39.67 17.69
N GLU D 810 12.73 -40.69 17.27
CA GLU D 810 11.89 -41.45 18.17
C GLU D 810 12.71 -42.23 19.19
N ALA D 811 13.74 -42.93 18.74
CA ALA D 811 14.51 -43.77 19.65
C ALA D 811 15.32 -42.94 20.63
N THR D 812 15.96 -41.87 20.16
CA THR D 812 16.75 -41.04 21.05
C THR D 812 15.85 -40.31 22.03
N LYS D 813 14.62 -39.96 21.61
CA LYS D 813 13.65 -39.44 22.57
C LYS D 813 13.26 -40.48 23.61
N ALA D 814 13.13 -41.74 23.19
CA ALA D 814 12.66 -42.78 24.11
C ALA D 814 13.69 -43.10 25.17
N GLN D 815 14.87 -43.56 24.73
CA GLN D 815 15.91 -43.87 25.70
C GLN D 815 16.45 -42.63 26.39
N ARG D 816 16.28 -41.46 25.79
CA ARG D 816 16.60 -40.24 26.49
C ARG D 816 15.65 -40.01 27.64
N LYS D 817 14.36 -40.26 27.43
CA LYS D 817 13.41 -40.05 28.51
C LYS D 817 13.59 -41.08 29.61
N GLN D 818 13.89 -42.32 29.26
CA GLN D 818 14.09 -43.33 30.28
C GLN D 818 15.38 -43.11 31.05
N GLN D 819 16.42 -42.67 30.34
CA GLN D 819 17.68 -42.38 31.00
C GLN D 819 17.55 -41.20 31.95
N MET D 820 16.80 -40.17 31.54
CA MET D 820 16.56 -39.06 32.46
C MET D 820 15.65 -39.46 33.60
N ALA D 821 14.80 -40.47 33.40
CA ALA D 821 14.03 -41.00 34.52
C ALA D 821 14.96 -41.67 35.52
N GLU D 822 15.97 -42.41 35.03
CA GLU D 822 16.99 -42.96 35.92
C GLU D 822 17.72 -41.86 36.65
N GLU D 823 18.04 -40.78 35.95
CA GLU D 823 18.69 -39.62 36.53
C GLU D 823 17.81 -38.90 37.53
N MET D 824 16.50 -39.13 37.51
CA MET D 824 15.66 -38.68 38.61
C MET D 824 15.44 -39.75 39.67
N VAL D 825 15.91 -40.97 39.44
CA VAL D 825 16.03 -41.88 40.59
C VAL D 825 17.35 -41.63 41.30
N GLU D 826 18.32 -41.04 40.61
CA GLU D 826 19.66 -40.86 41.18
C GLU D 826 19.77 -39.68 42.16
N ALA D 827 18.67 -39.08 42.61
CA ALA D 827 18.76 -37.78 43.28
C ALA D 827 19.02 -37.88 44.79
N ALA D 828 19.24 -39.09 45.32
CA ALA D 828 19.63 -39.34 46.72
C ALA D 828 18.59 -38.82 47.72
N GLY D 829 17.42 -39.46 47.71
CA GLY D 829 16.38 -39.19 48.68
C GLY D 829 15.12 -40.05 48.59
N GLU D 830 14.62 -40.51 49.73
CA GLU D 830 13.37 -41.27 49.75
C GLU D 830 12.19 -40.38 49.46
N LEU D 835 12.63 -41.62 46.51
CA LEU D 835 12.73 -43.08 46.55
C LEU D 835 11.93 -43.67 47.68
N ALA D 836 10.91 -42.91 48.09
CA ALA D 836 9.79 -43.46 48.83
C ALA D 836 8.50 -43.38 48.01
N ALA D 837 8.54 -42.69 46.87
CA ALA D 837 7.45 -42.64 45.91
C ALA D 837 8.07 -42.35 44.55
N GLU D 838 7.30 -42.56 43.49
CA GLU D 838 7.86 -42.40 42.16
C GLU D 838 7.14 -41.29 41.38
N MET D 839 7.94 -40.57 40.60
CA MET D 839 7.40 -39.69 39.57
C MET D 839 7.24 -40.39 38.25
N ALA D 840 7.84 -41.56 38.10
CA ALA D 840 7.85 -42.24 36.82
C ALA D 840 6.53 -42.89 36.46
N ALA D 841 5.69 -43.14 37.46
CA ALA D 841 4.40 -43.75 37.18
C ALA D 841 3.53 -42.84 36.35
N ALA D 842 3.57 -41.53 36.60
CA ALA D 842 2.90 -40.58 35.74
C ALA D 842 3.82 -40.01 34.69
N PHE D 843 5.14 -40.13 34.89
CA PHE D 843 6.08 -39.52 33.97
C PHE D 843 6.30 -40.35 32.72
N LEU D 844 6.10 -41.66 32.80
CA LEU D 844 6.13 -42.49 31.61
C LEU D 844 4.78 -42.61 30.96
N ASN D 845 3.75 -41.93 31.49
CA ASN D 845 2.42 -42.08 30.93
C ASN D 845 2.24 -41.19 29.70
N GLU D 846 2.32 -39.88 29.88
CA GLU D 846 1.98 -38.96 28.80
C GLU D 846 3.24 -38.49 28.08
N ASN D 847 3.37 -38.91 26.83
CA ASN D 847 4.11 -38.12 25.87
C ASN D 847 3.22 -36.95 25.49
N LEU D 848 3.73 -35.74 25.65
CA LEU D 848 2.98 -34.58 25.20
C LEU D 848 2.87 -34.60 23.68
N PRO D 849 1.68 -34.40 23.12
CA PRO D 849 1.56 -34.24 21.67
C PRO D 849 2.35 -33.05 21.18
N GLU D 850 3.33 -33.34 20.32
CA GLU D 850 4.22 -32.35 19.73
C GLU D 850 3.50 -31.42 18.76
N SER D 851 2.24 -31.72 18.44
CA SER D 851 1.41 -30.84 17.64
C SER D 851 1.26 -29.48 18.30
N ILE D 852 0.88 -29.47 19.58
CA ILE D 852 0.58 -28.23 20.28
C ILE D 852 1.55 -27.95 21.41
N PHE D 853 2.17 -28.98 21.99
CA PHE D 853 3.02 -28.76 23.15
C PHE D 853 4.46 -28.43 22.81
N GLY D 854 4.74 -27.89 21.64
CA GLY D 854 6.10 -27.51 21.34
C GLY D 854 6.95 -28.71 20.96
N ALA D 855 8.25 -28.47 20.81
CA ALA D 855 9.17 -29.50 20.35
C ALA D 855 10.50 -29.42 21.07
N PRO D 856 11.06 -30.55 21.52
CA PRO D 856 12.32 -30.51 22.29
C PRO D 856 13.53 -30.23 21.42
N LYS D 857 13.70 -28.95 21.08
CA LYS D 857 14.77 -28.54 20.18
C LYS D 857 16.11 -28.58 20.87
N ALA D 858 17.11 -29.14 20.19
CA ALA D 858 18.43 -29.28 20.81
C ALA D 858 19.51 -29.23 19.75
N GLY D 859 20.75 -29.25 20.20
CA GLY D 859 21.89 -29.50 19.36
C GLY D 859 22.27 -28.46 18.34
N ASN D 860 23.42 -28.65 17.72
CA ASN D 860 23.85 -27.85 16.59
C ASN D 860 24.08 -28.70 15.35
N GLY D 861 24.53 -29.94 15.51
CA GLY D 861 24.74 -30.84 14.40
C GLY D 861 23.75 -31.99 14.45
N GLN D 862 22.68 -31.81 15.18
CA GLN D 862 21.69 -32.86 15.25
C GLN D 862 20.82 -32.85 14.00
N TRP D 863 20.31 -34.02 13.67
CA TRP D 863 19.42 -34.17 12.51
C TRP D 863 18.39 -35.22 12.84
N ALA D 864 17.50 -35.46 11.89
CA ALA D 864 16.53 -36.55 11.94
C ALA D 864 16.01 -36.76 10.54
N SER D 865 15.32 -37.88 10.32
CA SER D 865 14.82 -38.21 8.99
C SER D 865 13.71 -39.25 9.10
N VAL D 866 12.67 -39.07 8.29
CA VAL D 866 11.48 -39.94 8.28
C VAL D 866 10.99 -40.01 6.84
N ILE D 867 10.68 -41.21 6.35
CA ILE D 867 10.17 -41.41 5.00
C ILE D 867 8.86 -42.20 5.05
N ARG D 868 7.85 -41.73 4.33
CA ARG D 868 6.49 -42.22 4.47
C ARG D 868 5.81 -42.34 3.11
N VAL D 869 4.99 -43.37 2.96
CA VAL D 869 4.11 -43.52 1.81
C VAL D 869 2.69 -43.22 2.26
N MET D 870 1.92 -42.53 1.42
CA MET D 870 0.56 -42.14 1.77
C MET D 870 -0.34 -42.19 0.55
N ASN D 871 -1.63 -42.58 0.77
CA ASN D 871 -2.74 -42.69 -0.18
C ASN D 871 -3.61 -41.44 -0.11
N PRO D 872 -3.81 -40.73 -1.22
CA PRO D 872 -4.58 -39.48 -1.15
C PRO D 872 -6.09 -39.64 -1.17
N ILE D 873 -6.63 -40.82 -1.49
CA ILE D 873 -8.08 -40.98 -1.49
C ILE D 873 -8.61 -41.00 -0.08
N GLN D 874 -8.19 -41.99 0.70
CA GLN D 874 -8.52 -42.04 2.12
C GLN D 874 -7.49 -41.21 2.87
N GLY D 875 -7.41 -41.39 4.18
CA GLY D 875 -6.40 -40.68 4.93
C GLY D 875 -5.17 -41.47 5.29
N ASN D 876 -5.27 -42.80 5.28
CA ASN D 876 -4.32 -43.64 5.99
C ASN D 876 -2.97 -43.73 5.28
N THR D 877 -1.96 -44.13 6.06
CA THR D 877 -0.59 -44.25 5.62
C THR D 877 -0.24 -45.70 5.31
N LEU D 878 0.81 -45.87 4.51
CA LEU D 878 1.17 -47.16 3.96
C LEU D 878 2.41 -47.74 4.62
N ASP D 879 3.54 -47.04 4.53
CA ASP D 879 4.76 -47.57 5.11
C ASP D 879 5.51 -46.42 5.75
N LEU D 880 6.27 -46.77 6.77
CA LEU D 880 7.07 -45.80 7.49
C LEU D 880 8.47 -46.34 7.59
N VAL D 881 9.45 -45.48 7.34
CA VAL D 881 10.85 -45.78 7.56
C VAL D 881 11.43 -44.67 8.42
N GLN D 882 12.21 -45.05 9.42
CA GLN D 882 12.95 -44.10 10.21
C GLN D 882 14.43 -44.40 10.06
N LEU D 883 15.26 -43.39 10.29
CA LEU D 883 16.67 -43.51 9.94
C LEU D 883 17.57 -43.19 11.13
N GLU D 884 18.85 -43.04 10.84
CA GLU D 884 19.89 -42.73 11.81
C GLU D 884 19.67 -41.35 12.42
N GLN D 885 20.26 -41.13 13.60
CA GLN D 885 20.22 -39.82 14.24
C GLN D 885 20.83 -38.73 13.38
N ASN D 886 22.11 -38.85 13.05
CA ASN D 886 22.78 -37.73 12.39
C ASN D 886 22.87 -37.90 10.88
N GLU D 887 21.83 -38.48 10.29
CA GLU D 887 21.77 -38.76 8.85
C GLU D 887 20.36 -38.40 8.35
N ALA D 888 20.26 -37.34 7.56
CA ALA D 888 18.96 -36.78 7.18
C ALA D 888 18.75 -36.75 5.68
N ALA D 889 17.55 -37.15 5.25
CA ALA D 889 17.25 -37.41 3.86
C ALA D 889 16.99 -36.13 3.08
N PHE D 890 17.46 -36.10 1.84
CA PHE D 890 17.37 -34.92 0.99
C PHE D 890 16.55 -35.11 -0.28
N SER D 891 16.78 -36.18 -1.03
CA SER D 891 16.17 -36.27 -2.34
C SER D 891 15.71 -37.69 -2.61
N VAL D 892 14.86 -37.83 -3.63
CA VAL D 892 14.21 -39.08 -3.96
C VAL D 892 13.73 -39.02 -5.40
N ALA D 893 13.84 -40.15 -6.11
CA ALA D 893 13.19 -40.29 -7.40
C ALA D 893 12.87 -41.74 -7.63
N VAL D 894 11.59 -42.07 -7.71
CA VAL D 894 11.16 -43.40 -8.11
C VAL D 894 11.52 -43.58 -9.57
N CYS D 895 12.52 -44.42 -9.84
CA CYS D 895 12.97 -44.62 -11.20
C CYS D 895 13.16 -46.10 -11.48
N ARG D 896 12.83 -46.51 -12.70
CA ARG D 896 13.26 -47.79 -13.21
C ARG D 896 14.61 -47.63 -13.87
N PHE D 897 15.39 -48.70 -13.84
CA PHE D 897 16.66 -48.70 -14.54
C PHE D 897 16.53 -49.38 -15.89
N SER D 898 17.52 -49.13 -16.74
CA SER D 898 17.55 -49.72 -18.08
C SER D 898 17.66 -51.23 -18.06
N ASN D 899 18.81 -51.74 -17.62
CA ASN D 899 19.17 -53.13 -17.86
C ASN D 899 18.50 -54.13 -16.93
N THR D 900 17.64 -53.68 -16.04
CA THR D 900 16.84 -54.57 -15.24
C THR D 900 15.43 -54.62 -15.80
N GLY D 901 14.53 -55.28 -15.07
CA GLY D 901 13.16 -55.41 -15.51
C GLY D 901 12.34 -54.15 -15.40
N GLU D 902 11.01 -54.34 -15.37
CA GLU D 902 10.05 -53.25 -15.41
C GLU D 902 9.75 -52.67 -14.04
N ASP D 903 10.63 -52.83 -13.07
CA ASP D 903 10.29 -52.56 -11.68
C ASP D 903 10.84 -51.23 -11.22
N TRP D 904 10.01 -50.48 -10.51
CA TRP D 904 10.40 -49.20 -9.95
C TRP D 904 11.08 -49.41 -8.61
N TYR D 905 11.95 -48.47 -8.26
CA TYR D 905 12.63 -48.47 -6.98
C TYR D 905 12.23 -47.23 -6.20
N VAL D 906 12.91 -47.03 -5.07
CA VAL D 906 12.99 -45.74 -4.41
C VAL D 906 14.44 -45.49 -4.10
N LEU D 907 14.98 -44.38 -4.54
CA LEU D 907 16.32 -44.00 -4.15
C LEU D 907 16.26 -42.85 -3.17
N VAL D 908 17.18 -42.83 -2.22
CA VAL D 908 17.24 -41.77 -1.21
C VAL D 908 18.69 -41.40 -1.00
N GLY D 909 19.01 -40.13 -1.22
CA GLY D 909 20.31 -39.63 -0.80
C GLY D 909 20.28 -39.15 0.64
N VAL D 910 21.41 -39.27 1.33
CA VAL D 910 21.53 -38.89 2.73
C VAL D 910 22.83 -38.11 2.88
N ALA D 911 22.82 -37.03 3.66
CA ALA D 911 24.05 -36.37 4.05
C ALA D 911 24.36 -36.62 5.52
N LYS D 912 25.57 -36.25 5.93
CA LYS D 912 26.11 -36.60 7.24
C LYS D 912 26.76 -35.39 7.88
N ASP D 913 26.25 -34.98 9.04
CA ASP D 913 26.88 -34.04 9.97
C ASP D 913 27.15 -32.69 9.31
N LEU D 914 26.07 -31.99 9.03
CA LEU D 914 26.19 -30.69 8.39
C LEU D 914 26.42 -29.67 9.48
N ILE D 915 27.68 -29.46 9.83
CA ILE D 915 27.98 -28.28 10.62
C ILE D 915 27.80 -27.15 9.62
N LEU D 916 26.69 -26.46 9.75
CA LEU D 916 26.19 -25.65 8.65
C LEU D 916 26.81 -24.27 8.62
N ASN D 917 27.07 -23.70 9.78
CA ASN D 917 27.69 -22.39 9.88
C ASN D 917 28.77 -22.46 10.95
N PRO D 918 30.06 -22.44 10.58
CA PRO D 918 30.65 -22.45 9.23
C PRO D 918 30.49 -23.80 8.57
N ARG D 919 30.39 -23.81 7.24
CA ARG D 919 30.07 -25.02 6.52
C ARG D 919 31.22 -26.01 6.59
N SER D 920 31.00 -27.10 7.33
CA SER D 920 31.87 -28.25 7.28
C SER D 920 30.99 -29.48 7.40
N VAL D 921 31.16 -30.40 6.45
CA VAL D 921 30.25 -31.52 6.32
C VAL D 921 31.05 -32.79 6.58
N ALA D 922 30.39 -33.94 6.59
CA ALA D 922 31.13 -35.20 6.78
C ALA D 922 31.03 -36.13 5.58
N GLY D 923 29.83 -36.50 5.13
CA GLY D 923 29.78 -37.45 4.03
C GLY D 923 28.36 -37.72 3.58
N GLY D 924 28.21 -38.81 2.83
CA GLY D 924 26.93 -39.15 2.25
C GLY D 924 26.75 -40.64 2.05
N PHE D 925 25.48 -41.03 1.92
CA PHE D 925 25.12 -42.40 1.61
C PHE D 925 23.87 -42.42 0.76
N VAL D 926 23.67 -43.50 0.00
CA VAL D 926 22.50 -43.65 -0.86
C VAL D 926 21.91 -45.03 -0.59
N TYR D 927 20.60 -45.08 -0.34
CA TYR D 927 19.91 -46.33 -0.05
C TYR D 927 19.36 -46.91 -1.35
N THR D 928 18.50 -47.94 -1.24
CA THR D 928 17.71 -48.45 -2.37
C THR D 928 16.55 -49.32 -1.90
N TYR D 929 15.32 -48.95 -2.21
CA TYR D 929 14.17 -49.72 -1.76
C TYR D 929 13.46 -50.33 -2.97
N LYS D 930 12.91 -51.52 -2.78
CA LYS D 930 12.54 -52.34 -3.93
C LYS D 930 11.19 -51.98 -4.50
N LEU D 931 10.31 -51.41 -3.68
CA LEU D 931 9.00 -50.89 -4.09
C LEU D 931 8.12 -52.00 -4.68
N VAL D 932 7.68 -52.89 -3.79
CA VAL D 932 6.95 -54.09 -4.15
C VAL D 932 5.52 -53.90 -3.61
N ASN D 933 4.67 -54.91 -3.85
CA ASN D 933 3.34 -55.06 -3.25
C ASN D 933 2.37 -54.01 -3.80
N ASN D 934 2.43 -53.83 -5.13
CA ASN D 934 1.82 -52.71 -5.86
C ASN D 934 2.23 -51.38 -5.22
N GLY D 935 3.53 -51.26 -4.93
CA GLY D 935 4.05 -50.02 -4.39
C GLY D 935 3.57 -49.73 -2.99
N GLU D 936 3.25 -50.75 -2.20
CA GLU D 936 2.62 -50.50 -0.92
C GLU D 936 3.43 -51.02 0.26
N LYS D 937 4.69 -51.34 0.05
CA LYS D 937 5.58 -51.76 1.11
C LYS D 937 7.00 -51.61 0.63
N LEU D 938 7.81 -50.89 1.40
CA LEU D 938 9.21 -50.72 1.08
C LEU D 938 10.02 -51.82 1.74
N GLU D 939 11.26 -51.99 1.28
CA GLU D 939 12.20 -52.87 1.93
C GLU D 939 13.63 -52.47 1.53
N PHE D 940 14.55 -52.59 2.47
CA PHE D 940 15.94 -52.23 2.24
C PHE D 940 16.57 -53.20 1.26
N LEU D 941 17.46 -52.70 0.40
CA LEU D 941 18.23 -53.62 -0.41
C LEU D 941 19.72 -53.52 -0.16
N HIS D 942 20.33 -52.35 -0.37
CA HIS D 942 21.73 -52.15 -0.02
C HIS D 942 21.98 -50.67 0.22
N LYS D 943 23.23 -50.34 0.42
CA LYS D 943 23.64 -49.00 0.83
C LYS D 943 25.03 -48.75 0.30
N THR D 944 25.28 -47.54 -0.17
CA THR D 944 26.57 -47.24 -0.74
C THR D 944 27.10 -45.95 -0.16
N PRO D 945 28.41 -45.81 -0.02
CA PRO D 945 28.97 -44.56 0.49
C PRO D 945 29.32 -43.58 -0.60
N VAL D 946 29.39 -42.31 -0.22
CA VAL D 946 29.88 -41.25 -1.08
C VAL D 946 30.41 -40.14 -0.18
N GLU D 947 31.47 -39.48 -0.63
CA GLU D 947 32.26 -38.63 0.25
C GLU D 947 31.65 -37.26 0.53
N GLU D 948 30.47 -36.96 -0.01
CA GLU D 948 29.97 -35.59 0.01
C GLU D 948 28.45 -35.66 -0.17
N VAL D 949 27.77 -34.57 0.16
CA VAL D 949 26.30 -34.52 0.22
C VAL D 949 25.70 -34.73 -1.18
N PRO D 950 24.80 -35.71 -1.34
CA PRO D 950 24.07 -35.84 -2.60
C PRO D 950 22.87 -34.90 -2.64
N ALA D 951 22.71 -34.22 -3.78
CA ALA D 951 21.65 -33.23 -3.90
C ALA D 951 20.89 -33.37 -5.19
N ALA D 952 20.90 -34.55 -5.79
CA ALA D 952 20.42 -34.70 -7.16
C ALA D 952 20.18 -36.18 -7.42
N ILE D 953 18.92 -36.54 -7.70
CA ILE D 953 18.58 -37.89 -8.14
C ILE D 953 17.74 -37.72 -9.40
N ALA D 954 18.39 -37.70 -10.56
CA ALA D 954 17.72 -37.43 -11.83
C ALA D 954 17.79 -38.65 -12.72
N PRO D 955 16.72 -39.41 -12.87
CA PRO D 955 16.72 -40.54 -13.81
C PRO D 955 16.90 -40.09 -15.24
N PHE D 956 17.64 -40.89 -15.99
CA PHE D 956 18.18 -40.45 -17.26
C PHE D 956 18.58 -41.67 -18.08
N GLN D 957 17.84 -41.92 -19.16
CA GLN D 957 18.12 -42.99 -20.12
C GLN D 957 18.22 -44.36 -19.42
N GLY D 958 17.31 -44.60 -18.48
CA GLY D 958 17.34 -45.85 -17.76
C GLY D 958 18.46 -45.97 -16.75
N ARG D 959 19.11 -44.87 -16.41
CA ARG D 959 20.08 -44.85 -15.33
C ARG D 959 19.81 -43.61 -14.51
N VAL D 960 20.46 -43.52 -13.37
CA VAL D 960 20.23 -42.42 -12.45
C VAL D 960 21.46 -41.51 -12.43
N LEU D 961 21.22 -40.21 -12.36
CA LEU D 961 22.27 -39.22 -12.27
C LEU D 961 22.37 -38.67 -10.87
N ILE D 962 23.60 -38.45 -10.39
CA ILE D 962 23.82 -37.86 -9.08
C ILE D 962 24.89 -36.79 -9.22
N GLY D 963 24.51 -35.55 -8.91
CA GLY D 963 25.46 -34.47 -8.84
C GLY D 963 25.79 -34.18 -7.40
N VAL D 964 27.02 -34.49 -7.00
CA VAL D 964 27.42 -34.44 -5.60
C VAL D 964 28.50 -33.37 -5.41
N GLY D 965 28.22 -32.44 -4.51
CA GLY D 965 29.17 -31.42 -4.13
C GLY D 965 29.59 -30.48 -5.24
N LYS D 966 30.83 -30.64 -5.70
CA LYS D 966 31.33 -29.91 -6.84
C LYS D 966 31.43 -30.78 -8.08
N LEU D 967 31.42 -32.09 -7.92
CA LEU D 967 31.78 -33.00 -9.01
C LEU D 967 30.54 -33.76 -9.45
N LEU D 968 30.14 -33.48 -10.69
CA LEU D 968 28.94 -34.05 -11.28
C LEU D 968 29.20 -35.49 -11.74
N ARG D 969 28.32 -36.42 -11.38
CA ARG D 969 28.60 -37.83 -11.64
C ARG D 969 27.42 -38.54 -12.28
N VAL D 970 27.73 -39.73 -12.80
CA VAL D 970 26.84 -40.56 -13.62
C VAL D 970 26.97 -41.99 -13.12
N TYR D 971 25.91 -42.55 -12.57
CA TYR D 971 26.01 -43.87 -11.96
C TYR D 971 25.14 -44.89 -12.68
N ASP D 972 25.17 -46.12 -12.16
CA ASP D 972 24.26 -47.18 -12.58
C ASP D 972 24.18 -48.20 -11.45
N LEU D 973 23.09 -48.96 -11.46
CA LEU D 973 22.85 -49.95 -10.42
C LEU D 973 23.77 -51.16 -10.55
N GLY D 974 24.39 -51.52 -9.42
CA GLY D 974 25.03 -52.81 -9.28
C GLY D 974 24.40 -53.57 -8.12
N LYS D 975 24.67 -54.88 -8.08
CA LYS D 975 23.98 -55.76 -7.15
C LYS D 975 24.45 -55.63 -5.71
N LYS D 976 25.41 -54.75 -5.43
CA LYS D 976 25.84 -54.47 -4.08
C LYS D 976 26.04 -52.99 -3.82
N LYS D 977 26.11 -52.16 -4.86
CA LYS D 977 26.45 -50.75 -4.73
C LYS D 977 25.98 -50.04 -6.01
N LEU D 978 26.52 -48.85 -6.25
CA LEU D 978 26.43 -48.21 -7.56
C LEU D 978 27.78 -48.29 -8.26
N LEU D 979 27.74 -48.22 -9.58
CA LEU D 979 28.92 -48.48 -10.40
C LEU D 979 29.24 -47.24 -11.22
N ARG D 980 30.21 -46.45 -10.76
CA ARG D 980 30.48 -45.14 -11.31
C ARG D 980 31.02 -45.22 -12.73
N LYS D 981 30.34 -44.55 -13.65
CA LYS D 981 30.72 -44.55 -15.06
C LYS D 981 31.42 -43.27 -15.46
N CYS D 982 30.74 -42.15 -15.34
CA CYS D 982 31.19 -40.92 -15.97
C CYS D 982 31.10 -39.78 -14.97
N GLU D 983 31.93 -38.77 -15.17
CA GLU D 983 32.11 -37.77 -14.15
C GLU D 983 32.67 -36.49 -14.73
N ASN D 984 32.01 -35.37 -14.42
CA ASN D 984 32.51 -34.06 -14.78
C ASN D 984 33.26 -33.47 -13.60
N LYS D 985 34.20 -32.59 -13.91
CA LYS D 985 34.87 -31.83 -12.88
C LYS D 985 35.18 -30.38 -13.27
N HIS D 986 34.76 -29.94 -14.46
CA HIS D 986 34.95 -28.55 -14.87
C HIS D 986 33.99 -27.61 -14.17
N ILE D 987 32.95 -28.13 -13.52
CA ILE D 987 31.94 -27.30 -12.89
C ILE D 987 32.57 -26.59 -11.70
N ALA D 988 32.44 -25.26 -11.67
CA ALA D 988 33.33 -24.44 -10.87
C ALA D 988 32.98 -24.54 -9.39
N ASN D 989 31.81 -24.07 -8.99
CA ASN D 989 31.64 -23.87 -7.57
C ASN D 989 30.96 -25.03 -6.87
N TYR D 990 29.70 -25.30 -7.21
CA TYR D 990 28.87 -26.16 -6.38
C TYR D 990 27.57 -26.47 -7.09
N ILE D 991 27.00 -27.64 -6.88
CA ILE D 991 25.90 -28.12 -7.71
C ILE D 991 24.68 -28.34 -6.86
N SER D 992 23.58 -27.67 -7.20
CA SER D 992 22.38 -27.64 -6.36
C SER D 992 21.30 -28.58 -6.86
N GLY D 993 20.86 -28.41 -8.10
CA GLY D 993 19.83 -29.24 -8.67
C GLY D 993 20.16 -29.56 -10.11
N ILE D 994 19.38 -30.49 -10.68
CA ILE D 994 19.65 -30.89 -12.04
C ILE D 994 18.34 -31.38 -12.67
N GLN D 995 18.13 -31.00 -13.93
CA GLN D 995 16.97 -31.37 -14.71
C GLN D 995 17.44 -31.64 -16.12
N THR D 996 16.79 -32.55 -16.82
CA THR D 996 17.24 -32.95 -18.14
C THR D 996 16.07 -33.11 -19.08
N ILE D 997 16.18 -32.48 -20.25
CA ILE D 997 15.54 -33.00 -21.44
C ILE D 997 16.28 -34.27 -21.86
N GLY D 998 15.61 -35.11 -22.66
CA GLY D 998 16.13 -36.42 -23.03
C GLY D 998 17.50 -36.52 -23.69
N HIS D 999 18.07 -35.38 -24.08
CA HIS D 999 19.42 -35.30 -24.63
C HIS D 999 20.33 -34.38 -23.82
N ARG D 1000 19.90 -33.15 -23.57
CA ARG D 1000 20.72 -32.13 -22.93
C ARG D 1000 20.49 -32.13 -21.43
N VAL D 1001 21.43 -31.53 -20.70
CA VAL D 1001 21.42 -31.55 -19.24
C VAL D 1001 21.49 -30.13 -18.71
N ILE D 1002 20.58 -29.79 -17.81
CA ILE D 1002 20.53 -28.46 -17.20
C ILE D 1002 21.16 -28.56 -15.82
N VAL D 1003 22.25 -27.83 -15.62
CA VAL D 1003 22.96 -27.81 -14.35
C VAL D 1003 22.56 -26.54 -13.60
N SER D 1004 22.15 -26.70 -12.34
CA SER D 1004 21.76 -25.54 -11.53
C SER D 1004 22.91 -25.16 -10.60
N ASP D 1005 23.86 -24.40 -11.15
CA ASP D 1005 24.98 -23.90 -10.37
C ASP D 1005 24.48 -22.88 -9.34
N VAL D 1006 25.13 -22.87 -8.18
CA VAL D 1006 24.62 -22.06 -7.08
C VAL D 1006 24.99 -20.59 -7.20
N GLN D 1007 26.07 -20.24 -7.89
CA GLN D 1007 26.34 -18.83 -8.11
C GLN D 1007 26.12 -18.43 -9.56
N GLU D 1008 26.73 -19.13 -10.50
CA GLU D 1008 26.48 -18.89 -11.91
C GLU D 1008 25.08 -19.37 -12.27
N SER D 1009 24.63 -19.02 -13.47
CA SER D 1009 23.30 -19.40 -13.91
C SER D 1009 23.25 -20.85 -14.35
N PHE D 1010 22.19 -21.20 -15.05
CA PHE D 1010 22.06 -22.55 -15.57
C PHE D 1010 23.17 -22.88 -16.55
N ILE D 1011 23.61 -24.14 -16.53
CA ILE D 1011 24.69 -24.62 -17.38
C ILE D 1011 24.16 -25.77 -18.24
N TRP D 1012 24.32 -25.63 -19.54
CA TRP D 1012 23.84 -26.62 -20.49
C TRP D 1012 24.92 -27.64 -20.73
N VAL D 1013 24.58 -28.91 -20.58
CA VAL D 1013 25.55 -29.98 -20.74
C VAL D 1013 25.02 -31.01 -21.73
N ARG D 1014 25.81 -31.30 -22.75
CA ARG D 1014 25.54 -32.39 -23.68
C ARG D 1014 26.46 -33.55 -23.35
N TYR D 1015 25.90 -34.77 -23.40
CA TYR D 1015 26.64 -35.98 -23.09
C TYR D 1015 26.93 -36.76 -24.35
N LYS D 1016 28.18 -37.18 -24.49
CA LYS D 1016 28.59 -38.04 -25.58
C LYS D 1016 28.27 -39.50 -25.24
N ARG D 1017 27.27 -40.06 -25.92
CA ARG D 1017 26.95 -41.47 -25.71
C ARG D 1017 27.98 -42.37 -26.40
N ASN D 1018 28.65 -41.87 -27.44
CA ASN D 1018 29.67 -42.62 -28.15
C ASN D 1018 31.01 -42.62 -27.46
N GLU D 1019 31.21 -41.76 -26.46
CA GLU D 1019 32.53 -41.50 -25.93
C GLU D 1019 32.56 -41.53 -24.40
N ASN D 1020 31.40 -41.47 -23.74
CA ASN D 1020 31.27 -41.30 -22.29
C ASN D 1020 31.99 -40.05 -21.80
N GLN D 1021 31.46 -38.90 -22.21
CA GLN D 1021 32.09 -37.66 -21.84
C GLN D 1021 31.03 -36.59 -21.64
N LEU D 1022 31.20 -35.80 -20.60
CA LEU D 1022 30.34 -34.70 -20.26
C LEU D 1022 30.91 -33.39 -20.78
N ILE D 1023 30.08 -32.60 -21.46
CA ILE D 1023 30.55 -31.44 -22.18
C ILE D 1023 29.73 -30.22 -21.77
N ILE D 1024 30.41 -29.17 -21.33
CA ILE D 1024 29.79 -27.87 -21.11
C ILE D 1024 29.97 -27.05 -22.37
N PHE D 1025 28.86 -26.57 -22.94
CA PHE D 1025 28.97 -25.72 -24.11
C PHE D 1025 28.34 -24.34 -23.96
N ALA D 1026 27.45 -24.12 -23.00
CA ALA D 1026 26.79 -22.84 -22.87
C ALA D 1026 26.67 -22.44 -21.41
N ASP D 1027 26.69 -21.13 -21.16
CA ASP D 1027 26.89 -20.54 -19.84
C ASP D 1027 26.12 -19.22 -19.75
N ASP D 1028 26.52 -18.37 -18.81
CA ASP D 1028 25.98 -17.02 -18.68
C ASP D 1028 27.06 -16.13 -18.10
N THR D 1029 26.93 -14.83 -18.33
CA THR D 1029 27.75 -13.84 -17.65
C THR D 1029 27.08 -13.29 -16.40
N TYR D 1030 25.82 -13.64 -16.16
CA TYR D 1030 25.04 -13.02 -15.10
C TYR D 1030 24.83 -14.01 -13.96
N PRO D 1031 25.52 -13.84 -12.84
CA PRO D 1031 25.38 -14.78 -11.73
C PRO D 1031 24.05 -14.61 -11.00
N ARG D 1032 23.24 -15.64 -11.00
CA ARG D 1032 21.96 -15.65 -10.29
C ARG D 1032 21.94 -16.77 -9.27
N TRP D 1033 21.34 -16.49 -8.12
CA TRP D 1033 21.28 -17.45 -7.02
C TRP D 1033 20.12 -18.40 -7.24
N VAL D 1034 20.39 -19.46 -7.99
CA VAL D 1034 19.31 -20.28 -8.53
C VAL D 1034 18.78 -21.22 -7.46
N THR D 1035 17.46 -21.40 -7.43
CA THR D 1035 16.82 -22.43 -6.63
C THR D 1035 16.20 -23.53 -7.47
N THR D 1036 15.25 -23.18 -8.34
CA THR D 1036 14.42 -24.19 -9.00
C THR D 1036 14.27 -23.86 -10.47
N ALA D 1037 13.73 -24.82 -11.22
CA ALA D 1037 13.52 -24.67 -12.65
C ALA D 1037 12.46 -25.66 -13.10
N SER D 1038 11.81 -25.34 -14.23
CA SER D 1038 10.99 -26.31 -14.93
C SER D 1038 11.00 -25.92 -16.38
N LEU D 1039 11.33 -26.88 -17.25
CA LEU D 1039 11.58 -26.50 -18.64
C LEU D 1039 10.30 -26.59 -19.46
N LEU D 1040 10.34 -25.91 -20.60
CA LEU D 1040 9.20 -25.75 -21.49
C LEU D 1040 9.47 -26.32 -22.86
N ASP D 1041 10.70 -26.22 -23.33
CA ASP D 1041 11.06 -26.68 -24.66
C ASP D 1041 12.51 -27.13 -24.67
N TYR D 1042 13.08 -27.21 -25.86
CA TYR D 1042 14.46 -27.61 -26.03
C TYR D 1042 15.43 -26.45 -25.82
N ASP D 1043 14.94 -25.21 -25.69
CA ASP D 1043 15.85 -24.07 -25.68
C ASP D 1043 15.62 -23.02 -24.60
N THR D 1044 14.47 -23.01 -23.95
CA THR D 1044 14.20 -22.02 -22.91
C THR D 1044 14.14 -22.70 -21.56
N VAL D 1045 14.76 -22.07 -20.58
CA VAL D 1045 14.87 -22.59 -19.23
C VAL D 1045 14.21 -21.58 -18.31
N ALA D 1046 13.14 -22.00 -17.63
CA ALA D 1046 12.36 -21.11 -16.78
C ALA D 1046 12.81 -21.27 -15.34
N GLY D 1047 13.69 -20.38 -14.89
CA GLY D 1047 14.34 -20.51 -13.61
C GLY D 1047 13.67 -19.71 -12.51
N ALA D 1048 14.41 -19.48 -11.44
CA ALA D 1048 13.95 -18.69 -10.31
C ALA D 1048 15.17 -18.06 -9.66
N ASP D 1049 15.00 -17.64 -8.40
CA ASP D 1049 16.06 -16.94 -7.67
C ASP D 1049 15.73 -16.99 -6.19
N LYS D 1050 16.71 -16.65 -5.36
CA LYS D 1050 16.46 -16.47 -3.93
C LYS D 1050 15.63 -15.23 -3.68
N PHE D 1051 16.13 -14.08 -4.16
CA PHE D 1051 15.55 -12.79 -3.83
C PHE D 1051 14.18 -12.58 -4.47
N GLY D 1052 13.93 -13.20 -5.61
CA GLY D 1052 12.63 -13.10 -6.25
C GLY D 1052 12.61 -12.71 -7.70
N ASN D 1053 13.65 -13.05 -8.43
CA ASN D 1053 13.74 -12.70 -9.84
C ASN D 1053 13.44 -13.92 -10.70
N ILE D 1054 12.23 -13.97 -11.24
CA ILE D 1054 11.93 -14.97 -12.26
C ILE D 1054 12.69 -14.60 -13.51
N CYS D 1055 13.35 -15.58 -14.12
CA CYS D 1055 14.08 -15.32 -15.34
C CYS D 1055 13.90 -16.49 -16.27
N VAL D 1056 13.86 -16.19 -17.57
CA VAL D 1056 13.80 -17.20 -18.62
C VAL D 1056 14.88 -16.85 -19.63
N VAL D 1057 15.73 -17.81 -19.97
CA VAL D 1057 16.77 -17.58 -20.94
C VAL D 1057 16.58 -18.55 -22.10
N ARG D 1058 16.62 -18.04 -23.32
CA ARG D 1058 16.49 -18.83 -24.52
C ARG D 1058 17.87 -19.13 -25.08
N LEU D 1059 18.04 -20.33 -25.58
CA LEU D 1059 19.22 -20.65 -26.36
C LEU D 1059 19.11 -20.07 -27.75
N PRO D 1060 20.13 -19.35 -28.24
CA PRO D 1060 20.10 -18.95 -29.64
C PRO D 1060 20.29 -20.15 -30.54
N PRO D 1061 19.62 -20.17 -31.71
CA PRO D 1061 19.85 -21.26 -32.67
C PRO D 1061 21.21 -21.25 -33.35
N ASN D 1062 22.09 -20.30 -33.03
CA ASN D 1062 23.47 -20.31 -33.48
C ASN D 1062 24.33 -21.27 -32.69
N THR D 1063 23.83 -21.84 -31.58
CA THR D 1063 24.60 -22.72 -30.73
C THR D 1063 24.86 -24.04 -31.46
N ASN D 1064 26.14 -24.29 -31.78
CA ASN D 1064 26.53 -25.55 -32.37
C ASN D 1064 26.36 -26.65 -31.35
N ASP D 1065 25.46 -27.59 -31.64
CA ASP D 1065 25.22 -28.69 -30.73
C ASP D 1065 26.41 -29.63 -30.65
N GLU D 1066 27.17 -29.76 -31.73
CA GLU D 1066 28.26 -30.72 -31.85
C GLU D 1066 29.60 -29.98 -31.69
N VAL D 1067 30.03 -29.82 -30.44
CA VAL D 1067 31.29 -29.15 -30.13
C VAL D 1067 32.13 -30.05 -29.23
N ASP D 1068 33.32 -29.57 -28.90
CA ASP D 1068 34.20 -30.24 -27.96
C ASP D 1068 34.49 -29.27 -26.82
N ASN D 1084 32.69 -16.27 -20.58
CA ASN D 1084 33.87 -16.67 -19.82
C ASN D 1084 34.03 -18.19 -19.94
N GLY D 1085 33.03 -18.93 -19.49
CA GLY D 1085 33.05 -20.38 -19.60
C GLY D 1085 32.89 -20.85 -21.03
N ALA D 1086 32.15 -20.09 -21.81
CA ALA D 1086 32.05 -20.28 -23.25
C ALA D 1086 31.98 -18.91 -23.92
N SER D 1087 32.60 -18.82 -25.09
CA SER D 1087 32.49 -17.58 -25.87
C SER D 1087 31.06 -17.35 -26.33
N GLN D 1088 30.39 -18.43 -26.74
CA GLN D 1088 28.95 -18.37 -26.98
C GLN D 1088 28.21 -18.21 -25.66
N LYS D 1089 26.98 -17.68 -25.76
CA LYS D 1089 26.17 -17.34 -24.60
C LYS D 1089 24.74 -17.80 -24.82
N ALA D 1090 23.87 -17.34 -23.95
CA ALA D 1090 22.44 -17.48 -24.14
C ALA D 1090 21.76 -16.26 -23.55
N GLU D 1091 21.00 -15.54 -24.38
CA GLU D 1091 20.56 -14.19 -24.07
C GLU D 1091 19.25 -14.21 -23.28
N VAL D 1092 19.10 -13.19 -22.44
CA VAL D 1092 17.95 -13.06 -21.57
C VAL D 1092 16.75 -12.64 -22.40
N ILE D 1093 15.57 -13.15 -22.08
CA ILE D 1093 14.36 -12.61 -22.70
C ILE D 1093 13.46 -12.03 -21.63
N MET D 1094 13.81 -12.21 -20.35
CA MET D 1094 12.87 -11.81 -19.30
C MET D 1094 13.58 -11.65 -17.96
N ASN D 1095 13.24 -10.59 -17.21
CA ASN D 1095 13.69 -10.34 -15.84
C ASN D 1095 12.58 -9.63 -15.10
N TYR D 1096 12.01 -10.27 -14.08
CA TYR D 1096 10.80 -9.71 -13.49
C TYR D 1096 10.80 -9.97 -11.99
N HIS D 1097 11.21 -8.96 -11.22
CA HIS D 1097 11.28 -9.07 -9.78
C HIS D 1097 9.89 -9.24 -9.19
N VAL D 1098 9.71 -10.25 -8.34
CA VAL D 1098 8.40 -10.48 -7.76
C VAL D 1098 8.35 -9.80 -6.40
N GLY D 1099 9.32 -10.09 -5.55
CA GLY D 1099 9.33 -9.53 -4.21
C GLY D 1099 9.18 -10.56 -3.11
N GLU D 1100 8.79 -11.78 -3.48
CA GLU D 1100 8.80 -12.91 -2.57
C GLU D 1100 9.66 -13.99 -3.19
N THR D 1101 9.70 -15.18 -2.60
CA THR D 1101 10.55 -16.24 -3.10
C THR D 1101 9.73 -17.36 -3.73
N VAL D 1102 10.04 -17.68 -4.98
CA VAL D 1102 9.33 -18.67 -5.78
C VAL D 1102 9.95 -20.03 -5.54
N LEU D 1103 9.12 -21.07 -5.40
CA LEU D 1103 9.72 -22.37 -5.12
C LEU D 1103 9.45 -23.52 -6.10
N SER D 1104 8.28 -23.62 -6.72
CA SER D 1104 8.06 -24.77 -7.61
C SER D 1104 7.32 -24.35 -8.86
N LEU D 1105 8.02 -24.32 -9.99
CA LEU D 1105 7.42 -23.99 -11.26
C LEU D 1105 6.91 -25.23 -11.96
N GLN D 1106 5.79 -25.11 -12.66
CA GLN D 1106 5.23 -26.25 -13.40
C GLN D 1106 4.27 -25.70 -14.46
N LYS D 1107 4.61 -25.87 -15.73
CA LYS D 1107 3.69 -25.45 -16.77
C LYS D 1107 2.54 -26.44 -16.89
N THR D 1108 1.32 -25.94 -16.89
CA THR D 1108 0.17 -26.84 -16.94
C THR D 1108 -1.05 -26.10 -17.49
N THR D 1109 -2.20 -26.78 -17.39
CA THR D 1109 -3.49 -26.26 -17.83
C THR D 1109 -4.45 -26.45 -16.66
N LEU D 1110 -4.89 -25.35 -16.06
CA LEU D 1110 -5.65 -25.42 -14.80
C LEU D 1110 -7.09 -25.84 -15.01
N ILE D 1111 -7.73 -25.35 -16.08
CA ILE D 1111 -9.12 -25.71 -16.34
C ILE D 1111 -9.18 -26.60 -17.57
N PRO D 1112 -10.10 -27.57 -17.62
CA PRO D 1112 -10.22 -28.43 -18.79
C PRO D 1112 -10.61 -27.66 -20.04
N GLY D 1113 -10.09 -28.12 -21.18
CA GLY D 1113 -10.25 -27.40 -22.41
C GLY D 1113 -9.56 -26.06 -22.46
N GLY D 1114 -8.46 -25.89 -21.74
CA GLY D 1114 -7.83 -24.58 -21.65
C GLY D 1114 -6.53 -24.43 -22.40
N SER D 1115 -5.62 -23.64 -21.83
CA SER D 1115 -4.38 -23.29 -22.51
C SER D 1115 -3.18 -23.51 -21.58
N GLU D 1116 -2.00 -23.09 -22.02
CA GLU D 1116 -0.79 -23.23 -21.21
C GLU D 1116 -0.70 -22.13 -20.17
N SER D 1117 -0.07 -22.45 -19.04
CA SER D 1117 0.09 -21.50 -17.95
C SER D 1117 1.25 -21.94 -17.07
N LEU D 1118 2.22 -21.04 -16.88
CA LEU D 1118 3.43 -21.33 -16.09
C LEU D 1118 3.21 -20.88 -14.66
N VAL D 1119 2.75 -21.81 -13.81
CA VAL D 1119 2.33 -21.46 -12.46
C VAL D 1119 3.55 -21.28 -11.58
N TYR D 1120 3.64 -20.13 -10.91
CA TYR D 1120 4.62 -19.95 -9.85
C TYR D 1120 3.88 -19.89 -8.52
N THR D 1121 4.16 -20.86 -7.66
CA THR D 1121 3.85 -20.67 -6.27
C THR D 1121 5.02 -19.94 -5.63
N THR D 1122 4.76 -19.35 -4.48
CA THR D 1122 5.78 -18.59 -3.81
C THR D 1122 5.88 -18.99 -2.36
N LEU D 1123 6.82 -18.38 -1.65
CA LEU D 1123 7.10 -18.79 -0.29
C LEU D 1123 6.05 -18.31 0.70
N SER D 1124 5.50 -17.13 0.51
CA SER D 1124 4.59 -16.54 1.48
C SER D 1124 3.17 -17.07 1.35
N GLY D 1125 2.96 -18.20 0.69
CA GLY D 1125 1.65 -18.80 0.61
C GLY D 1125 0.82 -18.44 -0.60
N GLY D 1126 1.37 -17.70 -1.55
CA GLY D 1126 0.61 -17.22 -2.68
C GLY D 1126 0.83 -18.06 -3.93
N ILE D 1127 0.02 -17.77 -4.95
CA ILE D 1127 0.03 -18.51 -6.21
C ILE D 1127 -0.07 -17.52 -7.34
N GLY D 1128 0.93 -17.51 -8.21
CA GLY D 1128 0.96 -16.61 -9.36
C GLY D 1128 1.07 -17.39 -10.66
N ILE D 1129 0.43 -16.88 -11.72
CA ILE D 1129 0.51 -17.52 -13.02
C ILE D 1129 1.13 -16.55 -14.02
N LEU D 1130 1.41 -17.06 -15.20
CA LEU D 1130 2.01 -16.30 -16.28
C LEU D 1130 1.23 -16.55 -17.58
N VAL D 1131 1.42 -15.66 -18.55
CA VAL D 1131 0.51 -15.53 -19.69
C VAL D 1131 1.25 -15.31 -21.00
N PRO D 1132 0.97 -16.09 -22.04
CA PRO D 1132 1.33 -15.68 -23.41
C PRO D 1132 0.17 -15.01 -24.13
N PHE D 1133 0.51 -14.18 -25.11
CA PHE D 1133 -0.44 -13.26 -25.73
C PHE D 1133 -1.01 -13.77 -27.06
N THR D 1134 -1.69 -12.89 -27.79
CA THR D 1134 -2.20 -13.11 -29.13
C THR D 1134 -1.65 -12.15 -30.17
N SER D 1135 -1.55 -10.85 -29.87
CA SER D 1135 -1.21 -9.88 -30.91
C SER D 1135 -0.49 -8.67 -30.33
N HIS D 1136 0.33 -8.05 -31.20
CA HIS D 1136 1.01 -6.80 -30.84
C HIS D 1136 0.03 -5.67 -30.62
N GLU D 1137 -1.16 -5.75 -31.21
CA GLU D 1137 -2.16 -4.72 -31.00
C GLU D 1137 -2.76 -4.80 -29.61
N ASP D 1138 -3.07 -6.02 -29.14
CA ASP D 1138 -3.51 -6.22 -27.76
C ASP D 1138 -2.40 -5.85 -26.79
N HIS D 1139 -1.16 -6.18 -27.15
CA HIS D 1139 -0.06 -5.91 -26.25
C HIS D 1139 0.25 -4.43 -26.14
N ASP D 1140 0.22 -3.69 -27.24
CA ASP D 1140 0.41 -2.25 -27.15
C ASP D 1140 -0.82 -1.55 -26.59
N PHE D 1141 -1.99 -2.18 -26.66
CA PHE D 1141 -3.14 -1.67 -25.92
C PHE D 1141 -2.87 -1.67 -24.43
N PHE D 1142 -2.49 -2.84 -23.89
CA PHE D 1142 -2.17 -2.92 -22.46
C PHE D 1142 -0.96 -2.07 -22.11
N GLN D 1143 -0.02 -1.91 -23.05
CA GLN D 1143 1.16 -1.10 -22.78
C GLN D 1143 0.81 0.37 -22.65
N HIS D 1144 -0.07 0.88 -23.52
CA HIS D 1144 -0.52 2.27 -23.33
C HIS D 1144 -1.35 2.42 -22.07
N VAL D 1145 -2.08 1.37 -21.66
CA VAL D 1145 -2.78 1.38 -20.39
C VAL D 1145 -1.79 1.49 -19.24
N GLU D 1146 -0.62 0.88 -19.39
CA GLU D 1146 0.41 1.05 -18.36
C GLU D 1146 0.99 2.46 -18.36
N MET D 1147 1.30 2.97 -19.57
CA MET D 1147 1.86 4.30 -19.77
C MET D 1147 1.05 5.37 -19.09
N HIS D 1148 -0.28 5.28 -19.17
CA HIS D 1148 -1.08 6.30 -18.52
C HIS D 1148 -1.44 5.96 -17.09
N LEU D 1149 -1.68 4.67 -16.78
CA LEU D 1149 -2.07 4.29 -15.42
C LEU D 1149 -1.00 4.51 -14.37
N ARG D 1150 0.30 4.38 -14.73
CA ARG D 1150 1.35 4.65 -13.75
C ARG D 1150 1.33 6.07 -13.19
N SER D 1151 1.63 7.07 -14.02
CA SER D 1151 1.73 8.43 -13.51
C SER D 1151 0.36 9.05 -13.28
N GLU D 1152 -0.65 8.63 -14.04
CA GLU D 1152 -1.97 9.19 -13.81
C GLU D 1152 -2.72 8.50 -12.67
N HIS D 1153 -2.16 7.43 -12.12
CA HIS D 1153 -2.58 6.95 -10.80
C HIS D 1153 -1.40 6.31 -10.10
N PRO D 1154 -0.78 7.01 -9.15
CA PRO D 1154 0.43 6.49 -8.52
C PRO D 1154 0.10 5.38 -7.56
N PRO D 1155 1.09 4.58 -7.15
CA PRO D 1155 0.85 3.55 -6.12
C PRO D 1155 0.58 4.17 -4.76
N LEU D 1156 0.15 3.32 -3.83
CA LEU D 1156 -0.37 3.82 -2.57
C LEU D 1156 0.75 4.30 -1.66
N CYS D 1157 1.78 3.49 -1.46
CA CYS D 1157 2.88 3.84 -0.57
C CYS D 1157 4.01 4.59 -1.28
N GLY D 1158 3.72 5.16 -2.45
CA GLY D 1158 4.66 6.04 -3.10
C GLY D 1158 5.89 5.38 -3.68
N ARG D 1159 5.87 4.07 -3.87
CA ARG D 1159 7.01 3.40 -4.47
C ARG D 1159 6.97 3.59 -5.99
N ASP D 1160 8.08 4.11 -6.53
CA ASP D 1160 8.21 4.28 -7.97
C ASP D 1160 8.20 2.91 -8.64
N HIS D 1161 7.12 2.61 -9.35
CA HIS D 1161 6.75 1.23 -9.66
C HIS D 1161 7.71 0.60 -10.65
N LEU D 1162 8.12 1.33 -11.67
CA LEU D 1162 9.15 0.85 -12.59
C LEU D 1162 10.48 0.68 -11.89
N SER D 1163 10.77 1.53 -10.92
CA SER D 1163 11.96 1.32 -10.10
C SER D 1163 11.74 0.27 -9.03
N PHE D 1164 10.55 -0.29 -8.91
CA PHE D 1164 10.33 -1.39 -7.99
C PHE D 1164 10.51 -2.73 -8.66
N ARG D 1165 9.92 -2.92 -9.83
CA ARG D 1165 10.21 -4.13 -10.56
C ARG D 1165 11.62 -4.10 -11.14
N SER D 1166 12.17 -2.92 -11.39
CA SER D 1166 13.50 -2.74 -11.96
C SER D 1166 14.57 -2.68 -10.89
N TYR D 1167 14.36 -3.43 -9.81
CA TYR D 1167 15.13 -3.30 -8.57
C TYR D 1167 16.58 -3.72 -8.76
N TYR D 1168 16.81 -5.00 -9.09
CA TYR D 1168 18.18 -5.44 -9.38
C TYR D 1168 18.51 -5.25 -10.85
N PHE D 1169 17.69 -5.77 -11.72
CA PHE D 1169 17.87 -5.86 -13.17
C PHE D 1169 17.01 -4.81 -13.85
N PRO D 1170 17.33 -4.40 -15.07
CA PRO D 1170 16.31 -3.79 -15.92
C PRO D 1170 15.27 -4.84 -16.30
N VAL D 1171 13.99 -4.47 -16.15
CA VAL D 1171 12.90 -5.37 -16.51
C VAL D 1171 12.84 -5.53 -18.02
N LYS D 1172 12.61 -6.76 -18.47
CA LYS D 1172 12.57 -7.02 -19.90
C LYS D 1172 11.28 -7.76 -20.22
N ASN D 1173 10.39 -7.10 -20.95
CA ASN D 1173 9.29 -7.70 -21.69
C ASN D 1173 8.21 -8.36 -20.84
N VAL D 1174 7.81 -7.74 -19.73
CA VAL D 1174 6.70 -8.25 -18.93
C VAL D 1174 5.70 -7.12 -18.74
N ILE D 1175 4.42 -7.46 -18.81
CA ILE D 1175 3.35 -6.55 -18.42
C ILE D 1175 2.86 -6.99 -17.05
N ASP D 1176 2.87 -6.05 -16.10
CA ASP D 1176 2.31 -6.32 -14.77
C ASP D 1176 0.81 -6.56 -14.88
N GLY D 1177 0.28 -7.33 -13.94
CA GLY D 1177 -1.15 -7.56 -13.95
C GLY D 1177 -1.96 -6.67 -13.02
N ASP D 1178 -1.59 -6.64 -11.75
CA ASP D 1178 -2.39 -5.97 -10.74
C ASP D 1178 -2.29 -4.45 -10.78
N LEU D 1179 -1.21 -3.91 -11.34
CA LEU D 1179 -1.18 -2.48 -11.62
C LEU D 1179 -2.22 -2.13 -12.66
N CYS D 1180 -2.32 -2.93 -13.72
CA CYS D 1180 -3.24 -2.65 -14.79
C CYS D 1180 -4.67 -3.07 -14.47
N GLU D 1181 -4.89 -3.76 -13.35
CA GLU D 1181 -6.25 -4.09 -12.94
C GLU D 1181 -6.75 -3.25 -11.78
N GLN D 1182 -6.43 -1.96 -11.76
CA GLN D 1182 -7.07 -1.04 -10.82
C GLN D 1182 -8.17 -0.21 -11.47
N PHE D 1183 -8.46 -0.47 -12.75
CA PHE D 1183 -9.59 0.16 -13.41
C PHE D 1183 -10.92 -0.30 -12.81
N ASN D 1184 -10.94 -1.45 -12.14
CA ASN D 1184 -12.13 -1.85 -11.38
C ASN D 1184 -12.24 -1.10 -10.06
N SER D 1185 -11.27 -0.24 -9.72
CA SER D 1185 -11.21 0.37 -8.40
C SER D 1185 -11.04 1.88 -8.39
N MET D 1186 -10.62 2.51 -9.49
CA MET D 1186 -10.38 3.95 -9.46
C MET D 1186 -11.69 4.74 -9.44
N GLU D 1187 -11.55 6.06 -9.36
CA GLU D 1187 -12.69 6.97 -9.30
C GLU D 1187 -13.36 7.08 -10.67
N PRO D 1188 -14.68 7.32 -10.70
CA PRO D 1188 -15.39 7.30 -11.99
C PRO D 1188 -15.02 8.45 -12.91
N ASN D 1189 -14.64 9.61 -12.38
CA ASN D 1189 -14.18 10.69 -13.23
C ASN D 1189 -12.86 10.34 -13.90
N LYS D 1190 -12.03 9.54 -13.24
CA LYS D 1190 -10.79 9.08 -13.87
C LYS D 1190 -11.04 7.89 -14.77
N GLN D 1191 -12.12 7.15 -14.54
CA GLN D 1191 -12.57 6.19 -15.54
C GLN D 1191 -12.98 6.89 -16.82
N LYS D 1192 -13.61 8.06 -16.68
CA LYS D 1192 -13.90 8.91 -17.82
C LYS D 1192 -12.61 9.46 -18.44
N ASN D 1193 -11.64 9.84 -17.59
CA ASN D 1193 -10.41 10.44 -18.08
C ASN D 1193 -9.56 9.45 -18.86
N VAL D 1194 -9.49 8.22 -18.39
CA VAL D 1194 -8.62 7.23 -19.02
C VAL D 1194 -9.36 6.49 -20.13
N SER D 1195 -10.60 6.09 -19.87
CA SER D 1195 -11.39 5.38 -20.89
C SER D 1195 -11.69 6.27 -22.07
N GLU D 1196 -11.96 7.55 -21.81
CA GLU D 1196 -12.07 8.51 -22.90
C GLU D 1196 -10.71 9.03 -23.36
N GLU D 1197 -9.66 8.84 -22.56
CA GLU D 1197 -8.32 9.21 -23.03
C GLU D 1197 -7.84 8.24 -24.11
N LEU D 1198 -8.22 6.97 -24.00
CA LEU D 1198 -7.93 5.99 -25.04
C LEU D 1198 -9.10 5.76 -25.98
N ASP D 1199 -10.19 6.53 -25.80
CA ASP D 1199 -11.41 6.48 -26.60
C ASP D 1199 -12.04 5.11 -26.59
N ARG D 1200 -12.50 4.66 -25.43
CA ARG D 1200 -13.09 3.33 -25.30
C ARG D 1200 -14.04 3.35 -24.11
N THR D 1201 -15.13 2.61 -24.23
CA THR D 1201 -16.05 2.72 -23.10
C THR D 1201 -15.67 1.76 -21.98
N PRO D 1202 -15.99 2.10 -20.73
CA PRO D 1202 -15.67 1.23 -19.58
C PRO D 1202 -16.31 -0.15 -19.63
N PRO D 1203 -17.52 -0.37 -20.20
CA PRO D 1203 -17.92 -1.78 -20.40
C PRO D 1203 -17.05 -2.53 -21.39
N GLU D 1204 -16.48 -1.84 -22.38
CA GLU D 1204 -15.56 -2.50 -23.30
C GLU D 1204 -14.24 -2.83 -22.61
N VAL D 1205 -13.75 -1.92 -21.77
CA VAL D 1205 -12.49 -2.15 -21.06
C VAL D 1205 -12.65 -3.29 -20.06
N SER D 1206 -13.70 -3.22 -19.22
CA SER D 1206 -13.90 -4.23 -18.19
C SER D 1206 -14.31 -5.58 -18.77
N LYS D 1207 -15.00 -5.58 -19.92
CA LYS D 1207 -15.27 -6.84 -20.59
C LYS D 1207 -13.99 -7.44 -21.15
N LYS D 1208 -13.09 -6.58 -21.68
CA LYS D 1208 -11.80 -7.07 -22.16
C LYS D 1208 -10.97 -7.66 -21.02
N LEU D 1209 -11.05 -7.09 -19.83
CA LEU D 1209 -10.31 -7.72 -18.75
C LEU D 1209 -11.04 -8.89 -18.10
N GLU D 1210 -12.34 -9.05 -18.34
CA GLU D 1210 -13.00 -10.31 -18.00
C GLU D 1210 -12.50 -11.45 -18.88
N ASP D 1211 -12.18 -11.14 -20.14
CA ASP D 1211 -11.88 -12.18 -21.12
C ASP D 1211 -10.60 -12.96 -20.80
N ILE D 1212 -9.61 -12.32 -20.16
CA ILE D 1212 -8.34 -13.00 -19.90
C ILE D 1212 -8.52 -14.07 -18.82
N ARG D 1213 -9.18 -13.71 -17.72
CA ARG D 1213 -9.36 -14.66 -16.62
C ARG D 1213 -10.33 -15.75 -16.98
N THR D 1214 -11.42 -15.41 -17.70
CA THR D 1214 -12.32 -16.47 -18.15
C THR D 1214 -11.66 -17.37 -19.18
N ARG D 1215 -10.69 -16.83 -19.94
CA ARG D 1215 -9.93 -17.65 -20.87
C ARG D 1215 -9.03 -18.63 -20.13
N TYR D 1216 -8.05 -18.13 -19.38
CA TYR D 1216 -7.07 -19.02 -18.78
C TYR D 1216 -7.51 -19.57 -17.44
N ALA D 1217 -7.74 -18.70 -16.47
CA ALA D 1217 -7.66 -19.06 -15.08
C ALA D 1217 -9.04 -19.43 -14.53
N PHE D 1218 -9.15 -19.47 -13.21
CA PHE D 1218 -10.41 -19.78 -12.54
C PHE D 1218 -11.25 -18.52 -12.52
N ASP D 1219 -11.98 -18.28 -13.60
CA ASP D 1219 -13.11 -17.37 -13.59
C ASP D 1219 -14.34 -18.16 -13.96
N TYR D 1220 -15.50 -17.74 -13.47
CA TYR D 1220 -16.66 -18.60 -13.50
C TYR D 1220 -17.82 -18.11 -14.35
N LYS D 1221 -17.74 -16.90 -14.91
CA LYS D 1221 -18.86 -16.29 -15.62
C LYS D 1221 -19.18 -17.05 -16.89
N ASP D 1222 -20.48 -17.16 -17.19
CA ASP D 1222 -21.03 -18.02 -18.25
C ASP D 1222 -21.43 -17.15 -19.45
N ASP D 1223 -20.42 -16.81 -20.24
CA ASP D 1223 -20.57 -16.02 -21.47
C ASP D 1223 -21.27 -14.69 -21.29
#